data_8J6M
#
_entry.id   8J6M
#
_cell.length_a   1.00
_cell.length_b   1.00
_cell.length_c   1.00
_cell.angle_alpha   90.00
_cell.angle_beta   90.00
_cell.angle_gamma   90.00
#
_symmetry.space_group_name_H-M   'P 1'
#
loop_
_entity.id
_entity.type
_entity.pdbx_description
1 polymer 'Green fluorescent protein,SID1 transmembrane family member 1'
2 non-polymer CHOLESTEROL
3 non-polymer 'ZINC ION'
4 non-polymer 'SODIUM ION'
5 non-polymer 'OLEIC ACID'
6 water water
#
_entity_poly.entity_id   1
_entity_poly.type   'polypeptide(L)'
_entity_poly.pdbx_seq_one_letter_code
;MYRMQLLSCIALSLALVTNSWSHPQFEKGGGSGGGSGGSAWSHPQFEKSKGEELFTGVVPILVELDGDVNGHKFSVRGEG
EGDATNGKLTLKFICTTGKLPVPWPTLVTTLTYGVQCFSRYPDHMKRHDFFKSAMPEGYVQERTISFKDDGTYKTRAEVK
FEGDTLVNRIELKGIDFKEDGNILGHKLEYNFNSHNVYITADKQKNGIKANFKIRHNVEDGSVQLADHYQQNTPIGDGPV
LLPDNHYLSTQSVLSKDPNEKRDHMVLLEFVTAAGITHGMDELEVLFQGPASPGHPAKSPRQPPAPRRDPFDAARGADFD
HVYSGVVNLSTENIYSFNYTSQPDQVTAVRVYVNSSSENLNYPVLVVVRQQKEVLSWQVPLLFQGLYQRSYNYQEVSRTL
CPSEATNETGPLQQLIFVDVASMAPLGAQYKLLVTKLKHFQLRTNVAFHFTASPSQPQYFLYKFPKDVDSVIIKVVSEMA
YPCSVVSVQNIMCPVYDLDHNVEFNGVYQSMTKKAAITLQKKDFPGEQFFVVFVIKPEDYACGGSFFIQEKENQTWNLQR
KKNLEVTIVPSIKESVYVKSSLFSVFIFLSFYLGCLLVGFVHYLRFQRKSIDGSFGSNDGSGNMVASHPIAASTPEGSNY
GTIDESSSSPGRQMSSSDGGPPGQSDTDSSVEESDFDTMPDIESDKNIIRTKMFLYLSDLSRKDRRIVSKKYKIYFWNII
TIAVFYALPVIQLVITYQTVVNVTGNQDICYYNFLCAHPLGVLSAFNNILSNLGHVLLGFLFLLIVLRRDILHRRALEAK
DIFAVEYGIPKHFGLFYAMGIALMMEGVLSACYHVCPNYSNFQFDTSFMYMIAGLCMLKLYQTRHPDINASAYSAYASFA
VVIMVTVLGVVFGKNDVWFWVIFSAIHVLASLALSTQIYYMGRFKIDLGIFRRAAMVFYTDCIQQCSRPLYMDRMVLLVV
GNLVNWSFALFGLIYRPRDFASYMLGIFICNLLLYLAFYIIMKLRSSEKVLPVPLFCIVATAVMWAAALYFFFQNLSSWE
GTPAESREKNRECILLDFFDDHDIWHFLSATALFFSFLVLLTLDDDLDVVRRDQIPVF
;
_entity_poly.pdbx_strand_id   B,A
#
# COMPACT_ATOMS: atom_id res chain seq x y z
N ARG A 315 -13.41 -47.96 -24.98
CA ARG A 315 -14.61 -48.68 -24.55
C ARG A 315 -15.80 -47.73 -24.42
N GLY A 316 -16.88 -48.06 -25.13
CA GLY A 316 -18.09 -47.27 -25.00
C GLY A 316 -18.64 -47.32 -23.58
N ALA A 317 -18.95 -46.16 -23.04
CA ALA A 317 -19.37 -46.03 -21.65
C ALA A 317 -20.59 -45.13 -21.57
N ASP A 318 -21.31 -45.25 -20.46
CA ASP A 318 -22.57 -44.55 -20.25
C ASP A 318 -22.40 -43.46 -19.20
N PHE A 319 -23.13 -42.36 -19.40
CA PHE A 319 -23.17 -41.30 -18.42
C PHE A 319 -23.99 -41.71 -17.20
N ASP A 320 -23.72 -41.05 -16.06
CA ASP A 320 -24.41 -41.31 -14.81
C ASP A 320 -24.30 -42.77 -14.38
N HIS A 321 -23.28 -43.47 -14.89
CA HIS A 321 -23.02 -44.86 -14.55
C HIS A 321 -21.68 -44.92 -13.83
N VAL A 322 -21.67 -45.56 -12.66
CA VAL A 322 -20.46 -45.69 -11.87
C VAL A 322 -19.68 -46.90 -12.36
N TYR A 323 -18.40 -46.68 -12.68
CA TYR A 323 -17.52 -47.74 -13.15
C TYR A 323 -16.46 -48.06 -12.12
N SER A 324 -16.29 -49.34 -11.84
CA SER A 324 -15.25 -49.82 -10.94
C SER A 324 -14.17 -50.51 -11.77
N GLY A 325 -12.95 -50.52 -11.24
CA GLY A 325 -11.86 -51.15 -11.95
C GLY A 325 -10.61 -51.19 -11.09
N VAL A 326 -9.70 -52.07 -11.47
CA VAL A 326 -8.41 -52.22 -10.81
C VAL A 326 -7.32 -51.97 -11.85
N VAL A 327 -6.43 -51.03 -11.56
CA VAL A 327 -5.35 -50.67 -12.48
C VAL A 327 -4.02 -51.01 -11.82
N ASN A 328 -3.20 -51.77 -12.53
CA ASN A 328 -1.83 -52.06 -12.14
C ASN A 328 -0.91 -51.58 -13.26
N LEU A 329 0.37 -51.95 -13.21
CA LEU A 329 1.28 -51.49 -14.25
C LEU A 329 0.78 -52.00 -15.59
N SER A 330 0.40 -53.26 -15.63
CA SER A 330 -0.08 -53.87 -16.86
C SER A 330 -1.37 -53.33 -17.46
N THR A 331 -2.38 -53.06 -16.64
CA THR A 331 -3.68 -52.67 -17.17
C THR A 331 -4.04 -51.24 -16.97
N GLU A 332 -4.51 -50.59 -18.03
CA GLU A 332 -4.96 -49.23 -17.94
C GLU A 332 -6.36 -49.40 -18.44
N ASN A 333 -7.29 -48.65 -17.88
CA ASN A 333 -8.66 -48.77 -18.29
C ASN A 333 -9.10 -47.51 -18.98
N ILE A 334 -9.64 -47.64 -20.19
CA ILE A 334 -10.03 -46.48 -20.97
C ILE A 334 -11.51 -46.47 -21.24
N TYR A 335 -12.13 -45.29 -21.17
CA TYR A 335 -13.56 -45.16 -21.35
C TYR A 335 -13.82 -44.07 -22.35
N SER A 336 -14.83 -44.26 -23.18
CA SER A 336 -15.18 -43.29 -24.21
C SER A 336 -16.62 -42.86 -24.04
N PHE A 337 -16.83 -41.57 -23.82
CA PHE A 337 -18.15 -40.98 -23.67
C PHE A 337 -18.40 -40.04 -24.84
N ASN A 338 -19.47 -40.30 -25.58
CA ASN A 338 -19.87 -39.46 -26.70
C ASN A 338 -21.23 -38.84 -26.41
N TYR A 339 -21.36 -37.55 -26.68
CA TYR A 339 -22.61 -36.83 -26.47
C TYR A 339 -22.76 -35.79 -27.56
N THR A 340 -23.98 -35.31 -27.75
CA THR A 340 -24.28 -34.28 -28.73
C THR A 340 -24.69 -33.00 -28.00
N SER A 341 -24.06 -31.89 -28.38
CA SER A 341 -24.41 -30.58 -27.84
C SER A 341 -25.24 -29.83 -28.88
N GLN A 342 -26.48 -29.51 -28.52
CA GLN A 342 -27.35 -28.79 -29.43
C GLN A 342 -27.01 -27.31 -29.45
N PRO A 343 -27.29 -26.61 -30.58
CA PRO A 343 -26.86 -25.21 -30.59
C PRO A 343 -27.59 -24.36 -29.56
N ASP A 344 -26.94 -23.31 -29.09
CA ASP A 344 -27.53 -22.45 -28.08
C ASP A 344 -27.89 -23.27 -26.86
N GLN A 345 -27.04 -24.24 -26.54
CA GLN A 345 -27.27 -25.09 -25.38
C GLN A 345 -25.90 -25.53 -24.89
N VAL A 346 -25.63 -25.32 -23.62
CA VAL A 346 -24.32 -25.61 -23.05
C VAL A 346 -24.43 -26.82 -22.15
N THR A 347 -23.60 -27.82 -22.40
CA THR A 347 -23.60 -29.02 -21.57
C THR A 347 -22.25 -29.13 -20.89
N ALA A 348 -22.23 -29.36 -19.60
CA ALA A 348 -20.98 -29.58 -18.94
C ALA A 348 -20.91 -30.96 -18.39
N VAL A 349 -19.75 -31.57 -18.49
CA VAL A 349 -19.57 -32.92 -18.05
C VAL A 349 -18.71 -32.90 -16.82
N ARG A 350 -19.14 -33.55 -15.75
CA ARG A 350 -18.33 -33.64 -14.57
C ARG A 350 -17.79 -35.04 -14.42
N VAL A 351 -16.50 -35.15 -14.20
CA VAL A 351 -15.90 -36.45 -14.07
C VAL A 351 -15.55 -36.68 -12.62
N TYR A 352 -16.02 -37.76 -12.02
CA TYR A 352 -15.75 -38.04 -10.62
CA TYR A 352 -15.85 -38.02 -10.64
C TYR A 352 -14.94 -39.29 -10.53
N VAL A 353 -13.82 -39.25 -9.81
CA VAL A 353 -13.04 -40.46 -9.58
C VAL A 353 -12.70 -40.58 -8.13
N ASN A 354 -12.98 -41.73 -7.53
CA ASN A 354 -12.55 -41.94 -6.16
C ASN A 354 -11.78 -43.22 -5.99
N SER A 355 -10.62 -43.13 -5.36
CA SER A 355 -9.81 -44.29 -5.12
C SER A 355 -9.58 -44.47 -3.65
N SER A 356 -9.89 -45.64 -3.13
CA SER A 356 -9.63 -45.93 -1.72
C SER A 356 -8.38 -46.75 -1.62
N SER A 357 -7.23 -46.15 -1.91
CA SER A 357 -6.00 -46.94 -1.93
C SER A 357 -5.04 -46.43 -0.89
N GLU A 358 -4.54 -47.35 -0.08
CA GLU A 358 -3.61 -46.97 0.97
C GLU A 358 -2.31 -46.42 0.41
N ASN A 359 -1.81 -46.99 -0.68
CA ASN A 359 -0.53 -46.53 -1.19
C ASN A 359 -0.66 -45.22 -1.92
N LEU A 360 0.07 -44.21 -1.45
CA LEU A 360 0.05 -42.92 -2.11
C LEU A 360 1.33 -42.87 -2.89
N ASN A 361 2.14 -43.92 -2.79
CA ASN A 361 3.38 -43.98 -3.54
C ASN A 361 2.98 -44.38 -4.92
N TYR A 362 1.85 -45.07 -5.03
CA TYR A 362 1.33 -45.45 -6.31
C TYR A 362 -0.09 -44.95 -6.47
N PRO A 363 -0.25 -43.67 -6.82
CA PRO A 363 -1.59 -43.10 -7.02
C PRO A 363 -2.30 -43.52 -8.29
N VAL A 364 -3.61 -43.36 -8.34
CA VAL A 364 -4.36 -43.63 -9.56
C VAL A 364 -4.29 -42.36 -10.37
N LEU A 365 -3.86 -42.45 -11.61
CA LEU A 365 -3.68 -41.30 -12.48
C LEU A 365 -4.82 -41.25 -13.49
N VAL A 366 -5.53 -40.14 -13.53
CA VAL A 366 -6.71 -39.97 -14.36
C VAL A 366 -6.40 -38.96 -15.46
N VAL A 367 -6.64 -39.34 -16.70
CA VAL A 367 -6.46 -38.46 -17.85
C VAL A 367 -7.78 -38.36 -18.58
N VAL A 368 -8.29 -37.16 -18.77
CA VAL A 368 -9.52 -36.95 -19.50
C VAL A 368 -9.17 -36.13 -20.73
N ARG A 369 -9.16 -36.77 -21.88
CA ARG A 369 -8.82 -36.09 -23.10
C ARG A 369 -10.01 -35.77 -23.99
N GLN A 370 -10.09 -34.53 -24.46
CA GLN A 370 -11.17 -34.12 -25.33
C GLN A 370 -10.52 -33.57 -26.61
N GLN A 371 -11.33 -33.08 -27.56
CA GLN A 371 -10.79 -32.52 -28.78
C GLN A 371 -9.78 -31.40 -28.51
N LYS A 372 -10.22 -30.33 -27.87
CA LYS A 372 -9.39 -29.14 -27.75
C LYS A 372 -8.29 -29.31 -26.72
N GLU A 373 -8.60 -29.87 -25.56
CA GLU A 373 -7.67 -29.91 -24.45
C GLU A 373 -7.65 -31.29 -23.81
N VAL A 374 -6.62 -31.52 -23.01
CA VAL A 374 -6.47 -32.75 -22.22
C VAL A 374 -6.35 -32.35 -20.76
N LEU A 375 -7.07 -33.06 -19.90
CA LEU A 375 -7.10 -32.80 -18.46
C LEU A 375 -6.59 -34.03 -17.74
N SER A 376 -5.68 -33.83 -16.79
CA SER A 376 -5.12 -34.94 -16.02
C SER A 376 -5.00 -34.56 -14.55
N TRP A 377 -5.09 -35.56 -13.67
CA TRP A 377 -4.93 -35.38 -12.23
C TRP A 377 -4.61 -36.71 -11.63
N GLN A 378 -4.39 -36.75 -10.32
CA GLN A 378 -4.10 -37.98 -9.62
C GLN A 378 -5.03 -38.16 -8.44
N VAL A 379 -5.36 -39.40 -8.12
CA VAL A 379 -6.21 -39.68 -6.96
C VAL A 379 -5.45 -40.69 -6.06
N PRO A 380 -5.19 -40.40 -4.72
CA PRO A 380 -5.70 -39.26 -3.94
C PRO A 380 -5.03 -37.94 -4.26
N LEU A 381 -5.79 -36.85 -4.25
CA LEU A 381 -5.23 -35.53 -4.47
C LEU A 381 -4.54 -35.05 -3.21
N LEU A 382 -3.28 -34.65 -3.34
CA LEU A 382 -2.46 -34.25 -2.21
C LEU A 382 -2.31 -32.74 -2.19
N PHE A 383 -2.43 -32.16 -1.00
CA PHE A 383 -2.25 -30.73 -0.79
C PHE A 383 -1.10 -30.52 0.18
N GLN A 384 -0.21 -29.60 -0.13
CA GLN A 384 0.83 -29.21 0.81
C GLN A 384 0.33 -28.08 1.69
N GLY A 385 0.32 -28.32 3.00
CA GLY A 385 -0.21 -27.37 3.94
C GLY A 385 0.90 -26.56 4.58
N LEU A 386 0.50 -25.45 5.20
CA LEU A 386 1.44 -24.63 5.95
C LEU A 386 1.97 -25.42 7.14
N TYR A 387 3.24 -25.19 7.47
CA TYR A 387 3.92 -25.87 8.57
C TYR A 387 3.99 -27.37 8.31
N GLN A 388 4.22 -27.74 7.05
CA GLN A 388 4.41 -29.13 6.63
C GLN A 388 3.21 -30.01 6.97
N ARG A 389 2.02 -29.51 6.73
CA ARG A 389 0.87 -30.37 6.91
C ARG A 389 0.55 -31.02 5.59
N SER A 390 0.10 -32.25 5.62
CA SER A 390 -0.19 -33.04 4.43
C SER A 390 -1.67 -33.42 4.44
N TYR A 391 -2.33 -33.21 3.32
CA TYR A 391 -3.75 -33.55 3.15
C TYR A 391 -3.92 -34.38 1.89
N ASN A 392 -4.76 -35.40 1.97
CA ASN A 392 -5.02 -36.30 0.85
C ASN A 392 -6.52 -36.53 0.73
N TYR A 393 -7.02 -36.56 -0.50
CA TYR A 393 -8.44 -36.60 -0.78
C TYR A 393 -8.75 -37.73 -1.76
N GLN A 394 -9.40 -38.75 -1.28
CA GLN A 394 -9.69 -39.90 -2.11
C GLN A 394 -10.72 -39.65 -3.19
N GLU A 395 -11.55 -38.64 -3.06
CA GLU A 395 -12.54 -38.32 -4.07
C GLU A 395 -12.23 -37.04 -4.81
N VAL A 396 -12.01 -37.13 -6.12
CA VAL A 396 -11.67 -35.95 -6.91
C VAL A 396 -12.62 -35.76 -8.08
N SER A 397 -13.24 -34.60 -8.18
CA SER A 397 -14.21 -34.33 -9.24
C SER A 397 -13.98 -33.05 -10.02
N ARG A 398 -14.05 -33.12 -11.34
CA ARG A 398 -13.78 -31.97 -12.19
C ARG A 398 -14.80 -31.76 -13.29
N THR A 399 -15.10 -30.51 -13.62
CA THR A 399 -16.04 -30.19 -14.68
C THR A 399 -15.19 -29.88 -15.88
N LEU A 400 -15.56 -30.44 -17.02
CA LEU A 400 -14.77 -30.28 -18.22
C LEU A 400 -15.20 -29.06 -18.97
N CYS A 401 -14.25 -28.29 -19.49
CA CYS A 401 -14.54 -27.03 -20.17
C CYS A 401 -15.60 -27.23 -21.24
N PRO A 402 -16.78 -26.64 -21.10
CA PRO A 402 -17.84 -26.83 -22.10
C PRO A 402 -17.49 -26.17 -23.42
N SER A 403 -17.98 -26.77 -24.50
CA SER A 403 -17.93 -26.18 -25.82
C SER A 403 -19.35 -25.82 -26.22
N GLU A 404 -19.56 -24.54 -26.55
CA GLU A 404 -20.88 -24.03 -26.87
C GLU A 404 -21.05 -24.00 -28.39
N ALA A 405 -22.05 -24.74 -28.86
CA ALA A 405 -22.31 -24.82 -30.29
C ALA A 405 -23.15 -23.64 -30.74
N THR A 406 -22.64 -22.86 -31.68
CA THR A 406 -23.42 -21.76 -32.22
C THR A 406 -24.42 -22.36 -33.20
N ASN A 407 -25.42 -21.58 -33.59
CA ASN A 407 -26.44 -22.09 -34.50
C ASN A 407 -25.80 -22.50 -35.81
N GLU A 408 -24.82 -21.72 -36.28
CA GLU A 408 -24.18 -22.02 -37.55
C GLU A 408 -23.45 -23.35 -37.54
N THR A 409 -22.74 -23.64 -36.45
CA THR A 409 -22.03 -24.91 -36.34
C THR A 409 -23.01 -26.09 -36.33
N GLY A 410 -24.15 -25.89 -35.67
CA GLY A 410 -25.16 -26.93 -35.63
C GLY A 410 -24.90 -27.87 -34.48
N PRO A 411 -25.62 -29.00 -34.44
CA PRO A 411 -25.39 -29.97 -33.39
C PRO A 411 -23.96 -30.48 -33.49
N LEU A 412 -23.25 -30.54 -32.38
CA LEU A 412 -21.88 -30.99 -32.41
C LEU A 412 -21.74 -32.29 -31.66
N GLN A 413 -21.19 -33.30 -32.31
CA GLN A 413 -20.99 -34.58 -31.65
C GLN A 413 -19.61 -34.57 -31.04
N GLN A 414 -19.54 -34.65 -29.72
CA GLN A 414 -18.28 -34.58 -29.01
C GLN A 414 -17.99 -35.89 -28.31
N LEU A 415 -16.71 -36.23 -28.22
CA LEU A 415 -16.24 -37.49 -27.64
C LEU A 415 -15.22 -37.20 -26.55
N ILE A 416 -15.41 -37.81 -25.38
CA ILE A 416 -14.50 -37.67 -24.25
C ILE A 416 -13.84 -39.02 -24.01
N PHE A 417 -12.54 -39.01 -23.77
CA PHE A 417 -11.81 -40.18 -23.36
C PHE A 417 -11.32 -40.00 -21.93
N VAL A 418 -11.70 -40.93 -21.06
CA VAL A 418 -11.23 -40.95 -19.68
C VAL A 418 -10.31 -42.16 -19.52
N ASP A 419 -9.02 -41.91 -19.44
CA ASP A 419 -8.01 -42.95 -19.28
C ASP A 419 -7.60 -43.02 -17.83
N VAL A 420 -7.67 -44.22 -17.24
CA VAL A 420 -7.30 -44.44 -15.85
C VAL A 420 -6.13 -45.40 -15.81
N ALA A 421 -5.06 -45.00 -15.11
CA ALA A 421 -3.85 -45.81 -15.06
C ALA A 421 -3.21 -45.69 -13.69
N SER A 422 -2.39 -46.67 -13.36
CA SER A 422 -1.59 -46.66 -12.14
C SER A 422 -0.34 -47.49 -12.38
N MET A 423 0.73 -47.14 -11.67
CA MET A 423 1.98 -47.88 -11.72
C MET A 423 2.15 -48.80 -10.53
N ALA A 424 1.08 -49.04 -9.78
CA ALA A 424 1.16 -49.92 -8.62
C ALA A 424 1.47 -51.35 -9.06
N PRO A 425 2.31 -52.07 -8.31
CA PRO A 425 2.58 -53.47 -8.68
C PRO A 425 1.38 -54.37 -8.44
N LEU A 426 0.69 -54.16 -7.33
CA LEU A 426 -0.55 -54.87 -7.07
C LEU A 426 -1.51 -53.82 -7.55
N GLY A 427 -2.65 -54.19 -8.09
CA GLY A 427 -3.53 -53.22 -8.72
C GLY A 427 -4.17 -52.28 -7.71
N ALA A 428 -4.43 -51.05 -8.13
CA ALA A 428 -5.09 -50.04 -7.29
C ALA A 428 -6.51 -49.80 -7.76
N GLN A 429 -7.49 -49.99 -6.89
CA GLN A 429 -8.88 -49.79 -7.23
C GLN A 429 -9.33 -48.35 -7.37
N TYR A 430 -10.34 -48.11 -8.18
CA TYR A 430 -10.88 -46.77 -8.40
C TYR A 430 -12.34 -46.89 -8.72
N LYS A 431 -13.08 -45.79 -8.62
CA LYS A 431 -14.48 -45.76 -9.04
C LYS A 431 -14.68 -44.53 -9.91
N LEU A 432 -15.33 -44.65 -11.05
CA LEU A 432 -15.53 -43.53 -11.97
C LEU A 432 -16.96 -43.22 -12.28
N LEU A 433 -17.38 -41.98 -12.13
CA LEU A 433 -18.70 -41.59 -12.57
C LEU A 433 -18.55 -40.38 -13.44
N VAL A 434 -19.02 -40.46 -14.66
CA VAL A 434 -19.02 -39.29 -15.53
C VAL A 434 -20.47 -38.90 -15.73
N THR A 435 -20.80 -37.64 -15.49
CA THR A 435 -22.17 -37.17 -15.58
C THR A 435 -22.27 -35.88 -16.35
N LYS A 436 -23.46 -35.57 -16.86
CA LYS A 436 -23.68 -34.29 -17.52
C LYS A 436 -24.38 -33.39 -16.53
N LEU A 437 -23.94 -32.15 -16.41
CA LEU A 437 -24.47 -31.20 -15.43
C LEU A 437 -25.73 -30.56 -16.00
N LYS A 438 -26.89 -30.88 -15.41
CA LYS A 438 -28.15 -30.34 -15.91
C LYS A 438 -28.37 -28.90 -15.48
N HIS A 439 -27.66 -28.46 -14.43
CA HIS A 439 -27.79 -27.11 -13.91
C HIS A 439 -26.48 -26.34 -13.97
N PHE A 440 -25.77 -26.45 -15.11
CA PHE A 440 -24.53 -25.71 -15.29
C PHE A 440 -24.80 -24.22 -15.46
N GLN A 441 -25.86 -23.87 -16.16
CA GLN A 441 -26.16 -22.47 -16.44
C GLN A 441 -26.92 -21.84 -15.27
N LEU A 442 -26.41 -20.72 -14.79
CA LEU A 442 -27.01 -19.99 -13.68
C LEU A 442 -28.00 -18.97 -14.22
N ARG A 443 -29.17 -18.89 -13.58
CA ARG A 443 -30.24 -18.00 -14.00
C ARG A 443 -30.30 -16.79 -13.08
N THR A 444 -30.88 -15.71 -13.60
CA THR A 444 -30.96 -14.46 -12.85
C THR A 444 -32.03 -14.52 -11.78
N ASN A 445 -31.71 -13.98 -10.60
CA ASN A 445 -32.64 -13.91 -9.46
C ASN A 445 -33.09 -15.29 -9.01
N VAL A 446 -32.29 -16.32 -9.27
CA VAL A 446 -32.58 -17.68 -8.85
C VAL A 446 -31.43 -18.16 -7.97
N ALA A 447 -31.76 -18.64 -6.77
CA ALA A 447 -30.75 -19.12 -5.84
C ALA A 447 -30.44 -20.58 -6.14
N PHE A 448 -29.15 -20.88 -6.26
CA PHE A 448 -28.72 -22.24 -6.56
C PHE A 448 -27.84 -22.74 -5.46
N HIS A 449 -28.15 -23.91 -4.94
CA HIS A 449 -27.38 -24.47 -3.87
C HIS A 449 -26.51 -25.59 -4.38
N PHE A 450 -25.24 -25.59 -4.00
CA PHE A 450 -24.33 -26.63 -4.41
C PHE A 450 -23.33 -26.96 -3.32
N THR A 451 -22.42 -27.89 -3.59
CA THR A 451 -21.38 -28.23 -2.63
C THR A 451 -20.04 -28.31 -3.35
N ALA A 452 -18.99 -27.84 -2.67
CA ALA A 452 -17.64 -27.88 -3.21
C ALA A 452 -16.68 -28.37 -2.13
N SER A 453 -15.58 -28.97 -2.58
CA SER A 453 -14.57 -29.57 -1.73
C SER A 453 -13.20 -29.11 -2.22
N PRO A 454 -12.14 -29.20 -1.42
CA PRO A 454 -10.81 -28.85 -1.94
C PRO A 454 -10.42 -29.66 -3.16
N SER A 455 -10.81 -30.93 -3.23
CA SER A 455 -10.52 -31.76 -4.39
C SER A 455 -11.65 -31.77 -5.40
N GLN A 456 -12.78 -31.12 -5.13
CA GLN A 456 -13.93 -31.12 -6.02
C GLN A 456 -14.40 -29.69 -6.27
N PRO A 457 -13.65 -28.93 -7.07
CA PRO A 457 -14.07 -27.56 -7.39
C PRO A 457 -15.24 -27.56 -8.36
N GLN A 458 -16.05 -26.50 -8.28
CA GLN A 458 -17.21 -26.33 -9.13
C GLN A 458 -17.18 -24.96 -9.78
N TYR A 459 -17.66 -24.87 -11.01
CA TYR A 459 -17.91 -23.61 -11.67
C TYR A 459 -19.15 -23.71 -12.54
N PHE A 460 -19.77 -22.57 -12.79
CA PHE A 460 -21.04 -22.49 -13.48
C PHE A 460 -21.00 -21.35 -14.49
N LEU A 461 -21.97 -21.35 -15.40
CA LEU A 461 -22.05 -20.39 -16.48
C LEU A 461 -23.19 -19.41 -16.25
N TYR A 462 -22.94 -18.14 -16.50
CA TYR A 462 -23.98 -17.11 -16.53
C TYR A 462 -23.86 -16.30 -17.81
N LYS A 463 -24.99 -16.08 -18.47
CA LYS A 463 -25.06 -15.24 -19.66
C LYS A 463 -25.83 -13.98 -19.33
N PHE A 464 -25.24 -12.83 -19.63
CA PHE A 464 -25.89 -11.55 -19.33
C PHE A 464 -27.16 -11.39 -20.15
N PRO A 465 -28.29 -11.08 -19.52
CA PRO A 465 -29.50 -10.75 -20.27
C PRO A 465 -29.32 -9.43 -21.01
N LYS A 466 -30.14 -9.25 -22.05
CA LYS A 466 -30.03 -8.05 -22.87
C LYS A 466 -30.35 -6.79 -22.07
N ASP A 467 -31.39 -6.85 -21.23
CA ASP A 467 -31.77 -5.68 -20.46
C ASP A 467 -30.80 -5.42 -19.30
N VAL A 468 -30.26 -6.49 -18.72
CA VAL A 468 -29.35 -6.36 -17.58
C VAL A 468 -27.96 -5.98 -18.09
N ASP A 469 -27.42 -4.88 -17.59
CA ASP A 469 -26.09 -4.43 -17.97
C ASP A 469 -25.05 -4.65 -16.87
N SER A 470 -25.45 -5.15 -15.71
CA SER A 470 -24.53 -5.42 -14.62
C SER A 470 -25.22 -6.32 -13.60
N VAL A 471 -24.45 -7.20 -12.98
CA VAL A 471 -24.97 -8.16 -12.01
C VAL A 471 -24.08 -8.18 -10.78
N ILE A 472 -24.63 -8.67 -9.68
CA ILE A 472 -23.89 -8.91 -8.45
C ILE A 472 -23.96 -10.39 -8.13
N ILE A 473 -22.82 -10.99 -7.82
CA ILE A 473 -22.74 -12.41 -7.47
C ILE A 473 -22.69 -12.53 -5.96
N LYS A 474 -23.79 -12.96 -5.36
CA LYS A 474 -23.88 -13.12 -3.92
C LYS A 474 -23.83 -14.59 -3.56
N VAL A 475 -22.78 -14.97 -2.85
CA VAL A 475 -22.58 -16.36 -2.39
C VAL A 475 -22.72 -16.37 -0.88
N VAL A 476 -23.53 -17.30 -0.37
CA VAL A 476 -23.80 -17.41 1.05
C VAL A 476 -23.44 -18.82 1.51
N SER A 477 -22.88 -18.92 2.70
CA SER A 477 -22.61 -20.20 3.35
C SER A 477 -23.11 -20.14 4.79
N GLU A 478 -23.58 -21.28 5.28
CA GLU A 478 -24.10 -21.34 6.63
C GLU A 478 -22.97 -21.30 7.65
N MET A 479 -21.83 -21.92 7.33
CA MET A 479 -20.70 -22.04 8.24
C MET A 479 -19.52 -21.27 7.68
N ALA A 480 -18.62 -20.85 8.58
CA ALA A 480 -17.47 -20.05 8.15
C ALA A 480 -16.42 -20.90 7.46
N TYR A 481 -16.21 -22.13 7.93
CA TYR A 481 -15.17 -22.97 7.37
C TYR A 481 -15.76 -24.27 6.83
N PRO A 482 -15.14 -24.88 5.81
CA PRO A 482 -13.88 -24.50 5.14
C PRO A 482 -14.04 -23.20 4.38
N CYS A 483 -12.98 -22.43 4.13
CA CYS A 483 -13.16 -21.17 3.45
C CYS A 483 -12.82 -21.30 1.97
N SER A 484 -13.47 -20.49 1.15
CA SER A 484 -13.48 -20.70 -0.29
C SER A 484 -12.90 -19.50 -1.00
N VAL A 485 -12.79 -19.62 -2.32
CA VAL A 485 -12.44 -18.52 -3.20
C VAL A 485 -13.45 -18.53 -4.34
N VAL A 486 -14.13 -17.40 -4.53
CA VAL A 486 -15.11 -17.24 -5.60
C VAL A 486 -14.46 -16.41 -6.69
N SER A 487 -14.27 -17.00 -7.86
CA SER A 487 -13.57 -16.37 -8.96
C SER A 487 -14.48 -16.25 -10.17
N VAL A 488 -14.40 -15.11 -10.85
CA VAL A 488 -15.16 -14.85 -12.06
C VAL A 488 -14.19 -14.79 -13.23
N GLN A 489 -14.44 -15.62 -14.24
CA GLN A 489 -13.54 -15.76 -15.37
C GLN A 489 -14.33 -15.75 -16.66
N ASN A 490 -13.67 -15.32 -17.73
CA ASN A 490 -14.30 -15.28 -19.04
C ASN A 490 -14.50 -16.69 -19.58
N ILE A 491 -15.31 -16.79 -20.64
CA ILE A 491 -15.64 -18.08 -21.22
C ILE A 491 -14.58 -18.46 -22.23
N MET A 492 -13.48 -19.04 -21.74
CA MET A 492 -12.38 -19.49 -22.56
C MET A 492 -11.68 -20.64 -21.85
N CYS A 493 -11.27 -21.63 -22.61
CA CYS A 493 -10.58 -22.71 -21.95
C CYS A 493 -9.09 -22.43 -21.91
N PRO A 494 -8.40 -22.87 -20.85
CA PRO A 494 -8.89 -23.63 -19.70
C PRO A 494 -9.59 -22.78 -18.66
N VAL A 495 -10.35 -23.41 -17.77
CA VAL A 495 -10.89 -22.75 -16.58
C VAL A 495 -9.97 -23.05 -15.43
N TYR A 496 -9.54 -22.01 -14.72
CA TYR A 496 -8.62 -22.16 -13.60
C TYR A 496 -9.41 -22.41 -12.32
N ASP A 497 -9.62 -23.68 -12.00
CA ASP A 497 -10.45 -24.09 -10.87
C ASP A 497 -9.64 -24.77 -9.77
N LEU A 498 -8.32 -24.64 -9.81
CA LEU A 498 -7.46 -25.18 -8.77
C LEU A 498 -6.88 -24.03 -7.95
N ASP A 499 -6.54 -24.33 -6.70
CA ASP A 499 -6.07 -23.28 -5.80
C ASP A 499 -4.74 -22.69 -6.25
N HIS A 500 -4.03 -23.41 -7.13
CA HIS A 500 -2.73 -22.94 -7.56
C HIS A 500 -2.80 -22.10 -8.83
N ASN A 501 -3.99 -21.96 -9.42
CA ASN A 501 -4.17 -21.10 -10.58
C ASN A 501 -5.46 -20.31 -10.57
N VAL A 502 -6.28 -20.42 -9.51
CA VAL A 502 -7.59 -19.77 -9.52
C VAL A 502 -7.44 -18.25 -9.51
N GLU A 503 -6.40 -17.74 -8.84
CA GLU A 503 -6.20 -16.30 -8.73
C GLU A 503 -5.41 -15.72 -9.91
N PHE A 504 -5.12 -16.53 -10.92
CA PHE A 504 -4.34 -16.04 -12.05
C PHE A 504 -5.13 -15.07 -12.92
N ASN A 505 -6.38 -15.39 -13.22
CA ASN A 505 -7.19 -14.65 -14.18
C ASN A 505 -8.51 -14.24 -13.57
N GLY A 506 -8.99 -13.06 -13.93
CA GLY A 506 -10.32 -12.62 -13.55
C GLY A 506 -10.40 -12.08 -12.14
N VAL A 507 -11.63 -11.73 -11.75
CA VAL A 507 -11.91 -11.24 -10.42
C VAL A 507 -12.06 -12.42 -9.46
N TYR A 508 -11.67 -12.21 -8.20
CA TYR A 508 -11.87 -13.24 -7.19
C TYR A 508 -11.99 -12.62 -5.81
N GLN A 509 -12.69 -13.31 -4.91
CA GLN A 509 -12.84 -12.91 -3.52
C GLN A 509 -12.62 -14.11 -2.63
N SER A 510 -12.03 -13.90 -1.47
CA SER A 510 -12.02 -14.92 -0.43
C SER A 510 -13.33 -14.90 0.33
N MET A 511 -13.76 -16.07 0.78
CA MET A 511 -15.10 -16.22 1.35
C MET A 511 -15.10 -17.20 2.50
N THR A 512 -15.61 -16.77 3.65
CA THR A 512 -15.95 -17.69 4.72
C THR A 512 -17.45 -17.93 4.76
N LYS A 513 -18.23 -16.86 4.89
CA LYS A 513 -19.68 -17.01 5.00
C LYS A 513 -20.39 -16.30 3.85
N LYS A 514 -19.89 -15.14 3.43
CA LYS A 514 -20.54 -14.35 2.39
C LYS A 514 -19.51 -13.77 1.44
N ALA A 515 -19.94 -13.56 0.20
CA ALA A 515 -19.13 -12.92 -0.84
C ALA A 515 -20.02 -12.21 -1.84
N ALA A 516 -19.57 -11.05 -2.33
CA ALA A 516 -20.34 -10.28 -3.30
C ALA A 516 -19.39 -9.67 -4.33
N ILE A 517 -19.57 -10.07 -5.59
CA ILE A 517 -18.76 -9.58 -6.70
C ILE A 517 -19.67 -8.85 -7.67
N THR A 518 -19.34 -7.60 -7.98
CA THR A 518 -20.09 -6.78 -8.91
C THR A 518 -19.38 -6.78 -10.26
N LEU A 519 -20.12 -7.09 -11.32
CA LEU A 519 -19.57 -7.18 -12.66
C LEU A 519 -20.38 -6.33 -13.63
N GLN A 520 -19.73 -5.92 -14.71
CA GLN A 520 -20.38 -5.18 -15.77
C GLN A 520 -20.27 -5.95 -17.07
N LYS A 521 -21.29 -5.80 -17.92
CA LYS A 521 -21.34 -6.53 -19.18
C LYS A 521 -20.19 -6.16 -20.09
N LYS A 522 -19.76 -4.90 -20.05
CA LYS A 522 -18.73 -4.43 -20.96
C LYS A 522 -17.39 -5.13 -20.71
N ASP A 523 -17.19 -5.65 -19.50
CA ASP A 523 -15.92 -6.28 -19.16
C ASP A 523 -15.79 -7.64 -19.82
N PHE A 524 -16.92 -8.29 -20.08
CA PHE A 524 -16.90 -9.65 -20.58
C PHE A 524 -17.34 -9.85 -22.01
N PRO A 525 -16.43 -10.40 -22.84
CA PRO A 525 -16.79 -10.70 -24.23
C PRO A 525 -17.80 -11.85 -24.30
N GLY A 526 -18.82 -11.69 -25.12
CA GLY A 526 -19.83 -12.71 -25.26
C GLY A 526 -20.94 -12.54 -24.24
N GLU A 527 -20.81 -11.57 -23.35
CA GLU A 527 -21.78 -11.37 -22.27
C GLU A 527 -21.99 -12.64 -21.46
N GLN A 528 -20.90 -13.34 -21.16
CA GLN A 528 -20.96 -14.53 -20.31
C GLN A 528 -19.67 -14.66 -19.52
N PHE A 529 -19.76 -15.33 -18.37
CA PHE A 529 -18.60 -15.57 -17.52
C PHE A 529 -18.80 -16.86 -16.74
N PHE A 530 -17.70 -17.37 -16.19
CA PHE A 530 -17.71 -18.53 -15.31
C PHE A 530 -17.56 -18.08 -13.87
N VAL A 531 -18.39 -18.61 -12.99
CA VAL A 531 -18.27 -18.38 -11.55
C VAL A 531 -17.62 -19.61 -10.95
N VAL A 532 -16.35 -19.48 -10.55
CA VAL A 532 -15.53 -20.60 -10.12
C VAL A 532 -15.47 -20.60 -8.59
N PHE A 533 -15.73 -21.75 -7.99
CA PHE A 533 -15.73 -21.91 -6.54
C PHE A 533 -14.66 -22.90 -6.15
N VAL A 534 -13.62 -22.42 -5.47
CA VAL A 534 -12.49 -23.25 -5.06
C VAL A 534 -12.37 -23.20 -3.54
N ILE A 535 -12.29 -24.38 -2.93
CA ILE A 535 -12.20 -24.51 -1.49
C ILE A 535 -10.74 -24.71 -1.12
N LYS A 536 -10.26 -23.94 -0.15
CA LYS A 536 -8.85 -24.01 0.23
C LYS A 536 -8.61 -25.22 1.14
N PRO A 537 -7.48 -25.91 0.98
CA PRO A 537 -7.18 -27.03 1.89
C PRO A 537 -7.00 -26.61 3.34
N GLU A 538 -6.68 -25.34 3.58
CA GLU A 538 -6.48 -24.82 4.92
C GLU A 538 -7.22 -23.50 5.08
N ASP A 539 -7.38 -23.07 6.33
CA ASP A 539 -8.19 -21.91 6.66
C ASP A 539 -7.34 -20.69 7.04
N TYR A 540 -6.05 -20.69 6.70
CA TYR A 540 -5.16 -19.64 7.19
C TYR A 540 -5.45 -18.29 6.55
N ALA A 541 -5.64 -18.26 5.23
CA ALA A 541 -5.85 -16.99 4.54
C ALA A 541 -7.15 -16.34 4.98
N CYS A 542 -8.03 -17.10 5.59
CA CYS A 542 -9.34 -16.59 5.99
C CYS A 542 -9.45 -16.56 7.51
N GLY A 543 -8.38 -16.22 8.21
CA GLY A 543 -8.39 -16.13 9.65
C GLY A 543 -8.72 -17.36 10.46
N GLY A 544 -8.19 -18.50 10.04
CA GLY A 544 -8.48 -19.75 10.71
C GLY A 544 -7.24 -20.63 10.77
N SER A 545 -7.35 -21.76 11.45
CA SER A 545 -6.22 -22.67 11.56
C SER A 545 -6.18 -23.80 10.54
N PHE A 546 -5.34 -24.79 10.78
CA PHE A 546 -5.17 -25.90 9.85
C PHE A 546 -6.30 -26.87 9.61
N PHE A 547 -6.10 -27.82 8.68
CA PHE A 547 -7.11 -28.82 8.30
C PHE A 547 -8.01 -28.21 7.27
N ASN A 557 -7.36 -33.90 5.01
CA ASN A 557 -7.16 -35.26 4.60
C ASN A 557 -8.52 -35.87 4.39
N LEU A 558 -9.54 -35.15 4.81
CA LEU A 558 -10.88 -35.69 4.72
C LEU A 558 -11.70 -34.62 4.10
N GLN A 559 -12.88 -34.97 3.59
CA GLN A 559 -13.63 -33.99 2.87
C GLN A 559 -13.90 -32.73 3.64
N ARG A 560 -13.71 -31.59 3.00
CA ARG A 560 -14.01 -30.33 3.63
C ARG A 560 -15.09 -29.76 2.76
N LYS A 561 -16.26 -30.35 2.83
CA LYS A 561 -17.35 -29.93 1.98
C LYS A 561 -17.93 -28.63 2.44
N LYS A 562 -18.10 -27.70 1.53
CA LYS A 562 -18.70 -26.40 1.82
C LYS A 562 -20.02 -26.31 1.07
N ASN A 563 -21.12 -26.23 1.80
CA ASN A 563 -22.41 -26.00 1.18
C ASN A 563 -22.56 -24.53 0.81
N LEU A 564 -22.74 -24.25 -0.47
CA LEU A 564 -22.78 -22.89 -0.97
C LEU A 564 -24.05 -22.64 -1.74
N GLU A 565 -24.51 -21.39 -1.69
CA GLU A 565 -25.67 -20.95 -2.43
C GLU A 565 -25.21 -19.70 -3.14
N VAL A 566 -25.45 -19.59 -4.44
CA VAL A 566 -25.07 -18.44 -5.25
C VAL A 566 -26.29 -17.96 -6.01
N THR A 567 -26.54 -16.65 -5.94
CA THR A 567 -27.61 -16.02 -6.70
C THR A 567 -27.01 -14.88 -7.50
N ILE A 568 -27.45 -14.73 -8.74
CA ILE A 568 -26.99 -13.67 -9.62
C ILE A 568 -28.12 -12.65 -9.73
N VAL A 569 -27.93 -11.49 -9.13
CA VAL A 569 -28.97 -10.46 -9.14
C VAL A 569 -28.49 -9.28 -9.97
N PRO A 570 -29.36 -8.67 -10.76
CA PRO A 570 -28.97 -7.45 -11.47
C PRO A 570 -28.73 -6.30 -10.49
N SER A 571 -27.79 -5.44 -10.84
CA SER A 571 -27.51 -4.29 -9.99
C SER A 571 -28.58 -3.22 -10.18
N ILE A 572 -28.51 -2.19 -9.34
CA ILE A 572 -29.45 -1.09 -9.44
C ILE A 572 -29.26 -0.35 -10.76
N LYS A 573 -30.36 0.18 -11.27
CA LYS A 573 -30.29 0.91 -12.52
C LYS A 573 -29.70 2.28 -12.34
N GLU A 574 -29.40 2.96 -13.45
CA GLU A 574 -28.78 4.29 -13.37
C GLU A 574 -29.74 5.32 -12.78
N SER A 575 -31.04 5.04 -12.81
CA SER A 575 -32.01 5.97 -12.21
C SER A 575 -31.82 6.05 -10.71
N VAL A 576 -31.42 4.95 -10.07
CA VAL A 576 -31.20 4.95 -8.63
C VAL A 576 -30.03 5.85 -8.27
N TYR A 577 -29.03 5.93 -9.16
CA TYR A 577 -27.92 6.86 -8.94
C TYR A 577 -28.39 8.30 -8.95
N VAL A 578 -29.28 8.65 -9.88
CA VAL A 578 -29.74 10.03 -10.00
C VAL A 578 -30.62 10.40 -8.81
N LYS A 579 -31.54 9.49 -8.44
CA LYS A 579 -32.46 9.79 -7.34
C LYS A 579 -31.72 9.93 -6.02
N SER A 580 -30.65 9.18 -5.81
CA SER A 580 -29.89 9.24 -4.56
C SER A 580 -28.97 10.44 -4.46
N SER A 581 -28.33 10.81 -5.56
CA SER A 581 -27.51 12.01 -5.56
C SER A 581 -28.35 13.25 -5.33
N LEU A 582 -29.51 13.33 -5.95
CA LEU A 582 -30.41 14.45 -5.73
C LEU A 582 -30.88 14.49 -4.28
N PHE A 583 -31.18 13.34 -3.72
CA PHE A 583 -31.62 13.29 -2.34
C PHE A 583 -30.55 13.81 -1.41
N SER A 584 -29.31 13.41 -1.63
CA SER A 584 -28.25 13.81 -0.74
C SER A 584 -28.05 15.31 -0.74
N VAL A 585 -28.05 15.91 -1.92
CA VAL A 585 -27.89 17.34 -1.99
C VAL A 585 -29.08 18.04 -1.38
N PHE A 586 -30.27 17.59 -1.70
CA PHE A 586 -31.49 18.25 -1.22
C PHE A 586 -31.77 18.28 0.26
N ILE A 587 -31.49 17.21 0.98
CA ILE A 587 -31.70 17.28 2.41
C ILE A 587 -30.79 18.33 3.01
N PHE A 588 -29.54 18.38 2.58
CA PHE A 588 -28.61 19.40 3.06
C PHE A 588 -28.91 20.81 2.58
N LEU A 589 -29.37 20.98 1.34
CA LEU A 589 -29.79 22.28 0.85
C LEU A 589 -31.05 22.74 1.54
N SER A 590 -31.85 21.82 2.07
CA SER A 590 -33.05 22.18 2.81
C SER A 590 -32.65 22.99 4.01
N PHE A 591 -31.52 22.65 4.62
CA PHE A 591 -31.03 23.42 5.73
C PHE A 591 -30.73 24.84 5.27
N TYR A 592 -30.16 25.01 4.08
CA TYR A 592 -29.91 26.32 3.53
C TYR A 592 -31.20 27.11 3.40
N LEU A 593 -32.24 26.49 2.86
CA LEU A 593 -33.54 27.14 2.80
C LEU A 593 -34.05 27.51 4.19
N GLY A 594 -33.87 26.62 5.16
CA GLY A 594 -34.29 26.93 6.52
C GLY A 594 -33.55 28.11 7.11
N CYS A 595 -32.26 28.22 6.83
CA CYS A 595 -31.49 29.36 7.29
C CYS A 595 -31.93 30.60 6.53
N LEU A 596 -32.27 30.46 5.25
CA LEU A 596 -32.77 31.59 4.47
C LEU A 596 -34.07 32.12 5.04
N LEU A 597 -34.98 31.22 5.44
CA LEU A 597 -36.26 31.65 5.99
C LEU A 597 -36.07 32.41 7.29
N VAL A 598 -35.17 31.94 8.16
CA VAL A 598 -34.89 32.63 9.41
C VAL A 598 -34.25 33.99 9.13
N GLY A 599 -33.30 34.01 8.20
CA GLY A 599 -32.65 35.26 7.84
C GLY A 599 -33.63 36.26 7.28
N PHE A 600 -34.59 35.78 6.49
CA PHE A 600 -35.60 36.66 5.94
C PHE A 600 -36.46 37.31 7.02
N VAL A 601 -36.83 36.55 8.05
CA VAL A 601 -37.63 37.11 9.14
C VAL A 601 -36.86 38.21 9.87
N HIS A 602 -35.57 38.00 10.12
CA HIS A 602 -34.77 39.06 10.74
C HIS A 602 -34.66 40.30 9.85
N TYR A 603 -34.43 40.11 8.56
CA TYR A 603 -34.39 41.23 7.63
C TYR A 603 -35.69 42.03 7.67
N LEU A 604 -36.82 41.33 7.78
CA LEU A 604 -38.10 42.02 7.93
C LEU A 604 -38.15 42.81 9.24
N ARG A 605 -37.64 42.23 10.33
CA ARG A 605 -37.62 42.94 11.60
C ARG A 605 -36.71 44.17 11.54
N PHE A 606 -35.55 44.04 10.89
CA PHE A 606 -34.60 45.14 10.82
C PHE A 606 -35.18 46.32 10.04
N GLN A 607 -35.78 46.05 8.88
CA GLN A 607 -36.35 47.13 8.08
C GLN A 607 -37.58 47.74 8.74
N ARG A 608 -38.41 46.90 9.36
CA ARG A 608 -39.61 47.42 10.02
C ARG A 608 -39.24 48.27 11.24
N LYS A 609 -38.21 47.87 11.97
CA LYS A 609 -37.78 48.62 13.14
C LYS A 609 -37.09 49.92 12.75
N LYS A 711 -7.81 30.54 18.48
CA LYS A 711 -8.91 31.46 18.59
C LYS A 711 -8.69 32.66 17.71
N TYR A 712 -8.16 32.45 16.50
CA TYR A 712 -7.79 33.59 15.66
C TYR A 712 -7.86 33.39 14.15
N LYS A 713 -7.53 34.41 13.37
CA LYS A 713 -7.65 34.34 11.91
C LYS A 713 -6.69 33.39 11.20
N ILE A 714 -5.64 32.96 11.88
CA ILE A 714 -4.73 32.02 11.27
C ILE A 714 -5.28 30.63 11.48
N TYR A 715 -6.41 30.54 12.18
CA TYR A 715 -7.03 29.23 12.43
C TYR A 715 -7.84 28.62 11.28
N PHE A 716 -8.53 29.44 10.49
CA PHE A 716 -9.25 28.91 9.35
C PHE A 716 -8.27 28.28 8.40
N TRP A 717 -7.18 28.98 8.13
CA TRP A 717 -6.12 28.45 7.27
C TRP A 717 -5.35 27.28 7.86
N ASN A 718 -5.14 27.29 9.17
CA ASN A 718 -4.39 26.24 9.82
C ASN A 718 -5.06 24.88 9.69
N ILE A 719 -6.38 24.83 9.85
CA ILE A 719 -7.11 23.57 9.73
C ILE A 719 -6.95 23.07 8.31
N ILE A 720 -6.95 23.96 7.33
CA ILE A 720 -6.69 23.56 5.95
C ILE A 720 -5.32 22.91 5.84
N THR A 721 -4.29 23.59 6.32
CA THR A 721 -2.94 23.05 6.18
C THR A 721 -2.81 21.69 6.85
N ILE A 722 -3.37 21.55 8.04
CA ILE A 722 -3.31 20.29 8.75
C ILE A 722 -4.04 19.20 7.96
N ALA A 723 -5.19 19.51 7.39
CA ALA A 723 -5.90 18.55 6.57
C ALA A 723 -5.17 18.16 5.31
N VAL A 724 -4.58 19.13 4.61
CA VAL A 724 -3.80 18.85 3.40
C VAL A 724 -2.56 18.02 3.71
N PHE A 725 -1.89 18.32 4.81
CA PHE A 725 -0.72 17.57 5.20
C PHE A 725 -1.18 16.16 5.45
N TYR A 726 -2.35 16.01 6.05
CA TYR A 726 -2.90 14.70 6.34
C TYR A 726 -3.54 14.08 5.10
N ALA A 727 -3.98 14.84 4.12
CA ALA A 727 -4.62 14.22 2.98
C ALA A 727 -3.62 13.64 2.02
N LEU A 728 -2.42 14.20 1.98
CA LEU A 728 -1.45 13.74 1.00
C LEU A 728 -1.06 12.27 1.09
N PRO A 729 -0.80 11.76 2.30
CA PRO A 729 -0.45 10.34 2.29
C PRO A 729 -1.54 9.42 1.79
N VAL A 730 -2.77 9.63 2.24
CA VAL A 730 -3.86 8.74 1.87
C VAL A 730 -4.12 8.80 0.37
N ILE A 731 -4.09 10.00 -0.20
CA ILE A 731 -4.39 10.12 -1.62
C ILE A 731 -3.35 9.41 -2.49
N GLN A 732 -2.09 9.54 -2.15
CA GLN A 732 -1.04 8.86 -2.91
C GLN A 732 -1.22 7.36 -2.77
N LEU A 733 -1.57 6.90 -1.57
CA LEU A 733 -1.80 5.49 -1.32
C LEU A 733 -2.98 4.96 -2.12
N VAL A 734 -4.05 5.76 -2.22
CA VAL A 734 -5.23 5.34 -2.96
C VAL A 734 -4.86 4.89 -4.36
N ILE A 735 -4.11 5.72 -5.06
CA ILE A 735 -3.67 5.36 -6.40
C ILE A 735 -3.08 3.97 -6.42
N THR A 736 -2.05 3.72 -5.62
CA THR A 736 -1.40 2.41 -5.66
C THR A 736 -2.27 1.22 -5.27
N TYR A 737 -3.11 1.35 -4.24
CA TYR A 737 -4.03 0.28 -3.91
C TYR A 737 -5.07 0.08 -4.99
N GLN A 738 -5.58 1.17 -5.55
CA GLN A 738 -6.57 1.07 -6.60
C GLN A 738 -5.93 0.38 -7.79
N THR A 739 -4.66 0.70 -8.06
CA THR A 739 -3.96 0.02 -9.14
C THR A 739 -3.91 -1.48 -8.93
N VAL A 740 -3.52 -1.93 -7.73
CA VAL A 740 -3.27 -3.34 -7.51
C VAL A 740 -4.58 -4.13 -7.53
N VAL A 741 -5.67 -3.53 -7.05
CA VAL A 741 -6.97 -4.18 -7.12
C VAL A 741 -7.38 -4.40 -8.57
N ASN A 742 -7.21 -3.38 -9.41
CA ASN A 742 -7.67 -3.46 -10.81
C ASN A 742 -6.89 -4.51 -11.59
N VAL A 743 -5.57 -4.56 -11.38
CA VAL A 743 -4.74 -5.49 -12.14
C VAL A 743 -4.97 -6.93 -11.69
N THR A 744 -4.76 -7.18 -10.40
CA THR A 744 -4.84 -8.56 -9.90
C THR A 744 -6.26 -9.07 -9.86
N GLY A 745 -7.26 -8.19 -9.87
CA GLY A 745 -8.61 -8.62 -9.63
C GLY A 745 -8.88 -9.05 -8.21
N ASN A 746 -8.02 -8.64 -7.28
CA ASN A 746 -8.14 -9.03 -5.87
C ASN A 746 -9.07 -8.05 -5.17
N GLN A 747 -10.30 -8.50 -4.89
CA GLN A 747 -11.23 -7.69 -4.13
C GLN A 747 -10.95 -7.72 -2.64
N ASP A 748 -9.98 -8.51 -2.19
CA ASP A 748 -9.70 -8.63 -0.76
C ASP A 748 -9.00 -7.39 -0.21
N ILE A 749 -8.39 -6.59 -1.09
CA ILE A 749 -7.53 -5.49 -0.64
C ILE A 749 -8.35 -4.40 0.02
N CYS A 750 -9.44 -3.99 -0.59
CA CYS A 750 -10.28 -2.95 0.00
C CYS A 750 -11.40 -3.59 0.82
N TYR A 751 -11.92 -2.84 1.78
CA TYR A 751 -12.86 -3.36 2.76
C TYR A 751 -14.22 -2.70 2.62
N TYR A 752 -14.71 -2.58 1.39
CA TYR A 752 -16.04 -2.04 1.17
C TYR A 752 -17.11 -2.95 1.80
N ASN A 753 -18.29 -2.38 1.98
CA ASN A 753 -19.50 -3.17 2.17
C ASN A 753 -19.91 -3.63 0.77
N PHE A 754 -19.51 -4.84 0.40
CA PHE A 754 -19.71 -5.29 -0.98
C PHE A 754 -21.18 -5.49 -1.30
N LEU A 755 -22.03 -5.65 -0.29
CA LEU A 755 -23.44 -5.86 -0.57
C LEU A 755 -24.13 -4.58 -1.00
N CYS A 756 -23.64 -3.43 -0.57
CA CYS A 756 -24.07 -2.17 -1.16
C CYS A 756 -22.90 -1.29 -1.57
N ALA A 757 -21.96 -1.81 -2.34
CA ALA A 757 -20.95 -0.96 -2.96
C ALA A 757 -21.34 -0.71 -4.40
N HIS A 758 -21.75 0.51 -4.70
CA HIS A 758 -22.21 0.88 -6.03
C HIS A 758 -21.12 1.65 -6.75
N PRO A 759 -20.66 1.18 -7.91
CA PRO A 759 -19.55 1.87 -8.59
C PRO A 759 -20.01 2.98 -9.52
N LEU A 760 -19.31 4.10 -9.50
CA LEU A 760 -19.44 5.14 -10.52
C LEU A 760 -18.05 5.49 -11.02
N GLY A 761 -17.82 5.28 -12.32
CA GLY A 761 -16.50 5.53 -12.87
C GLY A 761 -15.46 4.62 -12.23
N VAL A 762 -14.39 5.24 -11.71
CA VAL A 762 -13.30 4.46 -11.15
C VAL A 762 -13.58 4.09 -9.70
N LEU A 763 -14.55 4.74 -9.07
CA LEU A 763 -14.87 4.45 -7.68
C LEU A 763 -15.63 3.15 -7.58
N SER A 764 -15.16 2.26 -6.70
CA SER A 764 -15.85 0.98 -6.50
C SER A 764 -17.10 1.15 -5.66
N ALA A 765 -17.07 2.07 -4.70
CA ALA A 765 -18.20 2.35 -3.83
C ALA A 765 -18.48 3.85 -3.88
N PHE A 766 -19.29 4.26 -4.86
CA PHE A 766 -19.62 5.68 -4.99
C PHE A 766 -20.53 6.15 -3.87
N ASN A 767 -21.41 5.27 -3.36
CA ASN A 767 -22.36 5.66 -2.35
C ASN A 767 -21.67 6.09 -1.06
N ASN A 768 -20.47 5.55 -0.80
CA ASN A 768 -19.74 5.91 0.40
C ASN A 768 -19.21 7.33 0.33
N ILE A 769 -18.82 7.77 -0.86
CA ILE A 769 -18.29 9.11 -1.03
C ILE A 769 -19.42 10.13 -1.10
N LEU A 770 -20.53 9.77 -1.73
CA LEU A 770 -21.67 10.68 -1.83
C LEU A 770 -22.27 10.97 -0.46
N SER A 771 -22.20 10.00 0.46
CA SER A 771 -22.74 10.20 1.80
C SER A 771 -21.98 11.25 2.58
N ASN A 772 -20.79 11.62 2.11
CA ASN A 772 -19.98 12.64 2.77
C ASN A 772 -20.28 14.04 2.28
N LEU A 773 -21.29 14.21 1.42
CA LEU A 773 -21.66 15.53 0.95
C LEU A 773 -22.28 16.36 2.07
N GLY A 774 -22.76 15.70 3.12
CA GLY A 774 -23.35 16.43 4.23
C GLY A 774 -22.35 17.27 4.99
N HIS A 775 -21.13 16.76 5.15
CA HIS A 775 -20.10 17.50 5.87
C HIS A 775 -19.73 18.78 5.13
N VAL A 776 -19.53 18.70 3.81
CA VAL A 776 -19.11 19.87 3.05
C VAL A 776 -20.25 20.88 2.94
N LEU A 777 -21.48 20.40 2.77
CA LEU A 777 -22.60 21.32 2.60
C LEU A 777 -23.01 21.95 3.92
N LEU A 778 -22.97 21.18 5.01
CA LEU A 778 -23.32 21.75 6.31
C LEU A 778 -22.15 22.50 6.92
N GLY A 779 -20.93 22.07 6.62
CA GLY A 779 -19.76 22.85 7.02
C GLY A 779 -19.70 24.19 6.32
N PHE A 780 -20.09 24.23 5.04
CA PHE A 780 -20.14 25.48 4.32
C PHE A 780 -21.28 26.36 4.83
N LEU A 781 -22.41 25.74 5.18
CA LEU A 781 -23.53 26.50 5.71
C LEU A 781 -23.17 27.20 7.01
N PHE A 782 -22.44 26.52 7.89
CA PHE A 782 -22.05 27.13 9.15
C PHE A 782 -21.15 28.33 8.94
N LEU A 783 -20.24 28.26 7.96
CA LEU A 783 -19.39 29.39 7.66
C LEU A 783 -20.19 30.59 7.19
N LEU A 784 -21.28 30.36 6.45
CA LEU A 784 -22.15 31.46 6.07
C LEU A 784 -22.94 31.98 7.26
N ILE A 785 -23.27 31.10 8.21
CA ILE A 785 -23.96 31.53 9.42
C ILE A 785 -23.03 32.34 10.30
N VAL A 786 -21.79 31.87 10.48
CA VAL A 786 -20.81 32.61 11.26
C VAL A 786 -20.48 33.94 10.60
N LEU A 787 -20.36 33.94 9.27
CA LEU A 787 -19.99 35.16 8.55
C LEU A 787 -21.02 36.26 8.76
N ARG A 788 -22.31 35.90 8.74
CA ARG A 788 -23.35 36.89 8.97
C ARG A 788 -23.19 37.54 10.34
N ARG A 789 -23.04 36.74 11.39
CA ARG A 789 -22.88 37.29 12.73
C ARG A 789 -21.56 38.04 12.87
N ASP A 790 -20.52 37.58 12.19
CA ASP A 790 -19.26 38.31 12.15
C ASP A 790 -19.45 39.67 11.48
N ILE A 791 -20.17 39.70 10.36
CA ILE A 791 -20.40 40.96 9.66
C ILE A 791 -21.31 41.88 10.47
N LEU A 792 -22.39 41.33 11.02
CA LEU A 792 -23.32 42.15 11.81
C LEU A 792 -22.65 42.66 13.09
N HIS A 793 -21.72 41.90 13.65
CA HIS A 793 -21.00 42.37 14.83
C HIS A 793 -20.06 43.51 14.47
N ARG A 794 -19.26 43.34 13.41
CA ARG A 794 -18.33 44.38 13.00
C ARG A 794 -19.08 45.64 12.57
N ARG A 795 -20.23 45.48 11.91
CA ARG A 795 -21.03 46.63 11.54
C ARG A 795 -21.53 47.38 12.76
N ALA A 796 -21.92 46.64 13.80
CA ALA A 796 -22.35 47.28 15.05
C ALA A 796 -21.20 48.01 15.71
N LEU A 797 -20.06 47.34 15.86
CA LEU A 797 -18.93 47.94 16.53
C LEU A 797 -18.54 49.20 15.81
N GLU A 798 -18.65 49.21 14.49
CA GLU A 798 -18.36 50.40 13.71
C GLU A 798 -19.35 51.49 14.07
N ALA A 799 -20.58 51.11 14.38
CA ALA A 799 -21.61 52.10 14.68
C ALA A 799 -21.58 52.44 16.15
N LYS A 800 -20.61 51.88 16.88
CA LYS A 800 -20.47 52.16 18.30
C LYS A 800 -21.75 51.84 19.05
N ASP A 801 -22.32 50.67 18.80
CA ASP A 801 -23.54 50.24 19.52
C ASP A 801 -23.24 49.91 20.98
N ILE A 802 -24.08 50.38 21.89
CA ILE A 802 -23.83 50.15 23.29
C ILE A 802 -23.87 48.67 23.60
N PHE A 803 -24.87 48.00 23.08
CA PHE A 803 -24.99 46.57 23.31
C PHE A 803 -23.87 45.74 22.72
N ALA A 804 -23.41 46.07 21.52
CA ALA A 804 -22.28 45.34 20.96
C ALA A 804 -21.03 45.56 21.75
N VAL A 805 -20.75 46.81 22.09
CA VAL A 805 -19.54 47.12 22.87
C VAL A 805 -19.48 46.72 24.34
N GLU A 806 -20.52 46.97 25.11
CA GLU A 806 -20.44 46.72 26.56
C GLU A 806 -21.38 45.69 27.15
N TYR A 807 -22.17 45.04 26.30
CA TYR A 807 -23.13 44.10 26.80
C TYR A 807 -22.87 42.76 26.18
N GLY A 808 -22.94 41.70 26.98
CA GLY A 808 -22.72 40.38 26.45
C GLY A 808 -21.33 39.83 26.50
N ILE A 809 -21.14 38.65 25.94
CA ILE A 809 -19.84 38.01 25.98
C ILE A 809 -18.93 38.44 24.82
N PRO A 810 -17.60 38.72 25.06
CA PRO A 810 -16.74 39.05 23.92
C PRO A 810 -16.88 38.02 22.81
N LYS A 811 -17.04 38.50 21.58
CA LYS A 811 -17.32 37.64 20.43
C LYS A 811 -16.04 37.45 19.63
N HIS A 812 -15.56 36.22 19.58
CA HIS A 812 -14.44 35.83 18.74
C HIS A 812 -14.91 34.70 17.83
N PHE A 813 -15.14 35.03 16.57
CA PHE A 813 -15.65 34.06 15.61
C PHE A 813 -14.55 33.27 14.92
N GLY A 814 -13.29 33.46 15.33
CA GLY A 814 -12.20 32.75 14.68
C GLY A 814 -12.28 31.25 14.85
N LEU A 815 -12.62 30.79 16.06
CA LEU A 815 -12.72 29.35 16.29
C LEU A 815 -13.96 28.76 15.63
N PHE A 816 -14.97 29.60 15.37
CA PHE A 816 -16.14 29.15 14.64
C PHE A 816 -15.81 28.87 13.18
N TYR A 817 -14.93 29.69 12.59
CA TYR A 817 -14.49 29.44 11.23
C TYR A 817 -13.67 28.16 11.13
N ALA A 818 -12.84 27.89 12.14
CA ALA A 818 -12.10 26.65 12.19
C ALA A 818 -13.03 25.44 12.32
N MET A 819 -14.07 25.57 13.14
CA MET A 819 -15.02 24.48 13.30
C MET A 819 -15.80 24.21 12.02
N GLY A 820 -16.21 25.28 11.33
CA GLY A 820 -16.94 25.12 10.09
C GLY A 820 -16.09 24.52 8.99
N ILE A 821 -14.83 24.95 8.89
CA ILE A 821 -13.95 24.43 7.84
C ILE A 821 -13.50 23.01 8.17
N ALA A 822 -13.35 22.70 9.47
CA ALA A 822 -12.96 21.35 9.87
C ALA A 822 -14.03 20.33 9.50
N LEU A 823 -15.31 20.72 9.60
CA LEU A 823 -16.39 19.83 9.18
C LEU A 823 -16.29 19.53 7.70
N MET A 824 -15.99 20.55 6.88
CA MET A 824 -15.79 20.34 5.46
C MET A 824 -14.58 19.44 5.22
N MET A 825 -13.48 19.66 5.96
CA MET A 825 -12.28 18.88 5.75
C MET A 825 -12.45 17.44 6.23
N GLU A 826 -13.40 17.22 7.14
CA GLU A 826 -13.70 15.84 7.56
C GLU A 826 -14.46 15.10 6.48
N GLY A 827 -15.31 15.81 5.73
CA GLY A 827 -16.03 15.17 4.64
C GLY A 827 -15.11 14.73 3.52
N VAL A 828 -14.07 15.51 3.24
CA VAL A 828 -13.16 15.17 2.17
C VAL A 828 -12.17 14.10 2.63
N LEU A 829 -11.81 14.11 3.91
CA LEU A 829 -10.92 13.08 4.43
C LEU A 829 -11.63 11.75 4.57
N SER A 830 -12.91 11.78 4.98
CA SER A 830 -13.69 10.55 5.06
C SER A 830 -13.99 10.01 3.67
N ALA A 831 -14.21 10.89 2.70
CA ALA A 831 -14.45 10.45 1.33
C ALA A 831 -13.20 9.81 0.72
N CYS A 832 -12.03 10.36 1.01
CA CYS A 832 -10.79 9.79 0.52
C CYS A 832 -10.55 8.40 1.12
N TYR A 833 -10.93 8.21 2.39
CA TYR A 833 -10.78 6.92 3.03
C TYR A 833 -11.65 5.87 2.36
N HIS A 834 -12.83 6.26 1.90
CA HIS A 834 -13.78 5.30 1.35
C HIS A 834 -13.53 4.97 -0.11
N VAL A 835 -12.52 5.57 -0.73
CA VAL A 835 -12.10 5.13 -2.06
C VAL A 835 -11.56 3.70 -1.99
N CYS A 836 -10.79 3.42 -0.95
CA CYS A 836 -10.40 2.04 -0.63
C CYS A 836 -10.16 1.91 0.87
N PRO A 837 -11.20 1.59 1.66
CA PRO A 837 -11.00 1.42 3.10
C PRO A 837 -10.19 0.16 3.38
N ASN A 838 -9.20 0.29 4.25
CA ASN A 838 -8.32 -0.82 4.59
C ASN A 838 -7.49 -0.45 5.81
N TYR A 839 -6.53 -1.33 6.13
CA TYR A 839 -5.76 -1.19 7.35
C TYR A 839 -4.86 0.04 7.32
N SER A 840 -4.39 0.42 6.14
CA SER A 840 -3.52 1.59 6.03
C SER A 840 -4.32 2.88 6.11
N ASN A 841 -5.63 2.80 5.94
CA ASN A 841 -6.50 3.96 5.84
C ASN A 841 -7.37 4.18 7.08
N PHE A 842 -7.34 3.22 8.00
CA PHE A 842 -8.26 3.25 9.15
C PHE A 842 -8.56 4.57 9.80
N GLN A 843 -7.54 5.37 10.07
CA GLN A 843 -7.72 6.63 10.76
C GLN A 843 -8.55 7.67 10.04
N PHE A 844 -8.46 7.76 8.73
CA PHE A 844 -9.10 8.83 7.99
C PHE A 844 -10.60 8.97 8.05
N ASP A 845 -11.30 7.89 8.33
CA ASP A 845 -12.74 7.96 8.48
C ASP A 845 -13.21 8.87 9.62
N THR A 846 -12.59 8.76 10.79
CA THR A 846 -13.07 9.51 11.95
C THR A 846 -12.07 10.42 12.66
N SER A 847 -10.84 10.49 12.16
CA SER A 847 -9.79 11.25 12.83
C SER A 847 -9.97 12.76 12.93
N PHE A 848 -10.47 13.37 11.89
CA PHE A 848 -10.63 14.81 11.91
C PHE A 848 -11.71 15.23 12.89
N MET A 849 -12.58 14.31 13.28
CA MET A 849 -13.58 14.61 14.29
C MET A 849 -12.93 14.85 15.63
N TYR A 850 -11.74 14.30 15.86
CA TYR A 850 -11.01 14.57 17.09
C TYR A 850 -10.67 16.04 17.09
N MET A 851 -10.30 16.57 15.93
CA MET A 851 -10.02 17.99 15.80
C MET A 851 -11.26 18.82 16.04
N ILE A 852 -12.39 18.40 15.50
CA ILE A 852 -13.63 19.13 15.64
C ILE A 852 -14.09 19.16 17.07
N ALA A 853 -14.08 18.02 17.74
CA ALA A 853 -14.48 17.94 19.13
C ALA A 853 -13.55 18.73 20.00
N GLY A 854 -12.26 18.70 19.69
CA GLY A 854 -11.32 19.52 20.41
C GLY A 854 -11.50 20.99 20.16
N LEU A 855 -11.74 21.42 18.91
CA LEU A 855 -12.02 22.84 18.69
C LEU A 855 -13.26 23.29 19.44
N CYS A 856 -14.28 22.44 19.49
CA CYS A 856 -15.53 22.82 20.14
C CYS A 856 -15.34 23.00 21.64
N MET A 857 -14.45 22.26 22.27
CA MET A 857 -14.20 22.42 23.69
C MET A 857 -13.38 23.68 23.99
N LEU A 858 -12.55 24.13 23.06
CA LEU A 858 -11.86 25.39 23.22
C LEU A 858 -12.82 26.56 23.08
N LYS A 859 -13.77 26.46 22.14
CA LYS A 859 -14.78 27.50 22.00
C LYS A 859 -15.61 27.64 23.26
N LEU A 860 -15.95 26.52 23.91
CA LEU A 860 -16.67 26.57 25.17
C LEU A 860 -15.87 27.29 26.24
N TYR A 861 -14.58 26.91 26.38
CA TYR A 861 -13.74 27.55 27.38
C TYR A 861 -13.43 28.99 27.01
N GLN A 862 -13.19 29.26 25.72
CA GLN A 862 -12.87 30.61 25.29
C GLN A 862 -14.05 31.56 25.50
N THR A 863 -15.27 31.01 25.56
CA THR A 863 -16.45 31.86 25.75
C THR A 863 -16.38 32.62 27.07
N ARG A 864 -16.10 31.98 28.19
CA ARG A 864 -16.12 32.74 29.44
C ARG A 864 -14.71 33.07 29.86
N HIS A 865 -13.73 32.58 29.12
CA HIS A 865 -12.34 32.86 29.39
C HIS A 865 -11.76 33.32 28.07
N PRO A 866 -12.12 34.54 27.62
CA PRO A 866 -11.68 35.05 26.31
C PRO A 866 -10.18 35.24 26.20
N ASP A 867 -9.46 35.33 27.30
CA ASP A 867 -8.03 35.56 27.23
C ASP A 867 -7.15 34.31 27.07
N ILE A 868 -7.50 33.40 26.17
CA ILE A 868 -6.65 32.22 25.92
C ILE A 868 -5.95 32.33 24.58
N ASN A 869 -4.63 32.21 24.58
CA ASN A 869 -3.85 32.39 23.35
C ASN A 869 -4.07 31.41 22.20
N ALA A 870 -4.12 30.10 22.49
CA ALA A 870 -4.43 29.12 21.43
C ALA A 870 -3.61 29.19 20.13
N SER A 871 -2.31 28.93 20.18
CA SER A 871 -1.45 28.96 18.98
C SER A 871 -1.79 27.95 17.91
N ALA A 872 -1.48 28.27 16.66
CA ALA A 872 -1.70 27.33 15.56
C ALA A 872 -0.88 26.08 15.74
N TYR A 873 0.36 26.23 16.18
CA TYR A 873 1.21 25.10 16.44
C TYR A 873 0.58 24.14 17.41
N SER A 874 -0.02 24.64 18.49
CA SER A 874 -0.60 23.76 19.48
C SER A 874 -1.66 22.85 18.88
N ALA A 875 -2.50 23.36 17.99
CA ALA A 875 -3.48 22.50 17.33
C ALA A 875 -2.82 21.45 16.48
N TYR A 876 -1.87 21.85 15.69
CA TYR A 876 -1.18 20.93 14.83
C TYR A 876 -0.47 19.88 15.68
N ALA A 877 0.28 20.30 16.69
CA ALA A 877 1.01 19.38 17.55
C ALA A 877 0.11 18.41 18.29
N SER A 878 -1.00 18.90 18.82
CA SER A 878 -1.92 18.05 19.54
C SER A 878 -2.55 17.02 18.63
N PHE A 879 -2.89 17.42 17.42
CA PHE A 879 -3.50 16.51 16.49
C PHE A 879 -2.47 15.44 16.16
N ALA A 880 -1.24 15.86 15.89
CA ALA A 880 -0.22 14.88 15.51
C ALA A 880 0.02 13.87 16.61
N VAL A 881 0.09 14.34 17.87
CA VAL A 881 0.34 13.44 18.99
C VAL A 881 -0.85 12.52 19.22
N VAL A 882 -2.07 13.07 19.13
CA VAL A 882 -3.27 12.25 19.34
C VAL A 882 -3.37 11.17 18.27
N ILE A 883 -3.10 11.52 17.03
CA ILE A 883 -3.08 10.52 15.97
C ILE A 883 -1.93 9.55 16.16
N MET A 884 -0.79 10.03 16.65
CA MET A 884 0.34 9.14 16.93
C MET A 884 -0.04 8.08 17.95
N VAL A 885 -0.77 8.49 19.00
CA VAL A 885 -1.27 7.53 19.97
C VAL A 885 -2.28 6.59 19.32
N THR A 886 -3.14 7.13 18.45
CA THR A 886 -4.20 6.33 17.84
C THR A 886 -3.61 5.25 16.94
N VAL A 887 -2.71 5.63 16.03
CA VAL A 887 -2.16 4.66 15.08
C VAL A 887 -1.27 3.66 15.80
N LEU A 888 -0.46 4.12 16.75
CA LEU A 888 0.41 3.22 17.49
C LEU A 888 -0.40 2.21 18.29
N GLY A 889 -1.50 2.65 18.90
CA GLY A 889 -2.31 1.74 19.69
C GLY A 889 -2.98 0.67 18.86
N VAL A 890 -3.41 1.00 17.65
CA VAL A 890 -4.06 0.01 16.79
C VAL A 890 -3.05 -1.01 16.30
N VAL A 891 -1.87 -0.55 15.87
CA VAL A 891 -0.93 -1.45 15.20
C VAL A 891 -0.23 -2.35 16.22
N PHE A 892 0.32 -1.76 17.29
CA PHE A 892 1.14 -2.51 18.24
C PHE A 892 0.44 -2.84 19.54
N GLY A 893 -0.69 -2.19 19.85
CA GLY A 893 -1.43 -2.48 21.05
C GLY A 893 -2.80 -3.06 20.75
N LYS A 894 -2.84 -4.01 19.81
CA LYS A 894 -4.11 -4.49 19.28
C LYS A 894 -5.04 -4.98 20.40
N ASN A 895 -4.54 -5.87 21.26
CA ASN A 895 -5.34 -6.38 22.36
C ASN A 895 -4.53 -6.59 23.63
N ASP A 896 -3.28 -6.15 23.67
CA ASP A 896 -2.40 -6.43 24.79
C ASP A 896 -2.97 -5.85 26.08
N VAL A 897 -2.94 -6.66 27.14
CA VAL A 897 -3.35 -6.20 28.46
C VAL A 897 -2.41 -5.11 28.96
N TRP A 898 -1.17 -5.11 28.48
CA TRP A 898 -0.22 -4.09 28.88
C TRP A 898 -0.62 -2.72 28.34
N PHE A 899 -0.81 -2.63 27.01
CA PHE A 899 -1.06 -1.33 26.39
C PHE A 899 -2.31 -0.67 26.95
N TRP A 900 -3.37 -1.44 27.16
CA TRP A 900 -4.61 -0.86 27.67
C TRP A 900 -4.46 -0.43 29.12
N VAL A 901 -3.53 -1.05 29.85
CA VAL A 901 -3.28 -0.64 31.23
C VAL A 901 -2.58 0.71 31.27
N ILE A 902 -1.55 0.91 30.43
CA ILE A 902 -0.89 2.20 30.38
C ILE A 902 -1.85 3.28 29.87
N PHE A 903 -2.57 2.99 28.78
CA PHE A 903 -3.45 4.01 28.20
C PHE A 903 -4.53 4.43 29.19
N SER A 904 -5.05 3.49 29.97
CA SER A 904 -6.04 3.84 31.00
C SER A 904 -5.43 4.78 32.04
N ALA A 905 -4.11 4.69 32.26
CA ALA A 905 -3.46 5.61 33.17
C ALA A 905 -3.44 7.03 32.62
N ILE A 906 -3.06 7.19 31.35
CA ILE A 906 -3.12 8.51 30.73
C ILE A 906 -4.55 9.01 30.66
N HIS A 907 -5.49 8.13 30.25
CA HIS A 907 -6.87 8.56 30.08
C HIS A 907 -7.47 9.03 31.40
N VAL A 908 -7.15 8.34 32.50
CA VAL A 908 -7.63 8.78 33.81
C VAL A 908 -6.93 10.06 34.23
N LEU A 909 -5.60 10.11 34.05
CA LEU A 909 -4.84 11.28 34.49
C LEU A 909 -5.14 12.50 33.62
N ALA A 910 -5.33 12.30 32.32
CA ALA A 910 -5.68 13.42 31.44
C ALA A 910 -7.05 13.97 31.81
N SER A 911 -8.01 13.09 32.08
CA SER A 911 -9.35 13.55 32.45
C SER A 911 -9.36 14.17 33.84
N LEU A 912 -8.50 13.67 34.73
CA LEU A 912 -8.41 14.26 36.07
C LEU A 912 -7.83 15.67 36.00
N ALA A 913 -6.80 15.86 35.17
CA ALA A 913 -6.20 17.18 35.01
C ALA A 913 -7.16 18.14 34.28
N LEU A 914 -7.82 17.64 33.23
CA LEU A 914 -8.77 18.49 32.50
C LEU A 914 -9.93 18.92 33.38
N SER A 915 -10.43 18.02 34.23
CA SER A 915 -11.58 18.34 35.06
C SER A 915 -11.34 19.50 36.01
N THR A 916 -10.10 19.67 36.48
CA THR A 916 -9.77 20.77 37.38
C THR A 916 -9.72 22.11 36.66
N GLN A 917 -9.28 22.12 35.40
CA GLN A 917 -9.17 23.38 34.66
C GLN A 917 -10.54 23.90 34.25
N ILE A 918 -11.37 23.01 33.70
CA ILE A 918 -12.67 23.44 33.14
C ILE A 918 -13.89 23.31 34.04
N TYR A 919 -13.85 22.42 35.04
CA TYR A 919 -14.97 22.32 35.97
C TYR A 919 -14.60 23.08 37.22
N ASP A 953 -23.73 22.63 41.59
CA ASP A 953 -22.47 22.57 42.34
C ASP A 953 -21.35 22.13 41.43
N ARG A 954 -20.36 22.99 41.25
CA ARG A 954 -19.26 22.68 40.35
C ARG A 954 -18.50 21.44 40.80
N MET A 955 -18.33 21.26 42.11
CA MET A 955 -17.65 20.07 42.64
C MET A 955 -18.36 18.76 42.31
N VAL A 956 -19.67 18.73 42.47
CA VAL A 956 -20.43 17.53 42.14
C VAL A 956 -20.32 17.24 40.65
N LEU A 957 -20.37 18.28 39.83
CA LEU A 957 -20.24 18.10 38.39
C LEU A 957 -18.88 17.55 38.02
N LEU A 958 -17.84 18.01 38.69
CA LEU A 958 -16.50 17.50 38.43
C LEU A 958 -16.44 16.02 38.77
N VAL A 959 -17.07 15.62 39.87
CA VAL A 959 -17.10 14.23 40.23
C VAL A 959 -17.81 13.41 39.17
N VAL A 960 -18.96 13.89 38.71
CA VAL A 960 -19.69 13.18 37.68
C VAL A 960 -18.83 13.16 36.43
N GLY A 961 -18.15 14.25 36.16
CA GLY A 961 -17.29 14.32 35.01
C GLY A 961 -16.10 13.38 35.05
N ASN A 962 -15.68 12.91 36.22
CA ASN A 962 -14.50 12.06 36.27
C ASN A 962 -14.97 10.64 36.24
N LEU A 963 -16.12 10.39 36.85
CA LEU A 963 -16.66 9.03 36.88
C LEU A 963 -16.95 8.53 35.48
N VAL A 964 -17.47 9.38 34.62
CA VAL A 964 -17.74 8.98 33.25
C VAL A 964 -16.48 8.60 32.50
N ASN A 965 -15.42 9.38 32.66
CA ASN A 965 -14.16 9.05 32.03
C ASN A 965 -13.54 7.81 32.62
N TRP A 966 -13.64 7.64 33.93
CA TRP A 966 -13.14 6.43 34.58
C TRP A 966 -13.92 5.22 34.11
N SER A 967 -15.22 5.35 33.94
CA SER A 967 -16.03 4.27 33.41
C SER A 967 -15.66 3.91 32.00
N PHE A 968 -15.37 4.91 31.17
CA PHE A 968 -14.97 4.65 29.81
C PHE A 968 -13.67 3.89 29.82
N ALA A 969 -12.74 4.29 30.68
CA ALA A 969 -11.46 3.63 30.80
C ALA A 969 -11.62 2.20 31.27
N LEU A 970 -12.52 1.97 32.22
CA LEU A 970 -12.78 0.62 32.69
C LEU A 970 -13.39 -0.26 31.59
N PHE A 971 -14.28 0.30 30.80
CA PHE A 971 -14.84 -0.48 29.70
C PHE A 971 -13.75 -0.85 28.74
N GLY A 972 -12.88 0.08 28.42
CA GLY A 972 -11.77 -0.21 27.53
C GLY A 972 -10.82 -1.20 28.14
N LEU A 973 -10.56 -1.09 29.43
CA LEU A 973 -9.59 -1.97 30.08
C LEU A 973 -10.08 -3.39 30.09
N ILE A 974 -11.32 -3.61 30.53
CA ILE A 974 -11.86 -4.94 30.49
C ILE A 974 -12.17 -5.45 29.09
N TYR A 975 -12.86 -4.65 28.29
CA TYR A 975 -13.21 -5.03 26.92
C TYR A 975 -12.08 -5.11 25.92
N ARG A 976 -11.14 -4.18 25.99
CA ARG A 976 -10.05 -4.13 25.02
C ARG A 976 -10.42 -4.08 23.53
N PRO A 977 -11.34 -3.17 23.12
CA PRO A 977 -11.73 -3.04 21.71
C PRO A 977 -10.57 -3.06 20.69
N ARG A 978 -10.72 -3.77 19.58
CA ARG A 978 -9.67 -3.78 18.57
C ARG A 978 -9.65 -2.48 17.77
N ASP A 979 -10.79 -1.83 17.63
CA ASP A 979 -10.88 -0.56 16.92
C ASP A 979 -10.59 0.56 17.92
N PHE A 980 -9.30 0.88 18.07
CA PHE A 980 -8.92 1.97 18.97
C PHE A 980 -9.29 3.33 18.39
N ALA A 981 -9.39 3.41 17.06
CA ALA A 981 -9.78 4.68 16.43
C ALA A 981 -11.20 5.05 16.81
N SER A 982 -12.12 4.08 16.84
CA SER A 982 -13.49 4.37 17.24
C SER A 982 -13.59 4.56 18.75
N TYR A 983 -12.80 3.81 19.52
CA TYR A 983 -12.75 4.03 20.96
C TYR A 983 -12.20 5.42 21.28
N MET A 984 -11.14 5.83 20.59
CA MET A 984 -10.61 7.18 20.78
C MET A 984 -11.63 8.24 20.39
N LEU A 985 -12.46 7.95 19.39
CA LEU A 985 -13.49 8.89 18.98
C LEU A 985 -14.55 9.07 20.05
N GLY A 986 -14.93 7.99 20.73
CA GLY A 986 -15.93 8.11 21.78
C GLY A 986 -15.42 8.86 22.98
N ILE A 987 -14.09 8.91 23.15
CA ILE A 987 -13.52 9.70 24.24
C ILE A 987 -13.71 11.19 23.97
N PHE A 988 -13.53 11.60 22.72
CA PHE A 988 -13.71 13.01 22.38
C PHE A 988 -15.19 13.40 22.35
N ILE A 989 -16.05 12.51 21.83
CA ILE A 989 -17.47 12.79 21.79
C ILE A 989 -18.04 12.88 23.21
N CYS A 990 -17.64 11.95 24.08
CA CYS A 990 -18.16 11.95 25.45
C CYS A 990 -17.78 13.22 26.21
N ASN A 991 -16.53 13.66 26.08
CA ASN A 991 -16.10 14.85 26.81
C ASN A 991 -16.69 16.13 26.19
N LEU A 992 -16.89 16.13 24.87
CA LEU A 992 -17.56 17.26 24.23
C LEU A 992 -18.99 17.41 24.74
N LEU A 993 -19.69 16.27 24.89
CA LEU A 993 -21.07 16.33 25.37
C LEU A 993 -21.13 16.57 26.87
N LEU A 994 -20.11 16.12 27.61
CA LEU A 994 -20.07 16.39 29.04
C LEU A 994 -19.82 17.86 29.32
N TYR A 995 -18.83 18.46 28.65
CA TYR A 995 -18.57 19.89 28.83
C TYR A 995 -19.76 20.72 28.33
N LEU A 996 -20.39 20.29 27.23
CA LEU A 996 -21.59 20.97 26.77
C LEU A 996 -22.71 20.87 27.79
N ALA A 997 -22.88 19.70 28.39
CA ALA A 997 -23.93 19.54 29.40
C ALA A 997 -23.58 20.31 30.67
N PHE A 998 -22.30 20.37 31.02
CA PHE A 998 -21.88 21.18 32.17
C PHE A 998 -22.16 22.66 31.94
N TYR A 999 -21.92 23.14 30.72
CA TYR A 999 -22.18 24.53 30.40
C TYR A 999 -23.66 24.87 30.53
N ILE A 1000 -24.53 23.97 30.05
CA ILE A 1000 -25.97 24.20 30.15
C ILE A 1000 -26.41 24.19 31.61
N ILE A 1001 -25.92 23.23 32.39
CA ILE A 1001 -26.31 23.15 33.80
C ILE A 1001 -25.82 24.38 34.55
N MET A 1002 -24.57 24.79 34.30
CA MET A 1002 -24.06 26.02 34.91
C MET A 1002 -24.86 27.24 34.45
N LYS A 1003 -25.32 27.23 33.20
CA LYS A 1003 -26.14 28.32 32.72
C LYS A 1003 -27.47 28.40 33.46
N LEU A 1004 -28.07 27.24 33.76
CA LEU A 1004 -29.35 27.23 34.44
C LEU A 1004 -29.20 27.62 35.92
N ARG A 1005 -28.16 27.11 36.58
CA ARG A 1005 -27.95 27.46 37.99
C ARG A 1005 -27.66 28.94 38.16
N SER A 1006 -27.02 29.56 37.16
CA SER A 1006 -26.76 30.99 37.21
C SER A 1006 -27.96 31.82 36.78
N SER A 1007 -29.12 31.20 36.64
CA SER A 1007 -30.33 31.90 36.21
C SER A 1007 -30.17 32.57 34.86
N GLU A 1008 -29.49 31.90 33.94
CA GLU A 1008 -29.34 32.42 32.59
C GLU A 1008 -30.23 31.55 31.75
N LYS A 1009 -31.02 32.16 30.87
CA LYS A 1009 -31.99 31.41 30.08
C LYS A 1009 -31.46 30.59 28.96
N VAL A 1010 -32.28 29.70 28.42
CA VAL A 1010 -31.85 29.03 27.21
C VAL A 1010 -32.93 29.54 26.27
N LEU A 1011 -32.55 30.28 25.24
CA LEU A 1011 -33.54 30.87 24.35
C LEU A 1011 -34.12 29.80 23.42
N PRO A 1012 -35.22 30.08 22.70
CA PRO A 1012 -35.78 28.97 21.91
C PRO A 1012 -34.84 28.44 20.83
N VAL A 1013 -34.16 29.33 20.10
CA VAL A 1013 -33.26 28.87 19.03
C VAL A 1013 -32.10 28.06 19.58
N PRO A 1014 -31.36 28.52 20.61
CA PRO A 1014 -30.35 27.64 21.22
C PRO A 1014 -30.94 26.36 21.80
N LEU A 1015 -32.11 26.44 22.42
CA LEU A 1015 -32.68 25.29 23.11
C LEU A 1015 -33.09 24.20 22.12
N PHE A 1016 -33.63 24.59 20.97
CA PHE A 1016 -33.96 23.61 19.94
C PHE A 1016 -32.70 22.89 19.45
N CYS A 1017 -31.60 23.63 19.32
CA CYS A 1017 -30.36 23.02 18.85
C CYS A 1017 -29.83 22.01 19.87
N ILE A 1018 -30.10 22.23 21.15
CA ILE A 1018 -29.70 21.25 22.16
C ILE A 1018 -30.47 19.95 21.98
N VAL A 1019 -31.78 20.05 21.77
CA VAL A 1019 -32.59 18.85 21.54
C VAL A 1019 -32.17 18.15 20.26
N ALA A 1020 -31.97 18.93 19.19
CA ALA A 1020 -31.55 18.35 17.93
C ALA A 1020 -30.17 17.72 18.03
N THR A 1021 -29.26 18.36 18.76
CA THR A 1021 -27.92 17.80 18.94
C THR A 1021 -27.97 16.48 19.69
N ALA A 1022 -28.78 16.41 20.75
CA ALA A 1022 -28.88 15.18 21.52
C ALA A 1022 -29.55 14.08 20.72
N VAL A 1023 -30.64 14.42 20.01
CA VAL A 1023 -31.35 13.41 19.23
C VAL A 1023 -30.49 12.89 18.09
N MET A 1024 -29.80 13.81 17.39
CA MET A 1024 -28.96 13.40 16.27
C MET A 1024 -27.75 12.59 16.73
N TRP A 1025 -27.21 12.93 17.92
CA TRP A 1025 -26.05 12.18 18.42
C TRP A 1025 -26.46 10.77 18.82
N ALA A 1026 -27.63 10.61 19.44
CA ALA A 1026 -28.13 9.28 19.75
C ALA A 1026 -28.40 8.48 18.48
N ALA A 1027 -28.99 9.12 17.48
CA ALA A 1027 -29.27 8.42 16.23
C ALA A 1027 -27.99 8.11 15.45
N ALA A 1028 -27.07 9.08 15.38
CA ALA A 1028 -25.83 8.86 14.64
C ALA A 1028 -24.99 7.76 15.26
N LEU A 1029 -24.93 7.73 16.59
CA LEU A 1029 -24.10 6.73 17.27
C LEU A 1029 -24.63 5.32 17.02
N TYR A 1030 -25.95 5.17 16.91
CA TYR A 1030 -26.53 3.85 16.63
C TYR A 1030 -26.05 3.32 15.29
N PHE A 1031 -26.05 4.16 14.26
CA PHE A 1031 -25.59 3.73 12.95
C PHE A 1031 -24.07 3.60 12.92
N PHE A 1032 -23.39 4.24 13.87
CA PHE A 1032 -21.94 4.05 14.00
C PHE A 1032 -21.61 2.67 14.56
N PHE A 1033 -22.48 2.14 15.42
CA PHE A 1033 -22.20 0.85 16.04
C PHE A 1033 -22.58 -0.33 15.16
N GLN A 1034 -23.19 -0.09 14.00
CA GLN A 1034 -23.47 -1.15 13.04
C GLN A 1034 -22.25 -1.33 12.15
N ASN A 1035 -21.46 -2.36 12.45
CA ASN A 1035 -20.21 -2.61 11.74
C ASN A 1035 -20.53 -3.44 10.50
N LEU A 1036 -20.39 -2.83 9.33
CA LEU A 1036 -20.69 -3.52 8.08
C LEU A 1036 -19.43 -4.04 7.42
N SER A 1037 -18.27 -3.68 7.96
CA SER A 1037 -16.98 -4.17 7.49
C SER A 1037 -15.95 -3.94 8.58
N SER A 1038 -14.96 -4.82 8.66
CA SER A 1038 -13.98 -4.80 9.74
C SER A 1038 -12.58 -4.93 9.16
N TRP A 1039 -11.84 -3.83 9.16
CA TRP A 1039 -10.46 -3.86 8.66
C TRP A 1039 -9.52 -4.55 9.64
N GLU A 1040 -9.95 -4.80 10.88
CA GLU A 1040 -9.06 -5.44 11.84
C GLU A 1040 -8.93 -6.93 11.57
N GLY A 1041 -9.94 -7.53 10.96
CA GLY A 1041 -9.89 -8.93 10.61
C GLY A 1041 -9.41 -9.16 9.18
N THR A 1042 -9.55 -10.40 8.74
CA THR A 1042 -9.22 -10.78 7.38
C THR A 1042 -10.31 -10.28 6.42
N PRO A 1043 -9.99 -10.15 5.13
CA PRO A 1043 -11.02 -9.71 4.18
C PRO A 1043 -12.24 -10.61 4.15
N ALA A 1044 -12.04 -11.92 4.27
CA ALA A 1044 -13.17 -12.84 4.33
C ALA A 1044 -13.98 -12.65 5.60
N GLU A 1045 -13.29 -12.39 6.73
CA GLU A 1045 -13.98 -12.17 7.99
C GLU A 1045 -14.79 -10.88 7.96
N SER A 1046 -14.28 -9.85 7.30
CA SER A 1046 -15.00 -8.59 7.21
C SER A 1046 -16.23 -8.72 6.33
N ARG A 1047 -16.16 -9.56 5.30
CA ARG A 1047 -17.29 -9.74 4.39
C ARG A 1047 -18.46 -10.44 5.06
N GLU A 1048 -18.24 -11.08 6.22
CA GLU A 1048 -19.34 -11.69 6.96
C GLU A 1048 -20.31 -10.64 7.50
N LYS A 1049 -19.81 -9.44 7.79
CA LYS A 1049 -20.63 -8.38 8.35
C LYS A 1049 -21.27 -7.50 7.30
N ASN A 1050 -21.01 -7.74 6.02
CA ASN A 1050 -21.63 -6.94 4.97
C ASN A 1050 -23.14 -7.11 5.01
N ARG A 1051 -23.87 -6.02 4.79
CA ARG A 1051 -25.32 -6.03 4.79
C ARG A 1051 -25.85 -5.36 3.54
N GLU A 1052 -27.04 -5.76 3.12
CA GLU A 1052 -27.72 -4.98 2.10
C GLU A 1052 -28.11 -3.62 2.67
N CYS A 1053 -28.04 -2.60 1.83
CA CYS A 1053 -28.08 -1.22 2.30
C CYS A 1053 -29.51 -0.70 2.50
N ILE A 1054 -29.66 0.23 3.45
CA ILE A 1054 -30.93 0.42 4.12
C ILE A 1054 -31.80 1.46 3.40
N LEU A 1055 -31.20 2.55 2.90
CA LEU A 1055 -31.95 3.72 2.46
C LEU A 1055 -31.85 3.88 0.95
N LEU A 1056 -33.01 3.97 0.29
CA LEU A 1056 -33.12 4.23 -1.14
C LEU A 1056 -32.42 3.19 -2.01
N ASP A 1057 -32.12 2.02 -1.45
CA ASP A 1057 -31.35 0.97 -2.11
C ASP A 1057 -29.96 1.45 -2.53
N PHE A 1058 -29.46 2.50 -1.89
CA PHE A 1058 -28.16 3.06 -2.25
C PHE A 1058 -27.25 3.21 -1.04
N PHE A 1059 -27.82 3.52 0.12
CA PHE A 1059 -27.06 3.90 1.30
C PHE A 1059 -27.22 2.84 2.39
N ASP A 1060 -26.09 2.43 2.98
CA ASP A 1060 -26.09 1.46 4.06
C ASP A 1060 -26.02 2.18 5.42
N ASP A 1061 -25.81 1.38 6.47
CA ASP A 1061 -25.78 1.93 7.83
C ASP A 1061 -24.64 2.91 8.01
N HIS A 1062 -23.48 2.63 7.40
CA HIS A 1062 -22.35 3.54 7.50
C HIS A 1062 -22.56 4.82 6.72
N ASP A 1063 -23.33 4.74 5.64
CA ASP A 1063 -23.68 5.96 4.91
C ASP A 1063 -24.60 6.84 5.73
N ILE A 1064 -25.52 6.24 6.48
CA ILE A 1064 -26.42 7.01 7.33
C ILE A 1064 -25.65 7.67 8.47
N TRP A 1065 -24.60 6.99 8.95
CA TRP A 1065 -23.73 7.60 9.96
C TRP A 1065 -23.01 8.82 9.41
N HIS A 1066 -22.71 8.88 8.12
CA HIS A 1066 -22.10 10.06 7.56
C HIS A 1066 -23.10 11.19 7.42
N PHE A 1067 -24.34 10.88 7.12
CA PHE A 1067 -25.36 11.92 7.09
C PHE A 1067 -25.64 12.46 8.49
N LEU A 1068 -25.68 11.57 9.49
CA LEU A 1068 -26.13 11.97 10.81
C LEU A 1068 -24.99 12.52 11.65
N SER A 1069 -23.76 12.10 11.38
CA SER A 1069 -22.63 12.69 12.10
C SER A 1069 -22.40 14.13 11.70
N ALA A 1070 -22.62 14.45 10.42
CA ALA A 1070 -22.51 15.83 9.96
C ALA A 1070 -23.63 16.68 10.56
N THR A 1071 -24.84 16.14 10.62
CA THR A 1071 -25.97 16.89 11.16
C THR A 1071 -25.83 17.08 12.67
N ALA A 1072 -25.31 16.06 13.37
CA ALA A 1072 -25.06 16.21 14.80
C ALA A 1072 -23.94 17.21 15.06
N LEU A 1073 -22.90 17.18 14.24
CA LEU A 1073 -21.80 18.13 14.39
C LEU A 1073 -22.23 19.53 13.99
N PHE A 1074 -23.07 19.64 12.97
CA PHE A 1074 -23.60 20.95 12.58
C PHE A 1074 -24.43 21.57 13.69
N PHE A 1075 -25.30 20.78 14.32
CA PHE A 1075 -26.15 21.32 15.37
C PHE A 1075 -25.38 21.56 16.65
N SER A 1076 -24.27 20.83 16.83
CA SER A 1076 -23.39 21.12 17.97
C SER A 1076 -22.72 22.47 17.81
N PHE A 1077 -22.35 22.83 16.57
CA PHE A 1077 -21.78 24.14 16.31
C PHE A 1077 -22.78 25.24 16.63
N LEU A 1078 -24.05 25.00 16.31
CA LEU A 1078 -25.08 26.03 16.52
C LEU A 1078 -25.35 26.23 18.01
N VAL A 1079 -25.21 25.18 18.81
CA VAL A 1079 -25.38 25.33 20.26
C VAL A 1079 -24.31 26.27 20.82
N LEU A 1080 -23.05 26.04 20.42
CA LEU A 1080 -21.97 26.92 20.87
C LEU A 1080 -22.18 28.34 20.36
N LEU A 1081 -22.68 28.47 19.13
CA LEU A 1081 -22.79 29.80 18.52
C LEU A 1081 -23.89 30.63 19.17
N THR A 1082 -24.98 29.98 19.58
CA THR A 1082 -26.19 30.70 19.99
C THR A 1082 -26.49 30.63 21.48
N LEU A 1083 -25.84 29.73 22.23
CA LEU A 1083 -26.27 29.45 23.60
C LEU A 1083 -26.31 30.70 24.46
N ASP A 1084 -25.25 31.51 24.42
CA ASP A 1084 -25.14 32.69 25.26
C ASP A 1084 -25.69 33.94 24.59
N ASP A 1085 -26.56 33.79 23.59
CA ASP A 1085 -27.15 34.96 22.94
C ASP A 1085 -28.18 35.63 23.83
N ASP A 1086 -28.56 35.00 24.95
CA ASP A 1086 -29.40 35.67 25.93
C ASP A 1086 -28.59 36.66 26.75
N LEU A 1087 -27.29 36.45 26.88
CA LEU A 1087 -26.44 37.31 27.69
C LEU A 1087 -26.10 38.62 26.98
N ASP A 1088 -26.59 38.81 25.76
CA ASP A 1088 -26.29 40.03 25.02
C ASP A 1088 -26.89 41.25 25.69
N VAL A 1089 -28.07 41.08 26.31
CA VAL A 1089 -28.70 42.19 27.01
C VAL A 1089 -27.99 42.47 28.34
N VAL A 1090 -27.41 41.42 28.94
CA VAL A 1090 -26.74 41.55 30.25
C VAL A 1090 -25.36 42.14 30.13
N ARG A 1091 -24.96 42.98 31.08
CA ARG A 1091 -23.67 43.64 31.02
C ARG A 1091 -22.54 42.68 31.22
N ARG A 1092 -21.40 42.92 30.59
CA ARG A 1092 -20.30 41.97 30.63
C ARG A 1092 -19.80 41.75 32.04
N ASP A 1093 -19.76 42.80 32.84
CA ASP A 1093 -19.34 42.65 34.24
C ASP A 1093 -20.27 41.76 35.03
N GLN A 1094 -21.57 41.89 34.79
CA GLN A 1094 -22.56 41.11 35.52
C GLN A 1094 -22.54 39.65 35.10
N ILE A 1095 -21.93 39.35 33.97
CA ILE A 1095 -21.88 37.99 33.43
C ILE A 1095 -20.90 37.16 34.26
N PRO A 1096 -21.33 36.07 34.87
CA PRO A 1096 -20.39 35.21 35.60
C PRO A 1096 -19.51 34.40 34.66
N VAL A 1097 -18.42 33.89 35.21
CA VAL A 1097 -17.44 33.10 34.48
C VAL A 1097 -17.35 31.72 35.12
N PHE A 1098 -17.55 30.68 34.31
CA PHE A 1098 -17.34 29.31 34.78
C PHE A 1098 -16.63 28.49 33.71
N ARG B 315 5.65 -49.17 -25.61
CA ARG B 315 6.77 -49.37 -26.52
C ARG B 315 8.07 -48.88 -25.91
N GLY B 316 9.06 -49.78 -25.83
CA GLY B 316 10.37 -49.38 -25.35
C GLY B 316 10.98 -48.32 -26.25
N ALA B 317 11.47 -47.25 -25.64
CA ALA B 317 12.00 -46.10 -26.36
C ALA B 317 13.32 -45.67 -25.75
N ASP B 318 14.10 -44.93 -26.55
CA ASP B 318 15.44 -44.51 -26.18
C ASP B 318 15.49 -43.03 -25.87
N PHE B 319 16.33 -42.65 -24.92
CA PHE B 319 16.56 -41.26 -24.61
C PHE B 319 17.40 -40.61 -25.71
N ASP B 320 17.28 -39.28 -25.81
CA ASP B 320 18.02 -38.47 -26.79
C ASP B 320 17.74 -38.93 -28.21
N HIS B 321 16.62 -39.62 -28.42
CA HIS B 321 16.20 -40.10 -29.73
C HIS B 321 14.92 -39.38 -30.11
N VAL B 322 14.90 -38.79 -31.30
CA VAL B 322 13.73 -38.06 -31.78
C VAL B 322 12.78 -39.05 -32.43
N TYR B 323 11.53 -39.03 -31.99
CA TYR B 323 10.49 -39.91 -32.50
C TYR B 323 9.45 -39.12 -33.29
N SER B 324 9.15 -39.59 -34.48
CA SER B 324 8.11 -39.00 -35.32
C SER B 324 6.90 -39.93 -35.34
N GLY B 325 5.73 -39.35 -35.56
CA GLY B 325 4.51 -40.15 -35.60
C GLY B 325 3.33 -39.32 -36.04
N VAL B 326 2.29 -40.01 -36.48
CA VAL B 326 1.04 -39.40 -36.89
C VAL B 326 -0.06 -39.98 -36.01
N VAL B 327 -0.81 -39.10 -35.34
CA VAL B 327 -1.90 -39.50 -34.46
C VAL B 327 -3.21 -38.99 -35.02
N ASN B 328 -4.17 -39.89 -35.18
CA ASN B 328 -5.54 -39.58 -35.54
C ASN B 328 -6.46 -40.11 -34.44
N LEU B 329 -7.76 -40.12 -34.68
CA LEU B 329 -8.67 -40.59 -33.65
C LEU B 329 -8.33 -42.04 -33.33
N SER B 330 -8.11 -42.83 -34.37
CA SER B 330 -7.79 -44.23 -34.18
C SER B 330 -6.49 -44.58 -33.49
N THR B 331 -5.40 -43.88 -33.81
CA THR B 331 -4.10 -44.26 -33.27
C THR B 331 -3.54 -43.32 -32.24
N GLU B 332 -3.07 -43.89 -31.14
CA GLU B 332 -2.44 -43.10 -30.12
C GLU B 332 -1.11 -43.77 -30.06
N ASN B 333 -0.05 -43.02 -29.83
CA ASN B 333 1.26 -43.58 -29.80
C ASN B 333 1.81 -43.49 -28.39
N ILE B 334 2.25 -44.62 -27.85
CA ILE B 334 2.74 -44.65 -26.48
C ILE B 334 4.20 -45.04 -26.41
N TYR B 335 4.96 -44.39 -25.54
CA TYR B 335 6.37 -44.64 -25.42
C TYR B 335 6.72 -44.88 -23.98
N SER B 336 7.64 -45.79 -23.72
CA SER B 336 8.03 -46.12 -22.37
C SER B 336 9.54 -45.92 -22.22
N PHE B 337 9.92 -45.04 -21.29
CA PHE B 337 11.31 -44.75 -21.00
C PHE B 337 11.61 -45.19 -19.57
N ASN B 338 12.58 -46.09 -19.43
CA ASN B 338 13.02 -46.57 -18.12
C ASN B 338 14.46 -46.15 -17.89
N TYR B 339 14.74 -45.66 -16.68
CA TYR B 339 16.08 -45.23 -16.31
C TYR B 339 16.28 -45.56 -14.84
N THR B 340 17.54 -45.59 -14.43
CA THR B 340 17.91 -45.84 -13.05
C THR B 340 18.53 -44.58 -12.44
N SER B 341 18.03 -44.17 -11.28
CA SER B 341 18.57 -43.04 -10.54
C SER B 341 19.42 -43.57 -9.39
N GLN B 342 20.70 -43.25 -9.42
CA GLN B 342 21.60 -43.70 -8.38
C GLN B 342 21.46 -42.82 -7.14
N PRO B 343 21.74 -43.39 -5.93
CA PRO B 343 21.50 -42.55 -4.76
C PRO B 343 22.40 -41.33 -4.71
N ASP B 344 21.91 -40.27 -4.07
CA ASP B 344 22.68 -39.03 -3.99
C ASP B 344 23.00 -38.54 -5.39
N GLN B 345 22.06 -38.73 -6.31
CA GLN B 345 22.24 -38.29 -7.68
C GLN B 345 20.88 -37.97 -8.23
N VAL B 346 20.70 -36.76 -8.75
CA VAL B 346 19.38 -36.35 -9.23
C VAL B 346 19.34 -36.24 -10.73
N THR B 347 18.36 -36.90 -11.34
CA THR B 347 18.24 -36.89 -12.79
C THR B 347 16.95 -36.24 -13.19
N ALA B 348 17.00 -35.30 -14.11
CA ALA B 348 15.78 -34.74 -14.61
C ALA B 348 15.59 -35.09 -16.04
N VAL B 349 14.36 -35.37 -16.41
CA VAL B 349 14.07 -35.76 -17.76
C VAL B 349 13.29 -34.63 -18.39
N ARG B 350 13.70 -34.21 -19.58
CA ARG B 350 12.97 -33.17 -20.27
C ARG B 350 12.28 -33.78 -21.46
N VAL B 351 10.98 -33.51 -21.59
CA VAL B 351 10.22 -34.04 -22.70
C VAL B 351 9.91 -32.92 -23.66
N TYR B 352 10.27 -33.09 -24.93
CA TYR B 352 10.07 -32.09 -25.94
CA TYR B 352 9.97 -32.07 -25.96
C TYR B 352 9.13 -32.62 -26.96
N VAL B 353 8.01 -31.96 -27.18
CA VAL B 353 7.15 -32.36 -28.26
C VAL B 353 6.90 -31.16 -29.12
N ASN B 354 6.89 -31.35 -30.42
CA ASN B 354 6.57 -30.27 -31.30
C ASN B 354 5.59 -30.78 -32.33
N SER B 355 4.72 -29.93 -32.81
CA SER B 355 3.78 -30.31 -33.84
C SER B 355 3.71 -29.22 -34.86
N SER B 356 3.76 -29.57 -36.13
CA SER B 356 3.59 -28.57 -37.17
C SER B 356 2.24 -28.76 -37.77
N SER B 357 1.19 -28.56 -36.97
CA SER B 357 -0.12 -28.87 -37.51
C SER B 357 -0.94 -27.62 -37.64
N GLU B 358 -1.51 -27.41 -38.82
CA GLU B 358 -2.31 -26.24 -39.05
C GLU B 358 -3.56 -26.22 -38.19
N ASN B 359 -4.20 -27.37 -38.00
CA ASN B 359 -5.44 -27.36 -37.25
C ASN B 359 -5.18 -27.22 -35.76
N LEU B 360 -5.75 -26.19 -35.16
CA LEU B 360 -5.62 -26.01 -33.73
C LEU B 360 -6.93 -26.44 -33.15
N ASN B 361 -7.85 -26.86 -34.01
CA ASN B 361 -9.13 -27.36 -33.55
C ASN B 361 -8.87 -28.76 -33.10
N TYR B 362 -7.85 -29.37 -33.68
CA TYR B 362 -7.47 -30.70 -33.29
C TYR B 362 -6.01 -30.72 -32.89
N PRO B 363 -5.70 -30.31 -31.65
CA PRO B 363 -4.33 -30.31 -31.17
C PRO B 363 -3.74 -31.68 -30.83
N VAL B 364 -2.42 -31.78 -30.76
CA VAL B 364 -1.80 -33.02 -30.33
C VAL B 364 -1.75 -32.96 -28.82
N LEU B 365 -2.28 -33.97 -28.15
CA LEU B 365 -2.33 -33.99 -26.70
C LEU B 365 -1.28 -34.89 -26.11
N VAL B 366 -0.44 -34.34 -25.25
CA VAL B 366 0.65 -35.12 -24.71
C VAL B 366 0.46 -35.41 -23.23
N VAL B 367 0.52 -36.68 -22.86
CA VAL B 367 0.41 -37.06 -21.47
C VAL B 367 1.65 -37.79 -21.04
N VAL B 368 2.32 -37.30 -20.01
CA VAL B 368 3.47 -37.99 -19.47
C VAL B 368 3.09 -38.53 -18.11
N ARG B 369 3.10 -39.83 -17.96
CA ARG B 369 2.73 -40.45 -16.71
C ARG B 369 3.94 -41.02 -16.03
N GLN B 370 4.11 -40.70 -14.76
CA GLN B 370 5.18 -41.23 -13.98
C GLN B 370 4.50 -41.93 -12.81
N GLN B 371 5.26 -42.48 -11.88
CA GLN B 371 4.66 -43.21 -10.78
C GLN B 371 3.74 -42.37 -9.96
N LYS B 372 4.22 -41.24 -9.48
CA LYS B 372 3.42 -40.43 -8.60
C LYS B 372 2.75 -39.23 -9.23
N GLU B 373 2.95 -39.00 -10.51
CA GLU B 373 2.34 -37.87 -11.17
C GLU B 373 1.99 -38.09 -12.61
N VAL B 374 1.03 -37.32 -13.11
CA VAL B 374 0.70 -37.36 -14.52
C VAL B 374 0.81 -35.91 -14.95
N LEU B 375 1.48 -35.65 -16.05
CA LEU B 375 1.58 -34.30 -16.57
C LEU B 375 0.98 -34.36 -17.95
N SER B 376 0.11 -33.44 -18.26
CA SER B 376 -0.49 -33.39 -19.56
C SER B 376 -0.43 -32.00 -20.13
N TRP B 377 -0.31 -31.91 -21.43
CA TRP B 377 -0.35 -30.61 -22.10
C TRP B 377 -0.81 -30.83 -23.51
N GLN B 378 -0.93 -29.76 -24.28
CA GLN B 378 -1.35 -29.85 -25.68
C GLN B 378 -0.38 -29.11 -26.55
N VAL B 379 -0.17 -29.59 -27.77
CA VAL B 379 0.69 -28.91 -28.73
C VAL B 379 -0.14 -28.64 -30.02
N PRO B 380 -0.27 -27.35 -30.53
CA PRO B 380 0.44 -26.13 -30.09
C PRO B 380 -0.09 -25.57 -28.78
N LEU B 381 0.81 -25.05 -27.96
CA LEU B 381 0.41 -24.41 -26.71
C LEU B 381 -0.14 -23.02 -26.99
N LEU B 382 -1.34 -22.75 -26.50
CA LEU B 382 -2.04 -21.50 -26.78
C LEU B 382 -1.98 -20.61 -25.54
N PHE B 383 -1.73 -19.33 -25.76
CA PHE B 383 -1.71 -18.32 -24.70
C PHE B 383 -2.76 -17.27 -25.02
N GLN B 384 -3.54 -16.89 -24.02
CA GLN B 384 -4.46 -15.77 -24.18
C GLN B 384 -3.77 -14.48 -23.80
N GLY B 385 -3.70 -13.55 -24.75
CA GLY B 385 -3.00 -12.31 -24.54
C GLY B 385 -3.96 -11.19 -24.17
N LEU B 386 -3.38 -10.11 -23.66
CA LEU B 386 -4.17 -8.93 -23.37
C LEU B 386 -4.72 -8.33 -24.65
N TYR B 387 -5.92 -7.78 -24.56
CA TYR B 387 -6.62 -7.17 -25.71
C TYR B 387 -6.90 -8.23 -26.78
N GLN B 388 -7.24 -9.44 -26.33
CA GLN B 388 -7.63 -10.55 -27.21
C GLN B 388 -6.55 -10.91 -28.21
N ARG B 389 -5.31 -10.97 -27.75
CA ARG B 389 -4.28 -11.44 -28.64
C ARG B 389 -4.12 -12.93 -28.42
N SER B 390 -3.83 -13.66 -29.47
CA SER B 390 -3.70 -15.11 -29.46
C SER B 390 -2.30 -15.51 -29.88
N TYR B 391 -1.68 -16.39 -29.10
CA TYR B 391 -0.34 -16.89 -29.37
C TYR B 391 -0.35 -18.40 -29.33
N ASN B 392 0.33 -19.02 -30.30
CA ASN B 392 0.43 -20.49 -30.37
C ASN B 392 1.86 -20.92 -30.47
N TYR B 393 2.30 -21.79 -29.59
CA TYR B 393 3.66 -22.25 -29.64
C TYR B 393 3.78 -23.70 -30.04
N GLN B 394 4.33 -23.94 -31.23
CA GLN B 394 4.46 -25.29 -31.75
C GLN B 394 5.43 -26.24 -31.08
N GLU B 395 6.46 -25.73 -30.42
CA GLU B 395 7.39 -26.57 -29.70
C GLU B 395 7.17 -26.41 -28.21
N VAL B 396 6.90 -27.50 -27.51
CA VAL B 396 6.61 -27.43 -26.07
C VAL B 396 7.50 -28.39 -25.28
N SER B 397 8.29 -27.88 -24.34
CA SER B 397 9.22 -28.71 -23.58
C SER B 397 9.06 -28.59 -22.08
N ARG B 398 9.02 -29.72 -21.38
CA ARG B 398 8.83 -29.74 -19.94
C ARG B 398 9.78 -30.64 -19.20
N THR B 399 10.22 -30.24 -18.02
CA THR B 399 11.11 -31.04 -17.20
C THR B 399 10.25 -31.73 -16.21
N LEU B 400 10.42 -33.04 -16.06
CA LEU B 400 9.59 -33.81 -15.17
C LEU B 400 10.13 -33.73 -13.78
N CYS B 401 9.28 -33.63 -12.77
CA CYS B 401 9.74 -33.45 -11.40
C CYS B 401 10.63 -34.60 -11.02
N PRO B 402 11.80 -34.28 -10.49
CA PRO B 402 12.75 -35.36 -10.23
C PRO B 402 12.57 -36.08 -8.93
N SER B 403 12.89 -37.37 -8.92
CA SER B 403 12.84 -38.12 -7.68
C SER B 403 14.27 -38.40 -7.25
N GLU B 404 14.62 -37.97 -6.04
CA GLU B 404 15.98 -38.12 -5.53
C GLU B 404 16.05 -39.36 -4.64
N ALA B 405 16.91 -40.29 -5.03
CA ALA B 405 17.07 -41.52 -4.28
C ALA B 405 18.02 -41.33 -3.14
N THR B 406 17.56 -41.59 -1.93
CA THR B 406 18.43 -41.51 -0.77
C THR B 406 19.30 -42.77 -0.76
N ASN B 407 20.36 -42.77 0.03
CA ASN B 407 21.24 -43.92 0.06
C ASN B 407 20.47 -45.15 0.53
N GLU B 408 19.58 -44.98 1.49
CA GLU B 408 18.81 -46.10 2.03
C GLU B 408 17.92 -46.75 0.99
N THR B 409 17.26 -45.94 0.17
CA THR B 409 16.40 -46.48 -0.88
C THR B 409 17.23 -47.25 -1.90
N GLY B 410 18.42 -46.76 -2.20
CA GLY B 410 19.29 -47.43 -3.15
C GLY B 410 18.98 -46.98 -4.56
N PRO B 411 19.55 -47.69 -5.53
CA PRO B 411 19.27 -47.35 -6.92
C PRO B 411 17.79 -47.54 -7.19
N LEU B 412 17.14 -46.59 -7.83
CA LEU B 412 15.72 -46.69 -8.09
C LEU B 412 15.46 -46.78 -9.56
N GLN B 413 14.76 -47.83 -9.97
CA GLN B 413 14.44 -47.98 -11.37
C GLN B 413 13.11 -47.31 -11.62
N GLN B 414 13.12 -46.28 -12.45
CA GLN B 414 11.92 -45.50 -12.72
C GLN B 414 11.51 -45.64 -14.17
N LEU B 415 10.21 -45.59 -14.41
CA LEU B 415 9.62 -45.78 -15.73
C LEU B 415 8.71 -44.59 -16.06
N ILE B 416 8.90 -44.02 -17.24
CA ILE B 416 8.09 -42.90 -17.71
C ILE B 416 7.28 -43.38 -18.91
N PHE B 417 6.01 -43.01 -18.95
CA PHE B 417 5.15 -43.26 -20.09
C PHE B 417 4.79 -41.92 -20.73
N VAL B 418 5.09 -41.79 -22.02
CA VAL B 418 4.71 -40.61 -22.80
C VAL B 418 3.66 -41.05 -23.81
N ASP B 419 2.41 -40.68 -23.56
CA ASP B 419 1.29 -41.02 -24.43
C ASP B 419 0.96 -39.82 -25.30
N VAL B 420 0.92 -40.02 -26.61
CA VAL B 420 0.62 -38.97 -27.57
C VAL B 420 -0.67 -39.34 -28.29
N ALA B 421 -1.63 -38.42 -28.30
CA ALA B 421 -2.92 -38.68 -28.90
C ALA B 421 -3.45 -37.41 -29.54
N SER B 422 -4.37 -37.60 -30.49
CA SER B 422 -5.09 -36.50 -31.12
C SER B 422 -6.45 -37.00 -31.58
N MET B 423 -7.41 -36.10 -31.62
CA MET B 423 -8.75 -36.40 -32.11
C MET B 423 -8.96 -35.93 -33.54
N ALA B 424 -7.88 -35.60 -34.24
CA ALA B 424 -8.00 -35.13 -35.62
C ALA B 424 -8.51 -36.26 -36.50
N PRO B 425 -9.40 -35.95 -37.46
CA PRO B 425 -9.86 -37.01 -38.37
C PRO B 425 -8.79 -37.47 -39.33
N LEU B 426 -8.00 -36.53 -39.84
CA LEU B 426 -6.85 -36.87 -40.66
C LEU B 426 -5.79 -36.79 -39.59
N GLY B 427 -4.75 -37.58 -39.66
CA GLY B 427 -3.79 -37.65 -38.57
C GLY B 427 -2.97 -36.38 -38.44
N ALA B 428 -2.57 -36.04 -37.20
CA ALA B 428 -1.73 -34.88 -36.94
C ALA B 428 -0.31 -35.29 -36.59
N GLN B 429 0.68 -34.78 -37.30
CA GLN B 429 2.07 -35.11 -37.04
C GLN B 429 2.67 -34.47 -35.81
N TYR B 430 3.66 -35.14 -35.21
CA TYR B 430 4.34 -34.62 -34.03
C TYR B 430 5.75 -35.12 -34.03
N LYS B 431 6.62 -34.50 -33.24
CA LYS B 431 7.99 -34.99 -33.06
C LYS B 431 8.27 -35.04 -31.56
N LEU B 432 8.85 -36.12 -31.07
CA LEU B 432 9.12 -36.29 -29.64
C LEU B 432 10.56 -36.55 -29.29
N LEU B 433 11.13 -35.78 -28.39
CA LEU B 433 12.46 -36.08 -27.92
C LEU B 433 12.42 -36.09 -26.42
N VAL B 434 12.80 -37.20 -25.82
CA VAL B 434 12.88 -37.24 -24.36
C VAL B 434 14.36 -37.36 -24.03
N THR B 435 14.86 -36.50 -23.16
CA THR B 435 16.26 -36.49 -22.81
C THR B 435 16.49 -36.39 -21.32
N LYS B 436 17.66 -36.79 -20.86
CA LYS B 436 18.01 -36.63 -19.47
C LYS B 436 18.88 -35.40 -19.34
N LEU B 437 18.61 -34.54 -18.37
CA LEU B 437 19.33 -33.28 -18.20
C LEU B 437 20.61 -33.54 -17.43
N LYS B 438 21.75 -33.37 -18.10
CA LYS B 438 23.04 -33.64 -17.48
C LYS B 438 23.46 -32.50 -16.56
N HIS B 439 22.89 -31.31 -16.74
CA HIS B 439 23.22 -30.13 -15.95
C HIS B 439 22.01 -29.59 -15.21
N PHE B 440 21.23 -30.49 -14.61
CA PHE B 440 20.09 -30.07 -13.81
C PHE B 440 20.52 -29.40 -12.51
N GLN B 441 21.59 -29.91 -11.90
CA GLN B 441 22.05 -29.37 -10.62
C GLN B 441 22.94 -28.17 -10.83
N LEU B 442 22.61 -27.07 -10.16
CA LEU B 442 23.37 -25.83 -10.24
C LEU B 442 24.45 -25.81 -9.16
N ARG B 443 25.65 -25.39 -9.54
CA ARG B 443 26.80 -25.37 -8.65
C ARG B 443 27.07 -23.94 -8.19
N THR B 444 27.75 -23.82 -7.06
CA THR B 444 28.02 -22.52 -6.47
C THR B 444 29.14 -21.81 -7.21
N ASN B 445 28.98 -20.51 -7.43
CA ASN B 445 29.97 -19.66 -8.09
C ASN B 445 30.27 -20.11 -9.51
N VAL B 446 29.34 -20.82 -10.13
CA VAL B 446 29.48 -21.27 -11.51
C VAL B 446 28.32 -20.68 -12.33
N ALA B 447 28.67 -20.02 -13.43
CA ALA B 447 27.67 -19.40 -14.29
C ALA B 447 27.16 -20.44 -15.28
N PHE B 448 25.84 -20.55 -15.37
CA PHE B 448 25.22 -21.51 -16.27
C PHE B 448 24.35 -20.79 -17.26
N HIS B 449 24.54 -21.06 -18.53
CA HIS B 449 23.78 -20.40 -19.56
C HIS B 449 22.74 -21.34 -20.11
N PHE B 450 21.51 -20.87 -20.24
CA PHE B 450 20.44 -21.69 -20.79
C PHE B 450 19.48 -20.86 -21.62
N THR B 451 18.44 -21.49 -22.16
CA THR B 451 17.44 -20.78 -22.93
C THR B 451 16.05 -21.23 -22.48
N ALA B 452 15.11 -20.30 -22.41
CA ALA B 452 13.74 -20.59 -22.05
C ALA B 452 12.79 -19.87 -23.01
N SER B 453 11.61 -20.44 -23.15
CA SER B 453 10.58 -19.95 -24.07
C SER B 453 9.25 -19.92 -23.32
N PRO B 454 8.24 -19.19 -23.78
CA PRO B 454 6.94 -19.26 -23.11
C PRO B 454 6.37 -20.66 -23.03
N SER B 455 6.59 -21.48 -24.05
CA SER B 455 6.13 -22.86 -24.05
C SER B 455 7.18 -23.84 -23.55
N GLN B 456 8.39 -23.39 -23.26
CA GLN B 456 9.48 -24.26 -22.81
C GLN B 456 10.10 -23.71 -21.54
N PRO B 457 9.42 -23.84 -20.41
CA PRO B 457 10.00 -23.38 -19.14
C PRO B 457 11.09 -24.31 -18.65
N GLN B 458 12.03 -23.74 -17.90
CA GLN B 458 13.14 -24.49 -17.34
C GLN B 458 13.24 -24.24 -15.86
N TYR B 459 13.66 -25.26 -15.11
CA TYR B 459 14.02 -25.11 -13.72
C TYR B 459 15.18 -26.03 -13.39
N PHE B 460 15.93 -25.66 -12.35
CA PHE B 460 17.15 -26.35 -11.97
C PHE B 460 17.19 -26.52 -10.46
N LEU B 461 18.11 -27.37 -10.01
CA LEU B 461 18.23 -27.73 -8.61
C LEU B 461 19.51 -27.13 -8.03
N TYR B 462 19.40 -26.58 -6.82
CA TYR B 462 20.56 -26.15 -6.04
C TYR B 462 20.46 -26.72 -4.64
N LYS B 463 21.56 -27.27 -4.16
CA LYS B 463 21.67 -27.78 -2.79
C LYS B 463 22.62 -26.89 -2.00
N PHE B 464 22.16 -26.38 -0.87
CA PHE B 464 22.97 -25.49 -0.05
C PHE B 464 24.16 -26.24 0.51
N PRO B 465 25.37 -25.71 0.30
CA PRO B 465 26.57 -26.31 0.86
C PRO B 465 26.56 -26.08 2.37
N LYS B 466 27.26 -26.91 3.13
CA LYS B 466 27.23 -26.80 4.58
C LYS B 466 27.69 -25.45 5.08
N ASP B 467 28.83 -24.99 4.61
CA ASP B 467 29.35 -23.71 5.05
C ASP B 467 28.45 -22.56 4.67
N VAL B 468 27.93 -22.58 3.45
CA VAL B 468 27.07 -21.51 2.98
C VAL B 468 25.75 -21.56 3.70
N ASP B 469 25.34 -20.46 4.29
CA ASP B 469 24.05 -20.41 4.96
C ASP B 469 23.11 -19.50 4.23
N SER B 470 23.58 -18.91 3.13
CA SER B 470 22.70 -18.06 2.35
C SER B 470 23.33 -17.82 0.99
N VAL B 471 22.50 -17.72 -0.04
CA VAL B 471 22.95 -17.54 -1.41
C VAL B 471 22.15 -16.43 -2.07
N ILE B 472 22.69 -15.87 -3.14
CA ILE B 472 22.00 -14.91 -4.00
C ILE B 472 21.91 -15.51 -5.40
N ILE B 473 20.73 -15.44 -5.99
CA ILE B 473 20.49 -15.95 -7.33
C ILE B 473 20.52 -14.78 -8.29
N LYS B 474 21.59 -14.67 -9.07
CA LYS B 474 21.75 -13.60 -10.03
C LYS B 474 21.53 -14.13 -11.43
N VAL B 475 20.49 -13.64 -12.10
CA VAL B 475 20.15 -14.02 -13.45
C VAL B 475 20.37 -12.82 -14.35
N VAL B 476 21.08 -13.03 -15.45
CA VAL B 476 21.43 -11.97 -16.38
C VAL B 476 20.93 -12.34 -17.77
N SER B 477 20.42 -11.35 -18.50
CA SER B 477 20.04 -11.52 -19.89
C SER B 477 20.63 -10.37 -20.70
N GLU B 478 20.99 -10.68 -21.95
CA GLU B 478 21.57 -9.66 -22.82
C GLU B 478 20.53 -8.67 -23.30
N MET B 479 19.31 -9.14 -23.53
CA MET B 479 18.22 -8.33 -24.08
C MET B 479 17.12 -8.20 -23.05
N ALA B 480 16.34 -7.12 -23.16
CA ALA B 480 15.28 -6.87 -22.19
C ALA B 480 14.08 -7.79 -22.41
N TYR B 481 13.75 -8.07 -23.66
CA TYR B 481 12.58 -8.88 -23.97
C TYR B 481 12.96 -10.12 -24.75
N PRO B 482 12.20 -11.22 -24.62
CA PRO B 482 10.97 -11.41 -23.84
C PRO B 482 11.24 -11.31 -22.34
N CYS B 483 10.27 -10.94 -21.50
CA CYS B 483 10.58 -10.81 -20.10
C CYS B 483 10.12 -12.05 -19.34
N SER B 484 10.83 -12.34 -18.25
CA SER B 484 10.72 -13.63 -17.59
C SER B 484 10.24 -13.46 -16.16
N VAL B 485 10.04 -14.59 -15.50
CA VAL B 485 9.79 -14.66 -14.07
C VAL B 485 10.71 -15.71 -13.48
N VAL B 486 11.52 -15.31 -12.50
CA VAL B 486 12.44 -16.21 -11.83
C VAL B 486 11.84 -16.55 -10.48
N SER B 487 11.50 -17.82 -10.27
CA SER B 487 10.82 -18.26 -9.07
C SER B 487 11.66 -19.31 -8.34
N VAL B 488 11.68 -19.21 -7.02
CA VAL B 488 12.40 -20.15 -6.16
C VAL B 488 11.37 -20.94 -5.39
N GLN B 489 11.44 -22.26 -5.49
CA GLN B 489 10.47 -23.15 -4.90
C GLN B 489 11.17 -24.30 -4.19
N ASN B 490 10.49 -24.85 -3.19
CA ASN B 490 11.05 -25.97 -2.44
C ASN B 490 11.04 -27.23 -3.29
N ILE B 491 11.76 -28.25 -2.82
CA ILE B 491 11.89 -29.49 -3.57
C ILE B 491 10.72 -30.40 -3.22
N MET B 492 9.59 -30.19 -3.90
CA MET B 492 8.39 -30.97 -3.71
C MET B 492 7.61 -30.96 -5.02
N CYS B 493 7.03 -32.10 -5.36
CA CYS B 493 6.24 -32.08 -6.58
C CYS B 493 4.80 -31.70 -6.27
N PRO B 494 4.13 -31.00 -7.18
CA PRO B 494 4.59 -30.56 -8.51
C PRO B 494 5.46 -29.31 -8.44
N VAL B 495 6.19 -29.03 -9.53
CA VAL B 495 6.88 -27.77 -9.71
C VAL B 495 6.00 -26.87 -10.56
N TYR B 496 5.76 -25.66 -10.09
CA TYR B 496 4.89 -24.72 -10.79
C TYR B 496 5.72 -23.91 -11.78
N ASP B 497 5.79 -24.39 -13.03
CA ASP B 497 6.62 -23.81 -14.06
C ASP B 497 5.81 -23.20 -15.19
N LEU B 498 4.52 -22.99 -14.98
CA LEU B 498 3.66 -22.33 -15.95
C LEU B 498 3.27 -20.95 -15.44
N ASP B 499 2.98 -20.05 -16.38
CA ASP B 499 2.72 -18.67 -16.00
C ASP B 499 1.44 -18.55 -15.19
N HIS B 500 0.60 -19.58 -15.21
CA HIS B 500 -0.67 -19.50 -14.49
C HIS B 500 -0.56 -20.07 -13.09
N ASN B 501 0.60 -20.62 -12.72
CA ASN B 501 0.80 -21.11 -11.36
C ASN B 501 2.20 -20.81 -10.82
N VAL B 502 3.05 -20.11 -11.56
CA VAL B 502 4.43 -19.91 -11.12
C VAL B 502 4.47 -19.02 -9.87
N GLU B 503 3.55 -18.06 -9.77
CA GLU B 503 3.54 -17.13 -8.65
C GLU B 503 2.76 -17.66 -7.45
N PHE B 504 2.31 -18.92 -7.49
CA PHE B 504 1.52 -19.47 -6.40
C PHE B 504 2.38 -19.73 -5.17
N ASN B 505 3.57 -20.30 -5.35
CA ASN B 505 4.39 -20.77 -4.24
C ASN B 505 5.80 -20.21 -4.36
N GLY B 506 6.40 -19.88 -3.21
CA GLY B 506 7.78 -19.49 -3.16
C GLY B 506 8.02 -18.04 -3.54
N VAL B 507 9.30 -17.70 -3.55
CA VAL B 507 9.73 -16.35 -3.94
C VAL B 507 9.79 -16.26 -5.46
N TYR B 508 9.51 -15.07 -5.99
CA TYR B 508 9.64 -14.85 -7.43
C TYR B 508 9.93 -13.39 -7.72
N GLN B 509 10.58 -13.13 -8.85
CA GLN B 509 10.87 -11.78 -9.34
C GLN B 509 10.56 -11.72 -10.82
N SER B 510 10.07 -10.57 -11.27
CA SER B 510 9.99 -10.30 -12.70
C SER B 510 11.35 -9.83 -13.21
N MET B 511 11.66 -10.19 -14.45
CA MET B 511 12.99 -9.97 -14.98
C MET B 511 12.93 -9.59 -16.45
N THR B 512 13.58 -8.48 -16.79
CA THR B 512 13.85 -8.15 -18.19
C THR B 512 15.31 -8.44 -18.51
N LYS B 513 16.23 -7.83 -17.76
CA LYS B 513 17.65 -8.00 -18.04
C LYS B 513 18.37 -8.64 -16.85
N LYS B 514 18.00 -8.26 -15.63
CA LYS B 514 18.68 -8.73 -14.44
C LYS B 514 17.66 -9.05 -13.34
N ALA B 515 18.05 -10.00 -12.48
CA ALA B 515 17.26 -10.38 -11.32
C ALA B 515 18.17 -10.90 -10.22
N ALA B 516 17.84 -10.60 -8.97
CA ALA B 516 18.64 -11.05 -7.83
C ALA B 516 17.71 -11.44 -6.68
N ILE B 517 17.77 -12.71 -6.29
CA ILE B 517 16.95 -13.22 -5.19
C ILE B 517 17.89 -13.73 -4.10
N THR B 518 17.70 -13.22 -2.89
CA THR B 518 18.49 -13.63 -1.73
C THR B 518 17.71 -14.64 -0.91
N LEU B 519 18.33 -15.76 -0.60
CA LEU B 519 17.68 -16.84 0.13
C LEU B 519 18.53 -17.24 1.32
N GLN B 520 17.88 -17.82 2.32
CA GLN B 520 18.55 -18.35 3.50
C GLN B 520 18.27 -19.84 3.61
N LYS B 521 19.25 -20.56 4.16
CA LYS B 521 19.13 -22.01 4.29
C LYS B 521 17.97 -22.40 5.19
N LYS B 522 17.70 -21.61 6.23
CA LYS B 522 16.69 -21.96 7.21
C LYS B 522 15.30 -21.98 6.58
N ASP B 523 15.11 -21.25 5.47
CA ASP B 523 13.79 -21.18 4.86
C ASP B 523 13.44 -22.47 4.13
N PHE B 524 14.46 -23.19 3.67
CA PHE B 524 14.23 -24.37 2.85
C PHE B 524 14.53 -25.71 3.48
N PRO B 525 13.53 -26.59 3.55
CA PRO B 525 13.75 -27.93 4.07
C PRO B 525 14.60 -28.76 3.13
N GLY B 526 15.59 -29.46 3.65
CA GLY B 526 16.46 -30.27 2.84
C GLY B 526 17.63 -29.49 2.31
N GLU B 527 17.70 -28.19 2.62
CA GLU B 527 18.75 -27.32 2.09
C GLU B 527 18.85 -27.40 0.58
N GLN B 528 17.70 -27.42 -0.10
CA GLN B 528 17.66 -27.39 -1.55
C GLN B 528 16.41 -26.66 -2.02
N PHE B 529 16.50 -26.14 -3.24
CA PHE B 529 15.37 -25.45 -3.85
C PHE B 529 15.43 -25.61 -5.35
N PHE B 530 14.39 -25.21 -6.04
CA PHE B 530 14.34 -25.26 -7.48
C PHE B 530 14.28 -23.84 -7.96
N VAL B 531 15.08 -23.47 -8.94
CA VAL B 531 15.00 -22.13 -9.50
C VAL B 531 14.23 -22.26 -10.79
N VAL B 532 13.07 -21.63 -10.87
CA VAL B 532 12.19 -21.79 -12.00
C VAL B 532 12.20 -20.57 -12.88
N PHE B 533 12.33 -20.78 -14.17
CA PHE B 533 12.40 -19.69 -15.13
C PHE B 533 11.23 -19.81 -16.10
N VAL B 534 10.32 -18.85 -16.03
CA VAL B 534 9.11 -18.84 -16.85
C VAL B 534 9.10 -17.56 -17.68
N ILE B 535 8.90 -17.72 -18.98
CA ILE B 535 8.89 -16.60 -19.92
C ILE B 535 7.44 -16.24 -20.19
N LYS B 536 7.12 -14.96 -20.09
CA LYS B 536 5.75 -14.51 -20.27
C LYS B 536 5.41 -14.42 -21.76
N PRO B 537 4.20 -14.80 -22.16
CA PRO B 537 3.81 -14.66 -23.57
C PRO B 537 3.78 -13.21 -24.04
N GLU B 538 3.63 -12.26 -23.13
CA GLU B 538 3.59 -10.84 -23.46
C GLU B 538 4.49 -10.06 -22.53
N ASP B 539 4.78 -8.82 -22.91
CA ASP B 539 5.75 -7.98 -22.21
C ASP B 539 5.10 -6.89 -21.38
N TYR B 540 3.79 -7.01 -21.09
CA TYR B 540 3.08 -5.90 -20.46
C TYR B 540 3.50 -5.71 -19.02
N ALA B 541 3.60 -6.79 -18.24
CA ALA B 541 3.94 -6.66 -16.82
C ALA B 541 5.33 -6.09 -16.63
N CYS B 542 6.15 -6.12 -17.67
CA CYS B 542 7.53 -5.67 -17.56
C CYS B 542 7.75 -4.45 -18.44
N GLY B 543 6.75 -3.57 -18.53
CA GLY B 543 6.87 -2.37 -19.34
C GLY B 543 7.12 -2.47 -20.83
N GLY B 544 6.46 -3.42 -21.49
CA GLY B 544 6.67 -3.64 -22.91
C GLY B 544 5.39 -3.65 -23.70
N SER B 545 5.48 -3.38 -25.00
CA SER B 545 4.28 -3.28 -25.83
C SER B 545 3.40 -4.49 -26.08
N PHE B 546 3.95 -5.67 -26.37
CA PHE B 546 3.18 -6.91 -26.67
C PHE B 546 4.00 -7.99 -27.36
N PHE B 547 3.32 -9.00 -27.92
CA PHE B 547 3.98 -10.12 -28.59
C PHE B 547 4.70 -11.03 -27.62
N ASN B 557 3.31 -16.01 -30.98
CA ASN B 557 2.92 -17.10 -31.83
C ASN B 557 4.17 -17.76 -32.31
N LEU B 558 5.30 -17.15 -32.03
CA LEU B 558 6.55 -17.70 -32.52
C LEU B 558 7.46 -17.70 -31.34
N GLN B 559 8.55 -18.45 -31.41
CA GLN B 559 9.38 -18.59 -30.25
C GLN B 559 9.86 -17.27 -29.68
N ARG B 560 9.76 -17.13 -28.37
CA ARG B 560 10.26 -15.94 -27.72
C ARG B 560 11.35 -16.47 -26.84
N LYS B 561 12.44 -16.89 -27.44
CA LYS B 561 13.52 -17.47 -26.68
C LYS B 561 14.28 -16.43 -25.93
N LYS B 562 14.52 -16.67 -24.65
CA LYS B 562 15.29 -15.77 -23.81
C LYS B 562 16.56 -16.50 -23.39
N ASN B 563 17.71 -16.00 -23.82
CA ASN B 563 18.97 -16.54 -23.37
C ASN B 563 19.29 -16.03 -21.97
N LEU B 564 19.43 -16.93 -21.01
CA LEU B 564 19.60 -16.58 -19.61
C LEU B 564 20.84 -17.23 -19.05
N GLU B 565 21.46 -16.53 -18.10
CA GLU B 565 22.62 -17.04 -17.40
C GLU B 565 22.28 -16.85 -15.94
N VAL B 566 22.46 -17.87 -15.12
CA VAL B 566 22.16 -17.85 -13.69
C VAL B 566 23.39 -18.33 -12.95
N THR B 567 23.81 -17.57 -11.94
CA THR B 567 24.89 -17.96 -11.05
C THR B 567 24.40 -17.90 -9.62
N ILE B 568 24.77 -18.89 -8.82
CA ILE B 568 24.40 -18.94 -7.41
C ILE B 568 25.63 -18.59 -6.60
N VAL B 569 25.63 -17.42 -5.99
CA VAL B 569 26.80 -16.99 -5.22
C VAL B 569 26.43 -16.94 -3.74
N PRO B 570 27.32 -17.34 -2.83
CA PRO B 570 27.04 -17.18 -1.41
C PRO B 570 27.01 -15.71 -1.03
N SER B 571 26.16 -15.39 -0.06
CA SER B 571 26.09 -14.02 0.40
C SER B 571 27.26 -13.70 1.32
N ILE B 572 27.38 -12.41 1.68
CA ILE B 572 28.45 -11.99 2.57
C ILE B 572 28.27 -12.63 3.94
N LYS B 573 29.40 -12.88 4.59
CA LYS B 573 29.35 -13.49 5.91
C LYS B 573 28.93 -12.48 6.97
N GLU B 574 28.66 -12.96 8.18
CA GLU B 574 28.22 -12.09 9.25
C GLU B 574 29.34 -11.14 9.69
N SER B 575 30.59 -11.47 9.41
CA SER B 575 31.70 -10.58 9.74
C SER B 575 31.63 -9.28 8.96
N VAL B 576 31.13 -9.34 7.72
CA VAL B 576 30.99 -8.13 6.91
C VAL B 576 29.97 -7.18 7.52
N TYR B 577 28.94 -7.74 8.16
CA TYR B 577 27.97 -6.91 8.87
C TYR B 577 28.62 -6.15 10.01
N VAL B 578 29.48 -6.83 10.77
CA VAL B 578 30.12 -6.20 11.93
C VAL B 578 31.11 -5.14 11.49
N LYS B 579 31.91 -5.44 10.48
CA LYS B 579 32.93 -4.50 10.02
C LYS B 579 32.30 -3.25 9.43
N SER B 580 31.16 -3.37 8.77
CA SER B 580 30.50 -2.22 8.15
C SER B 580 29.74 -1.36 9.13
N SER B 581 29.09 -1.97 10.12
CA SER B 581 28.43 -1.19 11.15
C SER B 581 29.43 -0.39 11.97
N LEU B 582 30.55 -1.01 12.31
CA LEU B 582 31.59 -0.30 13.04
C LEU B 582 32.16 0.84 12.21
N PHE B 583 32.35 0.61 10.92
CA PHE B 583 32.87 1.65 10.06
C PHE B 583 31.92 2.84 10.02
N SER B 584 30.63 2.59 9.91
CA SER B 584 29.69 3.68 9.78
C SER B 584 29.69 4.54 11.03
N VAL B 585 29.69 3.92 12.20
CA VAL B 585 29.70 4.68 13.42
C VAL B 585 31.01 5.45 13.56
N PHE B 586 32.11 4.78 13.29
CA PHE B 586 33.43 5.39 13.47
C PHE B 586 33.81 6.57 12.62
N ILE B 587 33.43 6.60 11.35
CA ILE B 587 33.73 7.77 10.57
C ILE B 587 33.01 8.98 11.14
N PHE B 588 31.75 8.81 11.51
CA PHE B 588 31.00 9.88 12.14
C PHE B 588 31.44 10.26 13.55
N LEU B 589 31.84 9.28 14.36
CA LEU B 589 32.38 9.56 15.68
C LEU B 589 33.75 10.22 15.58
N SER B 590 34.44 10.05 14.46
CA SER B 590 35.73 10.70 14.25
C SER B 590 35.51 12.18 14.26
N PHE B 591 34.39 12.63 13.70
CA PHE B 591 34.06 14.04 13.73
C PHE B 591 33.92 14.50 15.16
N TYR B 592 33.30 13.70 16.01
CA TYR B 592 33.18 14.02 17.43
C TYR B 592 34.55 14.20 18.05
N LEU B 593 35.47 13.28 17.78
CA LEU B 593 36.85 13.44 18.26
C LEU B 593 37.47 14.72 17.73
N GLY B 594 37.24 15.03 16.45
CA GLY B 594 37.79 16.26 15.90
C GLY B 594 37.24 17.50 16.57
N CYS B 595 35.96 17.49 16.92
CA CYS B 595 35.38 18.61 17.64
C CYS B 595 35.91 18.64 19.06
N LEU B 596 36.16 17.47 19.64
CA LEU B 596 36.74 17.41 20.98
C LEU B 596 38.14 18.01 21.00
N LEU B 597 38.95 17.71 19.98
CA LEU B 597 40.31 18.25 19.92
C LEU B 597 40.29 19.77 19.80
N VAL B 598 39.40 20.32 18.98
CA VAL B 598 39.28 21.77 18.85
C VAL B 598 38.81 22.38 20.15
N GLY B 599 37.82 21.76 20.78
CA GLY B 599 37.30 22.25 22.04
C GLY B 599 38.37 22.24 23.11
N PHE B 600 39.20 21.20 23.11
CA PHE B 600 40.29 21.12 24.07
C PHE B 600 41.28 22.27 23.93
N VAL B 601 41.63 22.63 22.69
CA VAL B 601 42.55 23.74 22.46
C VAL B 601 41.97 25.06 22.99
N HIS B 602 40.68 25.29 22.77
CA HIS B 602 40.07 26.50 23.33
C HIS B 602 40.06 26.49 24.85
N TYR B 603 39.73 25.35 25.46
CA TYR B 603 39.76 25.23 26.92
C TYR B 603 41.16 25.55 27.45
N LEU B 604 42.20 25.12 26.74
CA LEU B 604 43.56 25.47 27.13
C LEU B 604 43.80 26.97 27.02
N ARG B 605 43.29 27.59 25.97
CA ARG B 605 43.44 29.04 25.81
C ARG B 605 42.68 29.79 26.90
N PHE B 606 41.48 29.33 27.25
CA PHE B 606 40.68 30.02 28.26
C PHE B 606 41.34 29.98 29.62
N GLN B 607 41.84 28.81 30.03
CA GLN B 607 42.48 28.69 31.33
C GLN B 607 43.81 29.42 31.36
N ARG B 608 44.58 29.35 30.27
CA ARG B 608 45.87 30.03 30.22
C ARG B 608 45.69 31.55 30.25
N LYS B 609 44.66 32.06 29.57
CA LYS B 609 44.41 33.49 29.54
C LYS B 609 43.86 33.98 30.87
N LYS B 711 12.77 31.33 13.78
CA LYS B 711 13.99 31.82 14.39
C LYS B 711 13.86 31.79 15.89
N TYR B 712 13.24 30.75 16.44
CA TYR B 712 12.97 30.76 17.90
C TYR B 712 12.92 29.40 18.59
N LYS B 713 12.67 29.39 19.89
CA LYS B 713 12.69 28.13 20.66
C LYS B 713 11.58 27.13 20.36
N ILE B 714 10.53 27.59 19.70
CA ILE B 714 9.46 26.67 19.34
C ILE B 714 9.84 25.99 18.05
N TYR B 715 10.99 26.36 17.49
CA TYR B 715 11.46 25.75 16.25
C TYR B 715 12.10 24.37 16.37
N PHE B 716 12.83 24.10 17.45
CA PHE B 716 13.40 22.77 17.64
C PHE B 716 12.28 21.77 17.73
N TRP B 717 11.27 22.08 18.52
CA TRP B 717 10.10 21.21 18.65
C TRP B 717 9.23 21.13 17.40
N ASN B 718 9.11 22.23 16.68
CA ASN B 718 8.28 22.25 15.49
C ASN B 718 8.77 21.30 14.42
N ILE B 719 10.07 21.24 14.20
CA ILE B 719 10.64 20.35 13.18
C ILE B 719 10.34 18.92 13.60
N ILE B 720 10.40 18.63 14.89
CA ILE B 720 10.00 17.31 15.37
C ILE B 720 8.56 17.02 14.99
N THR B 721 7.64 17.91 15.34
CA THR B 721 6.23 17.68 15.08
C THR B 721 5.98 17.46 13.60
N ILE B 722 6.58 18.28 12.75
CA ILE B 722 6.42 18.15 11.32
C ILE B 722 6.94 16.81 10.84
N ALA B 723 8.08 16.38 11.35
CA ALA B 723 8.62 15.07 10.99
C ALA B 723 7.78 13.92 11.44
N VAL B 724 7.26 13.97 12.66
CA VAL B 724 6.38 12.92 13.19
C VAL B 724 5.08 12.86 12.42
N PHE B 725 4.51 14.01 12.09
CA PHE B 725 3.28 14.05 11.33
C PHE B 725 3.57 13.40 10.01
N TYR B 726 4.76 13.66 9.45
CA TYR B 726 5.14 13.09 8.19
C TYR B 726 5.63 11.64 8.34
N ALA B 727 6.09 11.22 9.50
CA ALA B 727 6.58 9.86 9.59
C ALA B 727 5.45 8.88 9.75
N LEU B 728 4.34 9.31 10.31
CA LEU B 728 3.26 8.36 10.57
C LEU B 728 2.70 7.65 9.35
N PRO B 729 2.45 8.39 8.25
CA PRO B 729 1.92 7.62 7.12
C PRO B 729 2.85 6.56 6.58
N VAL B 730 4.12 6.89 6.41
CA VAL B 730 5.06 5.95 5.83
C VAL B 730 5.23 4.73 6.73
N ILE B 731 5.33 4.94 8.03
CA ILE B 731 5.55 3.82 8.92
C ILE B 731 4.38 2.85 8.91
N GLN B 732 3.16 3.35 8.92
CA GLN B 732 2.00 2.48 8.86
C GLN B 732 1.99 1.72 7.55
N LEU B 733 2.35 2.40 6.47
CA LEU B 733 2.42 1.76 5.15
C LEU B 733 3.47 0.68 5.10
N VAL B 734 4.61 0.91 5.74
CA VAL B 734 5.69 -0.07 5.74
C VAL B 734 5.17 -1.42 6.20
N ILE B 735 4.50 -1.44 7.34
CA ILE B 735 3.93 -2.68 7.84
C ILE B 735 3.17 -3.41 6.77
N THR B 736 2.17 -2.77 6.17
CA THR B 736 1.35 -3.46 5.17
C THR B 736 2.09 -3.92 3.92
N TYR B 737 3.00 -3.11 3.38
CA TYR B 737 3.80 -3.57 2.25
C TYR B 737 4.74 -4.69 2.63
N GLN B 738 5.35 -4.59 3.81
CA GLN B 738 6.24 -5.63 4.26
C GLN B 738 5.45 -6.91 4.43
N THR B 739 4.22 -6.80 4.92
CA THR B 739 3.37 -7.97 5.04
C THR B 739 3.15 -8.65 3.69
N VAL B 740 2.78 -7.86 2.68
CA VAL B 740 2.36 -8.45 1.41
C VAL B 740 3.55 -9.08 0.69
N VAL B 741 4.74 -8.48 0.83
CA VAL B 741 5.94 -9.07 0.25
C VAL B 741 6.23 -10.42 0.88
N ASN B 742 6.15 -10.51 2.21
CA ASN B 742 6.49 -11.75 2.91
C ASN B 742 5.54 -12.88 2.56
N VAL B 743 4.24 -12.58 2.48
CA VAL B 743 3.26 -13.63 2.23
C VAL B 743 3.33 -14.10 0.78
N THR B 744 3.18 -13.17 -0.16
CA THR B 744 3.11 -13.54 -1.57
C THR B 744 4.46 -13.99 -2.11
N GLY B 745 5.55 -13.61 -1.45
CA GLY B 745 6.85 -13.83 -2.03
C GLY B 745 7.15 -12.95 -3.22
N ASN B 746 6.41 -11.85 -3.37
CA ASN B 746 6.56 -10.94 -4.49
C ASN B 746 7.65 -9.93 -4.17
N GLN B 747 8.82 -10.12 -4.76
CA GLN B 747 9.93 -9.23 -4.50
C GLN B 747 9.76 -8.02 -5.37
N ASP B 748 8.71 -8.01 -6.18
CA ASP B 748 8.41 -6.87 -7.04
C ASP B 748 8.00 -5.60 -6.33
N ILE B 749 7.33 -5.72 -5.21
CA ILE B 749 6.80 -4.55 -4.51
C ILE B 749 7.81 -3.49 -4.03
N CYS B 750 8.94 -3.90 -3.50
CA CYS B 750 9.89 -2.93 -2.96
C CYS B 750 11.05 -2.78 -3.90
N TYR B 751 11.39 -1.56 -4.25
CA TYR B 751 12.44 -1.30 -5.21
C TYR B 751 13.79 -1.22 -4.58
N TYR B 752 14.30 -2.34 -4.10
CA TYR B 752 15.62 -2.40 -3.52
C TYR B 752 16.69 -2.49 -4.58
N ASN B 753 17.94 -2.28 -4.20
CA ASN B 753 19.05 -2.47 -5.13
C ASN B 753 19.21 -3.93 -5.42
N PHE B 754 18.85 -4.83 -4.52
CA PHE B 754 18.86 -6.28 -4.81
C PHE B 754 20.25 -6.84 -4.96
N LEU B 755 21.05 -6.28 -5.86
CA LEU B 755 22.44 -6.67 -5.99
C LEU B 755 23.17 -6.32 -4.69
N CYS B 756 22.80 -5.23 -4.04
CA CYS B 756 23.33 -4.95 -2.69
C CYS B 756 22.20 -4.68 -1.76
N ALA B 757 21.48 -5.73 -1.39
CA ALA B 757 20.45 -5.59 -0.39
C ALA B 757 20.90 -6.59 0.63
N HIS B 758 21.21 -6.14 1.83
CA HIS B 758 21.72 -7.03 2.85
C HIS B 758 20.71 -7.18 3.97
N PRO B 759 20.21 -8.41 4.24
CA PRO B 759 19.12 -8.51 5.21
C PRO B 759 19.48 -8.69 6.67
N LEU B 760 18.94 -7.86 7.55
CA LEU B 760 19.13 -8.10 8.97
C LEU B 760 17.75 -8.20 9.53
N GLY B 761 17.42 -9.34 10.12
CA GLY B 761 16.11 -9.55 10.66
C GLY B 761 15.03 -9.34 9.63
N VAL B 762 14.02 -8.57 9.97
CA VAL B 762 12.94 -8.26 9.04
C VAL B 762 13.41 -7.45 7.84
N LEU B 763 14.38 -6.56 8.04
CA LEU B 763 14.82 -5.68 6.96
C LEU B 763 15.46 -6.38 5.80
N SER B 764 14.92 -6.17 4.61
CA SER B 764 15.49 -6.74 3.40
C SER B 764 16.80 -6.09 3.05
N ALA B 765 16.89 -4.78 3.26
CA ALA B 765 18.12 -4.04 2.97
C ALA B 765 18.55 -3.24 4.18
N PHE B 766 19.22 -3.89 5.12
CA PHE B 766 19.74 -3.21 6.31
C PHE B 766 20.78 -2.16 5.97
N ASN B 767 21.56 -2.38 4.94
CA ASN B 767 22.63 -1.47 4.59
C ASN B 767 22.11 -0.08 4.33
N ASN B 768 20.95 0.02 3.70
CA ASN B 768 20.35 1.30 3.38
C ASN B 768 20.01 2.08 4.63
N ILE B 769 19.46 1.41 5.63
CA ILE B 769 19.17 2.04 6.90
C ILE B 769 20.42 2.48 7.66
N LEU B 770 21.45 1.65 7.65
CA LEU B 770 22.69 1.96 8.34
C LEU B 770 23.38 3.20 7.77
N SER B 771 23.25 3.41 6.47
CA SER B 771 23.86 4.57 5.83
C SER B 771 23.28 5.90 6.32
N ASN B 772 22.07 5.87 6.88
CA ASN B 772 21.42 7.07 7.37
C ASN B 772 21.83 7.40 8.80
N LEU B 773 22.75 6.63 9.36
CA LEU B 773 23.28 6.89 10.70
C LEU B 773 24.01 8.21 10.83
N GLY B 774 24.72 8.61 9.81
CA GLY B 774 25.45 9.85 9.83
C GLY B 774 24.60 11.06 10.00
N HIS B 775 23.41 11.06 9.41
CA HIS B 775 22.52 12.16 9.54
C HIS B 775 22.19 12.35 11.00
N VAL B 776 21.87 11.27 11.68
CA VAL B 776 21.62 11.35 13.12
C VAL B 776 22.83 11.70 13.99
N LEU B 777 23.98 11.10 13.74
CA LEU B 777 25.19 11.43 14.48
C LEU B 777 25.72 12.82 14.21
N LEU B 778 25.77 13.20 12.94
CA LEU B 778 26.22 14.54 12.58
C LEU B 778 25.26 15.62 13.00
N GLY B 779 23.97 15.37 12.89
CA GLY B 779 22.97 16.31 13.37
C GLY B 779 23.06 16.49 14.87
N PHE B 780 23.29 15.43 15.62
CA PHE B 780 23.48 15.51 17.05
C PHE B 780 24.70 16.30 17.43
N LEU B 781 25.78 16.11 16.70
CA LEU B 781 27.03 16.82 16.96
C LEU B 781 26.82 18.29 16.79
N PHE B 782 26.06 18.66 15.77
CA PHE B 782 25.80 20.05 15.51
C PHE B 782 25.04 20.67 16.67
N LEU B 783 24.06 19.97 17.20
CA LEU B 783 23.29 20.46 18.33
C LEU B 783 24.20 20.69 19.52
N LEU B 784 25.13 19.79 19.78
CA LEU B 784 26.11 19.99 20.83
C LEU B 784 27.03 21.17 20.57
N ILE B 785 27.49 21.36 19.35
CA ILE B 785 28.30 22.53 18.99
C ILE B 785 27.54 23.83 19.15
N VAL B 786 26.29 23.86 18.69
CA VAL B 786 25.47 25.05 18.82
C VAL B 786 25.24 25.34 20.28
N LEU B 787 25.03 24.29 21.07
CA LEU B 787 24.76 24.47 22.47
C LEU B 787 25.92 25.10 23.21
N ARG B 788 27.13 24.69 22.91
CA ARG B 788 28.26 25.29 23.57
C ARG B 788 28.32 26.77 23.24
N ARG B 789 28.07 27.13 21.99
CA ARG B 789 28.04 28.53 21.59
C ARG B 789 26.96 29.29 22.34
N ASP B 790 25.78 28.70 22.47
CA ASP B 790 24.70 29.31 23.23
C ASP B 790 25.06 29.47 24.72
N ILE B 791 25.60 28.43 25.33
CA ILE B 791 25.98 28.49 26.73
C ILE B 791 27.06 29.52 26.95
N LEU B 792 28.06 29.52 26.08
CA LEU B 792 29.12 30.50 26.18
C LEU B 792 28.63 31.93 25.95
N HIS B 793 27.75 32.13 24.99
CA HIS B 793 27.19 33.44 24.75
C HIS B 793 26.39 33.90 25.92
N ARG B 794 25.57 33.03 26.47
CA ARG B 794 24.72 33.39 27.59
C ARG B 794 25.57 33.75 28.78
N ARG B 795 26.63 32.99 29.03
CA ARG B 795 27.52 33.35 30.11
C ARG B 795 28.19 34.70 29.88
N ALA B 796 28.63 34.97 28.65
CA ALA B 796 29.23 36.26 28.32
C ALA B 796 28.26 37.42 28.41
N LEU B 797 27.02 37.21 28.00
CA LEU B 797 26.00 38.25 28.12
C LEU B 797 25.78 38.57 29.59
N GLU B 798 25.76 37.55 30.44
CA GLU B 798 25.64 37.78 31.89
C GLU B 798 26.85 38.54 32.42
N ALA B 799 28.03 38.18 31.95
CA ALA B 799 29.26 38.87 32.36
C ALA B 799 29.32 40.25 31.75
N LYS B 800 28.43 40.54 30.82
CA LYS B 800 28.40 41.85 30.16
C LYS B 800 29.68 42.15 29.41
N ASP B 801 30.24 41.14 28.73
CA ASP B 801 31.43 41.35 27.94
C ASP B 801 31.07 42.36 26.87
N ILE B 802 31.96 43.32 26.63
CA ILE B 802 31.63 44.36 25.68
C ILE B 802 31.43 43.71 24.34
N PHE B 803 32.31 42.78 24.01
CA PHE B 803 32.21 42.11 22.72
C PHE B 803 30.95 41.28 22.56
N ALA B 804 30.52 40.58 23.60
CA ALA B 804 29.28 39.84 23.49
C ALA B 804 28.08 40.74 23.30
N VAL B 805 28.00 41.79 24.10
CA VAL B 805 26.89 42.73 23.98
C VAL B 805 26.84 43.68 22.78
N GLU B 806 27.94 44.35 22.44
CA GLU B 806 27.87 45.36 21.38
C GLU B 806 28.71 45.13 20.13
N TYR B 807 29.40 44.01 20.07
CA TYR B 807 30.28 43.78 18.95
C TYR B 807 29.82 42.55 18.22
N GLY B 808 29.76 42.63 16.90
CA GLY B 808 29.35 41.49 16.11
C GLY B 808 27.89 41.41 15.82
N ILE B 809 27.51 40.47 14.98
CA ILE B 809 26.11 40.28 14.61
C ILE B 809 25.34 39.71 15.77
N PRO B 810 24.09 40.16 15.98
CA PRO B 810 23.40 39.59 17.15
C PRO B 810 23.25 38.09 16.99
N LYS B 811 23.51 37.32 18.03
CA LYS B 811 23.48 35.86 17.88
C LYS B 811 22.21 35.18 18.33
N HIS B 812 21.55 34.50 17.39
CA HIS B 812 20.34 33.76 17.71
C HIS B 812 20.61 32.34 17.27
N PHE B 813 20.37 31.37 18.13
CA PHE B 813 20.70 30.00 17.81
C PHE B 813 19.52 29.07 17.52
N GLY B 814 18.32 29.60 17.46
CA GLY B 814 17.14 28.78 17.25
C GLY B 814 17.04 28.05 15.94
N LEU B 815 17.36 28.72 14.84
CA LEU B 815 17.35 28.07 13.54
C LEU B 815 18.41 27.01 13.48
N PHE B 816 19.53 27.24 14.14
CA PHE B 816 20.57 26.26 14.19
C PHE B 816 20.11 24.98 14.87
N TYR B 817 19.36 25.09 15.94
CA TYR B 817 18.80 23.90 16.59
C TYR B 817 17.84 23.17 15.69
N ALA B 818 17.02 23.89 14.95
CA ALA B 818 16.13 23.27 13.99
C ALA B 818 16.89 22.57 12.90
N MET B 819 17.98 23.16 12.43
CA MET B 819 18.80 22.55 11.40
C MET B 819 19.44 21.26 11.85
N GLY B 820 19.97 21.22 13.06
CA GLY B 820 20.54 20.02 13.58
C GLY B 820 19.53 18.93 13.77
N ILE B 821 18.38 19.28 14.31
CA ILE B 821 17.33 18.31 14.50
C ILE B 821 16.78 17.81 13.18
N ALA B 822 16.66 18.68 12.20
CA ALA B 822 16.18 18.31 10.89
C ALA B 822 17.09 17.30 10.21
N LEU B 823 18.39 17.44 10.40
CA LEU B 823 19.31 16.47 9.83
C LEU B 823 19.07 15.11 10.41
N MET B 824 18.86 15.04 11.71
CA MET B 824 18.54 13.77 12.35
C MET B 824 17.22 13.22 11.85
N MET B 825 16.22 14.07 11.71
CA MET B 825 14.93 13.66 11.20
C MET B 825 15.02 13.21 9.76
N GLU B 826 15.89 13.82 8.98
CA GLU B 826 16.11 13.35 7.61
C GLU B 826 16.65 11.93 7.61
N GLY B 827 17.55 11.62 8.52
CA GLY B 827 18.06 10.27 8.60
C GLY B 827 17.00 9.27 8.93
N VAL B 828 16.13 9.60 9.88
CA VAL B 828 15.03 8.70 10.22
C VAL B 828 14.03 8.51 9.10
N LEU B 829 13.66 9.57 8.41
CA LEU B 829 12.75 9.47 7.29
C LEU B 829 13.30 8.70 6.11
N SER B 830 14.57 8.92 5.79
CA SER B 830 15.21 8.16 4.73
C SER B 830 15.30 6.69 5.08
N ALA B 831 15.59 6.36 6.33
CA ALA B 831 15.65 4.98 6.75
C ALA B 831 14.31 4.32 6.61
N CYS B 832 13.24 5.02 6.93
CA CYS B 832 11.88 4.51 6.79
C CYS B 832 11.54 4.23 5.33
N TYR B 833 12.00 5.09 4.43
CA TYR B 833 11.79 4.88 3.01
C TYR B 833 12.45 3.60 2.60
N HIS B 834 13.62 3.34 3.12
CA HIS B 834 14.39 2.18 2.73
C HIS B 834 13.89 0.87 3.26
N VAL B 835 12.96 0.89 4.21
CA VAL B 835 12.36 -0.36 4.64
C VAL B 835 11.63 -0.94 3.44
N CYS B 836 10.93 -0.11 2.65
CA CYS B 836 10.32 -0.58 1.39
C CYS B 836 10.29 0.56 0.35
N PRO B 837 11.40 0.83 -0.37
CA PRO B 837 11.28 1.93 -1.34
C PRO B 837 10.34 1.56 -2.47
N ASN B 838 9.42 2.47 -2.79
CA ASN B 838 8.44 2.22 -3.84
C ASN B 838 7.73 3.53 -4.18
N TYR B 839 6.70 3.41 -5.01
CA TYR B 839 6.03 4.59 -5.55
C TYR B 839 5.28 5.36 -4.47
N SER B 840 4.80 4.67 -3.44
CA SER B 840 4.08 5.35 -2.37
C SER B 840 5.04 6.04 -1.41
N ASN B 841 6.32 5.69 -1.48
CA ASN B 841 7.32 6.17 -0.53
C ASN B 841 8.27 7.18 -1.13
N PHE B 842 8.16 7.48 -2.43
CA PHE B 842 9.27 8.09 -3.18
C PHE B 842 9.74 9.40 -2.56
N GLN B 843 8.85 10.13 -1.91
CA GLN B 843 9.19 11.50 -1.50
C GLN B 843 10.10 11.51 -0.28
N PHE B 844 10.07 10.47 0.54
CA PHE B 844 10.47 10.62 1.94
C PHE B 844 11.97 10.66 2.11
N ASP B 845 12.64 10.05 1.13
CA ASP B 845 14.09 10.02 1.11
C ASP B 845 14.65 11.41 1.14
N THR B 846 14.39 12.21 0.12
CA THR B 846 14.97 13.54 0.03
C THR B 846 14.11 14.73 0.43
N SER B 847 12.88 14.50 0.86
CA SER B 847 11.97 15.60 1.19
C SER B 847 12.32 16.49 2.35
N PHE B 848 12.85 15.92 3.42
CA PHE B 848 13.16 16.73 4.58
C PHE B 848 14.35 17.62 4.30
N MET B 849 15.08 17.35 3.23
CA MET B 849 16.17 18.23 2.85
C MET B 849 15.64 19.50 2.24
N TYR B 850 14.36 19.53 1.90
CA TYR B 850 13.75 20.75 1.39
C TYR B 850 13.58 21.62 2.60
N MET B 851 13.26 21.01 3.74
CA MET B 851 13.18 21.77 4.97
C MET B 851 14.57 22.22 5.42
N ILE B 852 15.57 21.34 5.30
CA ILE B 852 16.92 21.69 5.70
C ILE B 852 17.46 22.84 4.87
N ALA B 853 17.28 22.76 3.54
CA ALA B 853 17.74 23.84 2.68
C ALA B 853 16.93 25.11 2.89
N GLY B 854 15.64 24.97 3.20
CA GLY B 854 14.84 26.13 3.50
C GLY B 854 15.25 26.83 4.78
N LEU B 855 15.53 26.05 5.83
CA LEU B 855 15.97 26.63 7.10
C LEU B 855 17.31 27.34 6.94
N CYS B 856 18.22 26.78 6.15
CA CYS B 856 19.54 27.37 6.00
C CYS B 856 19.48 28.72 5.31
N MET B 857 18.53 28.91 4.39
CA MET B 857 18.39 30.21 3.73
C MET B 857 17.76 31.26 4.63
N LEU B 858 16.94 30.85 5.60
CA LEU B 858 16.42 31.80 6.58
C LEU B 858 17.51 32.22 7.55
N LYS B 859 18.38 31.28 7.93
CA LYS B 859 19.50 31.62 8.80
C LYS B 859 20.43 32.63 8.13
N LEU B 860 20.66 32.48 6.82
CA LEU B 860 21.46 33.46 6.09
C LEU B 860 20.82 34.83 6.12
N TYR B 861 19.52 34.89 5.81
CA TYR B 861 18.81 36.17 5.82
C TYR B 861 18.68 36.72 7.23
N GLN B 862 18.39 35.85 8.20
CA GLN B 862 18.22 36.30 9.58
C GLN B 862 19.52 36.86 10.15
N THR B 863 20.66 36.46 9.59
CA THR B 863 21.95 36.94 10.08
C THR B 863 22.06 38.45 9.95
N ARG B 864 21.66 38.99 8.79
CA ARG B 864 21.70 40.42 8.59
C ARG B 864 20.40 41.09 9.03
N HIS B 865 19.30 40.39 8.87
CA HIS B 865 18.01 40.92 9.22
C HIS B 865 17.42 40.11 10.34
N PRO B 866 17.87 40.36 11.61
CA PRO B 866 17.37 39.49 12.68
C PRO B 866 15.98 39.87 13.15
N ASP B 867 15.26 40.64 12.36
CA ASP B 867 13.94 41.09 12.74
C ASP B 867 12.83 40.25 12.12
N ILE B 868 13.18 39.17 11.43
CA ILE B 868 12.16 38.37 10.76
C ILE B 868 11.44 37.48 11.76
N ASN B 869 10.12 37.58 11.79
CA ASN B 869 9.33 36.80 12.75
C ASN B 869 9.37 35.29 12.61
N ALA B 870 9.26 34.76 11.39
CA ALA B 870 9.38 33.30 11.19
C ALA B 870 8.49 32.40 12.06
N SER B 871 7.17 32.47 11.89
CA SER B 871 6.25 31.63 12.66
C SER B 871 6.37 30.14 12.42
N ALA B 872 6.04 29.34 13.41
CA ALA B 872 6.06 27.89 13.25
C ALA B 872 5.07 27.43 12.20
N TYR B 873 3.95 28.13 12.09
CA TYR B 873 2.95 27.79 11.09
C TYR B 873 3.52 27.93 9.72
N SER B 874 4.32 28.97 9.49
CA SER B 874 4.84 29.21 8.18
C SER B 874 5.74 28.08 7.70
N ALA B 875 6.58 27.53 8.56
CA ALA B 875 7.40 26.39 8.18
C ALA B 875 6.56 25.17 7.85
N TYR B 876 5.59 24.87 8.69
CA TYR B 876 4.71 23.72 8.49
C TYR B 876 3.89 23.89 7.23
N ALA B 877 3.35 25.08 7.00
CA ALA B 877 2.57 25.37 5.82
C ALA B 877 3.38 25.30 4.54
N SER B 878 4.58 25.88 4.55
CA SER B 878 5.43 25.86 3.39
C SER B 878 5.85 24.47 3.03
N PHE B 879 6.17 23.67 4.04
CA PHE B 879 6.60 22.32 3.78
C PHE B 879 5.43 21.57 3.18
N ALA B 880 4.24 21.74 3.74
CA ALA B 880 3.08 21.00 3.25
C ALA B 880 2.79 21.36 1.80
N VAL B 881 2.87 22.65 1.46
CA VAL B 881 2.57 23.09 0.10
C VAL B 881 3.64 22.61 -0.86
N VAL B 882 4.91 22.70 -0.44
CA VAL B 882 6.01 22.26 -1.31
C VAL B 882 5.91 20.78 -1.60
N ILE B 883 5.60 19.98 -0.57
CA ILE B 883 5.39 18.55 -0.78
C ILE B 883 4.13 18.30 -1.60
N MET B 884 3.10 19.12 -1.41
CA MET B 884 1.89 18.98 -2.21
C MET B 884 2.20 19.17 -3.69
N VAL B 885 3.03 20.17 -4.01
CA VAL B 885 3.48 20.35 -5.39
C VAL B 885 4.31 19.17 -5.85
N THR B 886 5.19 18.66 -4.97
CA THR B 886 6.09 17.57 -5.34
C THR B 886 5.31 16.30 -5.66
N VAL B 887 4.41 15.89 -4.77
CA VAL B 887 3.68 14.64 -4.98
C VAL B 887 2.72 14.77 -6.14
N LEU B 888 2.04 15.90 -6.26
CA LEU B 888 1.10 16.11 -7.36
C LEU B 888 1.83 16.09 -8.71
N GLY B 889 3.01 16.69 -8.77
CA GLY B 889 3.75 16.73 -10.01
C GLY B 889 4.23 15.37 -10.47
N VAL B 890 4.61 14.51 -9.52
CA VAL B 890 5.08 13.17 -9.88
C VAL B 890 3.92 12.32 -10.36
N VAL B 891 2.78 12.37 -9.65
CA VAL B 891 1.69 11.44 -9.95
C VAL B 891 0.95 11.84 -11.21
N PHE B 892 0.55 13.12 -11.31
CA PHE B 892 -0.29 13.56 -12.41
C PHE B 892 0.44 14.36 -13.48
N GLY B 893 1.65 14.83 -13.20
CA GLY B 893 2.43 15.56 -14.18
C GLY B 893 3.69 14.81 -14.57
N LYS B 894 3.55 13.51 -14.81
CA LYS B 894 4.72 12.64 -14.99
C LYS B 894 5.64 13.17 -16.10
N ASN B 895 5.09 13.43 -17.28
CA ASN B 895 5.88 13.94 -18.39
C ASN B 895 5.13 14.95 -19.23
N ASP B 896 3.95 15.39 -18.80
CA ASP B 896 3.11 16.26 -19.62
C ASP B 896 3.83 17.57 -19.93
N VAL B 897 3.77 17.98 -21.20
CA VAL B 897 4.32 19.26 -21.60
C VAL B 897 3.56 20.41 -20.94
N TRP B 898 2.30 20.16 -20.59
CA TRP B 898 1.51 21.19 -19.92
C TRP B 898 2.04 21.47 -18.51
N PHE B 899 2.16 20.42 -17.69
CA PHE B 899 2.53 20.61 -16.29
C PHE B 899 3.89 21.29 -16.16
N TRP B 900 4.86 20.89 -16.98
CA TRP B 900 6.19 21.48 -16.88
C TRP B 900 6.19 22.93 -17.36
N VAL B 901 5.24 23.29 -18.22
CA VAL B 901 5.13 24.68 -18.66
C VAL B 901 4.60 25.55 -17.53
N ILE B 902 3.56 25.11 -16.83
CA ILE B 902 3.06 25.88 -15.69
C ILE B 902 4.11 25.96 -14.58
N PHE B 903 4.73 24.82 -14.25
CA PHE B 903 5.70 24.81 -13.15
C PHE B 903 6.87 25.72 -13.44
N SER B 904 7.32 25.77 -14.70
CA SER B 904 8.41 26.67 -15.06
C SER B 904 7.99 28.13 -14.85
N ALA B 905 6.69 28.42 -14.96
CA ALA B 905 6.22 29.77 -14.70
C ALA B 905 6.33 30.13 -13.23
N ILE B 906 5.90 29.23 -12.33
CA ILE B 906 6.09 29.45 -10.90
C ILE B 906 7.58 29.50 -10.56
N HIS B 907 8.37 28.56 -11.05
CA HIS B 907 9.78 28.52 -10.69
C HIS B 907 10.49 29.83 -11.02
N VAL B 908 10.36 30.32 -12.24
CA VAL B 908 10.97 31.58 -12.63
C VAL B 908 10.44 32.78 -11.84
N LEU B 909 9.12 32.85 -11.64
CA LEU B 909 8.53 33.94 -10.89
C LEU B 909 8.95 33.93 -9.43
N ALA B 910 9.04 32.75 -8.84
CA ALA B 910 9.49 32.64 -7.46
C ALA B 910 10.91 33.12 -7.37
N SER B 911 11.73 32.76 -8.34
CA SER B 911 13.12 33.19 -8.36
C SER B 911 13.24 34.70 -8.48
N LEU B 912 12.42 35.30 -9.32
CA LEU B 912 12.44 36.74 -9.47
C LEU B 912 12.07 37.43 -8.17
N ALA B 913 11.02 36.94 -7.53
CA ALA B 913 10.59 37.55 -6.28
C ALA B 913 11.63 37.39 -5.19
N LEU B 914 12.20 36.21 -5.06
CA LEU B 914 13.17 35.96 -4.02
C LEU B 914 14.39 36.78 -4.23
N SER B 915 14.83 36.89 -5.46
CA SER B 915 16.05 37.62 -5.74
C SER B 915 15.94 39.05 -5.33
N THR B 916 14.78 39.66 -5.57
CA THR B 916 14.58 41.03 -5.19
C THR B 916 14.60 41.22 -3.67
N GLN B 917 14.21 40.20 -2.92
CA GLN B 917 14.22 40.32 -1.46
C GLN B 917 15.62 40.10 -0.89
N ILE B 918 16.31 39.07 -1.36
CA ILE B 918 17.61 38.73 -0.77
C ILE B 918 18.73 39.54 -1.42
N TYR B 919 18.48 40.08 -2.61
CA TYR B 919 19.38 41.06 -3.20
C TYR B 919 18.63 42.34 -3.54
N ASP B 953 28.96 43.75 -7.05
CA ASP B 953 27.76 44.48 -7.44
C ASP B 953 26.53 43.63 -7.21
N ARG B 954 25.65 44.09 -6.34
CA ARG B 954 24.47 43.31 -5.98
C ARG B 954 23.59 43.07 -7.20
N MET B 955 23.48 44.07 -8.10
CA MET B 955 22.68 43.90 -9.32
C MET B 955 23.20 42.81 -10.25
N VAL B 956 24.51 42.76 -10.45
CA VAL B 956 25.09 41.72 -11.30
C VAL B 956 24.85 40.35 -10.68
N LEU B 957 24.98 40.27 -9.36
CA LEU B 957 24.74 39.01 -8.67
C LEU B 957 23.30 38.56 -8.82
N LEU B 958 22.37 39.50 -8.75
CA LEU B 958 20.96 39.16 -8.91
C LEU B 958 20.74 38.61 -10.31
N VAL B 959 21.38 39.20 -11.31
CA VAL B 959 21.25 38.70 -12.67
C VAL B 959 21.79 37.29 -12.77
N VAL B 960 22.96 37.04 -12.20
CA VAL B 960 23.53 35.71 -12.23
C VAL B 960 22.60 34.79 -11.47
N GLY B 961 22.07 35.24 -10.34
CA GLY B 961 21.21 34.40 -9.53
C GLY B 961 19.97 33.94 -10.25
N ASN B 962 19.25 34.87 -10.87
CA ASN B 962 18.06 34.53 -11.66
C ASN B 962 18.39 33.66 -12.84
N LEU B 963 19.50 33.93 -13.51
CA LEU B 963 19.88 33.18 -14.70
C LEU B 963 20.10 31.71 -14.41
N VAL B 964 20.70 31.38 -13.27
CA VAL B 964 20.87 29.98 -12.91
C VAL B 964 19.52 29.30 -12.72
N ASN B 965 18.59 29.97 -12.07
CA ASN B 965 17.26 29.42 -11.91
C ASN B 965 16.53 29.29 -13.23
N TRP B 966 16.67 30.27 -14.11
CA TRP B 966 16.06 30.20 -15.43
C TRP B 966 16.66 29.07 -16.24
N SER B 967 17.96 28.88 -16.13
CA SER B 967 18.61 27.76 -16.81
C SER B 967 18.11 26.43 -16.30
N PHE B 968 17.92 26.31 -15.00
CA PHE B 968 17.39 25.09 -14.45
C PHE B 968 15.98 24.84 -14.91
N ALA B 969 15.16 25.88 -14.97
CA ALA B 969 13.79 25.76 -15.45
C ALA B 969 13.80 25.31 -16.90
N LEU B 970 14.73 25.87 -17.69
CA LEU B 970 14.85 25.45 -19.07
C LEU B 970 15.26 23.99 -19.21
N PHE B 971 16.17 23.53 -18.38
CA PHE B 971 16.57 22.14 -18.43
C PHE B 971 15.38 21.28 -18.13
N GLY B 972 14.61 21.64 -17.12
CA GLY B 972 13.46 20.87 -16.76
C GLY B 972 12.40 20.86 -17.84
N LEU B 973 12.16 22.02 -18.46
CA LEU B 973 11.17 22.09 -19.52
C LEU B 973 11.57 21.28 -20.73
N ILE B 974 12.81 21.42 -21.15
CA ILE B 974 13.31 20.65 -22.28
C ILE B 974 13.42 19.16 -21.98
N TYR B 975 13.90 18.82 -20.79
CA TYR B 975 14.13 17.41 -20.47
C TYR B 975 13.00 16.69 -19.76
N ARG B 976 12.13 17.42 -19.08
CA ARG B 976 11.00 16.80 -18.40
C ARG B 976 11.28 15.56 -17.53
N PRO B 977 12.28 15.63 -16.61
CA PRO B 977 12.60 14.51 -15.72
C PRO B 977 11.38 13.80 -15.07
N ARG B 978 11.36 12.49 -15.02
CA ARG B 978 10.26 11.79 -14.38
C ARG B 978 10.36 11.87 -12.85
N ASP B 979 11.57 11.97 -12.33
CA ASP B 979 11.78 12.11 -10.89
C ASP B 979 11.69 13.58 -10.52
N PHE B 980 10.47 14.06 -10.27
CA PHE B 980 10.28 15.45 -9.87
C PHE B 980 10.78 15.69 -8.46
N ALA B 981 10.81 14.64 -7.62
CA ALA B 981 11.31 14.80 -6.27
C ALA B 981 12.79 15.16 -6.27
N SER B 982 13.57 14.51 -7.14
CA SER B 982 14.99 14.83 -7.24
C SER B 982 15.21 16.15 -7.94
N TYR B 983 14.39 16.46 -8.94
CA TYR B 983 14.46 17.76 -9.59
C TYR B 983 14.11 18.88 -8.61
N MET B 984 13.07 18.69 -7.81
CA MET B 984 12.72 19.66 -6.78
C MET B 984 13.84 19.82 -5.77
N LEU B 985 14.56 18.73 -5.50
CA LEU B 985 15.68 18.80 -4.54
C LEU B 985 16.81 19.65 -5.09
N GLY B 986 17.11 19.54 -6.38
CA GLY B 986 18.18 20.33 -6.96
C GLY B 986 17.84 21.82 -7.00
N ILE B 987 16.55 22.14 -6.97
CA ILE B 987 16.14 23.55 -6.92
C ILE B 987 16.50 24.15 -5.57
N PHE B 988 16.31 23.38 -4.49
CA PHE B 988 16.63 23.88 -3.16
C PHE B 988 18.14 23.89 -2.93
N ILE B 989 18.86 22.89 -3.42
CA ILE B 989 20.31 22.86 -3.30
C ILE B 989 20.97 24.01 -4.07
N CYS B 990 20.52 24.29 -5.28
CA CYS B 990 21.09 25.36 -6.06
C CYS B 990 20.92 26.67 -5.38
N ASN B 991 19.73 26.94 -4.85
CA ASN B 991 19.45 28.24 -4.27
C ASN B 991 20.13 28.39 -2.95
N LEU B 992 20.33 27.28 -2.27
CA LEU B 992 21.09 27.32 -1.03
C LEU B 992 22.56 27.63 -1.30
N LEU B 993 23.12 27.03 -2.35
CA LEU B 993 24.53 27.28 -2.67
C LEU B 993 24.70 28.63 -3.35
N LEU B 994 23.69 29.11 -4.06
CA LEU B 994 23.77 30.43 -4.66
C LEU B 994 23.73 31.53 -3.61
N TYR B 995 22.79 31.44 -2.67
CA TYR B 995 22.73 32.42 -1.59
C TYR B 995 23.96 32.34 -0.71
N LEU B 996 24.46 31.13 -0.47
CA LEU B 996 25.71 30.98 0.27
C LEU B 996 26.87 31.62 -0.47
N ALA B 997 26.94 31.43 -1.79
CA ALA B 997 28.01 32.03 -2.57
C ALA B 997 27.86 33.55 -2.65
N PHE B 998 26.61 34.03 -2.71
CA PHE B 998 26.37 35.46 -2.70
C PHE B 998 26.82 36.08 -1.37
N TYR B 999 26.56 35.39 -0.26
CA TYR B 999 26.98 35.89 1.04
C TYR B 999 28.49 35.99 1.14
N ILE B 1000 29.21 34.99 0.62
CA ILE B 1000 30.67 35.02 0.65
C ILE B 1000 31.21 36.15 -0.22
N ILE B 1001 30.64 36.30 -1.42
CA ILE B 1001 31.10 37.37 -2.32
C ILE B 1001 30.82 38.73 -1.71
N MET B 1002 29.63 38.92 -1.15
CA MET B 1002 29.31 40.17 -0.46
C MET B 1002 30.23 40.39 0.74
N LYS B 1003 30.60 39.30 1.42
CA LYS B 1003 31.53 39.42 2.54
C LYS B 1003 32.89 39.92 2.07
N LEU B 1004 33.36 39.42 0.92
CA LEU B 1004 34.67 39.82 0.42
C LEU B 1004 34.66 41.26 -0.09
N ARG B 1005 33.62 41.64 -0.82
CA ARG B 1005 33.53 43.01 -1.33
C ARG B 1005 33.45 44.03 -0.19
N SER B 1006 32.83 43.64 0.92
CA SER B 1006 32.75 44.52 2.09
C SER B 1006 34.02 44.49 2.93
N SER B 1007 35.08 43.85 2.44
CA SER B 1007 36.35 43.73 3.18
C SER B 1007 36.26 42.92 4.45
N GLU B 1008 35.13 42.26 4.69
CA GLU B 1008 35.03 41.38 5.85
C GLU B 1008 35.85 40.14 5.58
N LYS B 1009 36.55 39.63 6.59
CA LYS B 1009 37.42 38.48 6.42
C LYS B 1009 36.76 37.14 6.49
N VAL B 1010 37.35 36.13 5.87
CA VAL B 1010 36.84 34.79 6.06
C VAL B 1010 37.93 34.13 6.89
N LEU B 1011 37.62 33.68 8.08
CA LEU B 1011 38.63 33.14 8.96
C LEU B 1011 39.02 31.70 8.56
N PRO B 1012 40.11 31.12 9.11
CA PRO B 1012 40.47 29.78 8.61
C PRO B 1012 39.42 28.72 8.87
N VAL B 1013 38.80 28.71 10.06
CA VAL B 1013 37.79 27.68 10.36
C VAL B 1013 36.57 27.83 9.46
N PRO B 1014 35.97 29.02 9.29
CA PRO B 1014 34.89 29.14 8.30
C PRO B 1014 35.34 28.81 6.88
N LEU B 1015 36.55 29.22 6.52
CA LEU B 1015 37.01 29.06 5.14
C LEU B 1015 37.22 27.59 4.78
N PHE B 1016 37.74 26.80 5.73
CA PHE B 1016 37.87 25.37 5.50
C PHE B 1016 36.51 24.73 5.27
N CYS B 1017 35.50 25.17 6.03
CA CYS B 1017 34.17 24.60 5.89
C CYS B 1017 33.57 24.91 4.52
N ILE B 1018 33.95 26.06 3.94
CA ILE B 1018 33.49 26.38 2.59
C ILE B 1018 34.08 25.39 1.58
N VAL B 1019 35.38 25.11 1.70
CA VAL B 1019 36.02 24.16 0.80
C VAL B 1019 35.43 22.78 0.99
N ALA B 1020 35.27 22.37 2.25
CA ALA B 1020 34.70 21.05 2.54
C ALA B 1020 33.25 20.95 2.05
N THR B 1021 32.47 22.02 2.22
CA THR B 1021 31.10 22.01 1.75
C THR B 1021 31.02 21.88 0.24
N ALA B 1022 31.87 22.62 -0.48
CA ALA B 1022 31.87 22.54 -1.93
C ALA B 1022 32.36 21.17 -2.42
N VAL B 1023 33.42 20.64 -1.81
CA VAL B 1023 33.95 19.35 -2.23
C VAL B 1023 32.95 18.25 -1.93
N MET B 1024 32.35 18.27 -0.74
CA MET B 1024 31.40 17.22 -0.38
C MET B 1024 30.13 17.31 -1.22
N TRP B 1025 29.71 18.52 -1.59
CA TRP B 1025 28.50 18.65 -2.41
C TRP B 1025 28.75 18.13 -3.82
N ALA B 1026 29.93 18.41 -4.38
CA ALA B 1026 30.27 17.84 -5.67
C ALA B 1026 30.35 16.33 -5.62
N ALA B 1027 30.95 15.78 -4.56
CA ALA B 1027 31.07 14.34 -4.42
C ALA B 1027 29.72 13.70 -4.14
N ALA B 1028 28.92 14.29 -3.25
CA ALA B 1028 27.62 13.72 -2.91
C ALA B 1028 26.69 13.71 -4.11
N LEU B 1029 26.70 14.78 -4.91
CA LEU B 1029 25.81 14.88 -6.06
C LEU B 1029 26.13 13.81 -7.09
N TYR B 1030 27.42 13.46 -7.24
CA TYR B 1030 27.79 12.43 -8.19
C TYR B 1030 27.18 11.09 -7.83
N PHE B 1031 27.22 10.73 -6.55
CA PHE B 1031 26.62 9.46 -6.11
C PHE B 1031 25.10 9.56 -6.10
N PHE B 1032 24.56 10.78 -6.09
CA PHE B 1032 23.13 10.96 -6.21
C PHE B 1032 22.65 10.68 -7.63
N PHE B 1033 23.49 10.97 -8.62
CA PHE B 1033 23.11 10.79 -10.01
C PHE B 1033 23.27 9.35 -10.49
N GLN B 1034 23.84 8.47 -9.67
CA GLN B 1034 23.93 7.05 -10.00
C GLN B 1034 22.64 6.37 -9.56
N ASN B 1035 21.73 6.14 -10.51
CA ASN B 1035 20.42 5.57 -10.22
C ASN B 1035 20.56 4.05 -10.21
N LEU B 1036 20.42 3.47 -9.02
CA LEU B 1036 20.56 2.02 -8.89
C LEU B 1036 19.20 1.33 -8.86
N SER B 1037 18.13 2.12 -8.78
CA SER B 1037 16.76 1.61 -8.83
C SER B 1037 15.84 2.77 -9.19
N SER B 1038 14.76 2.45 -9.90
CA SER B 1038 13.85 3.47 -10.43
C SER B 1038 12.42 3.10 -10.10
N TRP B 1039 11.81 3.82 -9.15
CA TRP B 1039 10.43 3.56 -8.80
C TRP B 1039 9.46 4.08 -9.86
N GLU B 1040 9.93 4.90 -10.80
CA GLU B 1040 9.04 5.43 -11.82
C GLU B 1040 8.70 4.39 -12.87
N GLY B 1041 9.59 3.42 -13.09
CA GLY B 1041 9.34 2.35 -14.02
C GLY B 1041 8.74 1.12 -13.35
N THR B 1042 8.69 0.04 -14.12
CA THR B 1042 8.25 -1.25 -13.62
C THR B 1042 9.32 -1.88 -12.74
N PRO B 1043 8.93 -2.82 -11.86
CA PRO B 1043 9.96 -3.47 -11.02
C PRO B 1043 11.04 -4.17 -11.83
N ALA B 1044 10.69 -4.78 -12.96
CA ALA B 1044 11.69 -5.39 -13.82
C ALA B 1044 12.60 -4.33 -14.45
N GLU B 1045 12.09 -3.16 -14.78
CA GLU B 1045 12.95 -2.11 -15.32
C GLU B 1045 13.92 -1.50 -14.33
N SER B 1046 13.52 -1.40 -13.07
CA SER B 1046 14.40 -0.89 -12.03
C SER B 1046 15.54 -1.81 -11.81
N ARG B 1047 15.27 -3.12 -11.83
CA ARG B 1047 16.28 -4.10 -11.60
C ARG B 1047 17.33 -4.10 -12.67
N GLU B 1048 17.12 -3.48 -13.81
CA GLU B 1048 18.20 -3.44 -14.78
C GLU B 1048 19.23 -2.43 -14.34
N LYS B 1049 18.88 -1.59 -13.37
CA LYS B 1049 19.78 -0.54 -12.93
C LYS B 1049 20.57 -0.97 -11.75
N ASN B 1050 20.21 -2.10 -11.16
CA ASN B 1050 20.86 -2.58 -9.95
C ASN B 1050 22.33 -2.83 -10.22
N ARG B 1051 23.17 -2.48 -9.25
CA ARG B 1051 24.62 -2.67 -9.37
C ARG B 1051 25.15 -3.37 -8.13
N GLU B 1052 26.26 -4.09 -8.30
CA GLU B 1052 26.96 -4.56 -7.12
C GLU B 1052 27.56 -3.38 -6.37
N CYS B 1053 27.55 -3.48 -5.04
CA CYS B 1053 27.81 -2.32 -4.20
C CYS B 1053 29.30 -2.04 -3.99
N ILE B 1054 29.62 -0.77 -3.78
CA ILE B 1054 30.95 -0.27 -4.10
C ILE B 1054 31.90 -0.37 -2.90
N LEU B 1055 31.41 -0.09 -1.69
CA LEU B 1055 32.27 0.12 -0.53
C LEU B 1055 32.09 -1.01 0.47
N LEU B 1056 33.21 -1.64 0.84
CA LEU B 1056 33.27 -2.68 1.89
C LEU B 1056 32.39 -3.88 1.59
N ASP B 1057 31.98 -4.05 0.33
CA ASP B 1057 31.05 -5.08 -0.10
C ASP B 1057 29.70 -4.99 0.62
N PHE B 1058 29.38 -3.81 1.14
CA PHE B 1058 28.15 -3.63 1.91
C PHE B 1058 27.34 -2.44 1.40
N PHE B 1059 28.02 -1.38 0.94
CA PHE B 1059 27.38 -0.12 0.61
C PHE B 1059 27.47 0.16 -0.88
N ASP B 1060 26.34 0.55 -1.48
CA ASP B 1060 26.28 0.88 -2.89
C ASP B 1060 26.38 2.40 -3.08
N ASP B 1061 26.15 2.84 -4.32
CA ASP B 1061 26.27 4.26 -4.65
C ASP B 1061 25.27 5.10 -3.88
N HIS B 1062 24.06 4.59 -3.67
CA HIS B 1062 23.05 5.32 -2.91
C HIS B 1062 23.39 5.38 -1.44
N ASP B 1063 24.06 4.36 -0.93
CA ASP B 1063 24.52 4.41 0.46
C ASP B 1063 25.60 5.46 0.64
N ILE B 1064 26.47 5.62 -0.35
CA ILE B 1064 27.52 6.64 -0.26
C ILE B 1064 26.91 8.04 -0.33
N TRP B 1065 25.82 8.18 -1.09
CA TRP B 1065 25.10 9.44 -1.11
C TRP B 1065 24.51 9.78 0.25
N HIS B 1066 24.13 8.80 1.06
CA HIS B 1066 23.65 9.08 2.39
C HIS B 1066 24.76 9.49 3.32
N PHE B 1067 25.94 8.91 3.15
CA PHE B 1067 27.07 9.35 3.95
C PHE B 1067 27.51 10.76 3.56
N LEU B 1068 27.50 11.06 2.27
CA LEU B 1068 28.08 12.32 1.79
C LEU B 1068 27.07 13.46 1.84
N SER B 1069 25.78 13.15 1.74
CA SER B 1069 24.77 14.21 1.88
C SER B 1069 24.72 14.72 3.31
N ALA B 1070 24.89 13.83 4.28
CA ALA B 1070 24.94 14.25 5.68
C ALA B 1070 26.18 15.08 5.95
N THR B 1071 27.32 14.67 5.39
CA THR B 1071 28.56 15.41 5.62
C THR B 1071 28.54 16.76 4.91
N ALA B 1072 27.94 16.82 3.72
CA ALA B 1072 27.80 18.10 3.04
C ALA B 1072 26.83 19.01 3.77
N LEU B 1073 25.75 18.45 4.30
CA LEU B 1073 24.79 19.25 5.06
C LEU B 1073 25.37 19.66 6.40
N PHE B 1074 26.16 18.79 7.02
CA PHE B 1074 26.81 19.14 8.28
C PHE B 1074 27.79 20.30 8.08
N PHE B 1075 28.59 20.26 7.02
CA PHE B 1075 29.57 21.31 6.80
C PHE B 1075 28.90 22.59 6.31
N SER B 1076 27.73 22.47 5.68
CA SER B 1076 26.97 23.66 5.33
C SER B 1076 26.47 24.38 6.57
N PHE B 1077 26.07 23.62 7.59
CA PHE B 1077 25.66 24.22 8.85
C PHE B 1077 26.81 24.98 9.50
N LEU B 1078 28.02 24.42 9.40
CA LEU B 1078 29.17 25.05 10.04
C LEU B 1078 29.56 26.34 9.34
N VAL B 1079 29.34 26.42 8.03
CA VAL B 1079 29.61 27.67 7.31
C VAL B 1079 28.71 28.77 7.82
N LEU B 1080 27.41 28.49 7.95
CA LEU B 1080 26.49 29.48 8.48
C LEU B 1080 26.84 29.84 9.92
N LEU B 1081 27.27 28.85 10.71
CA LEU B 1081 27.52 29.09 12.13
C LEU B 1081 28.74 29.96 12.35
N THR B 1082 29.77 29.79 11.52
CA THR B 1082 31.07 30.38 11.79
C THR B 1082 31.47 31.52 10.85
N LEU B 1083 30.75 31.71 9.73
CA LEU B 1083 31.24 32.60 8.68
C LEU B 1083 31.48 34.02 9.20
N ASP B 1084 30.53 34.57 9.96
CA ASP B 1084 30.62 35.93 10.45
C ASP B 1084 31.28 36.02 11.82
N ASP B 1085 32.15 35.07 12.15
CA ASP B 1085 32.90 35.11 13.41
C ASP B 1085 33.98 36.15 13.37
N ASP B 1086 34.34 36.63 12.19
CA ASP B 1086 35.31 37.71 12.07
C ASP B 1086 34.74 38.99 12.65
N LEU B 1087 33.45 39.20 12.49
CA LEU B 1087 32.82 40.43 12.91
C LEU B 1087 32.69 40.58 14.38
N ASP B 1088 32.94 39.52 15.12
CA ASP B 1088 32.84 39.55 16.57
C ASP B 1088 33.63 40.69 17.18
N VAL B 1089 34.65 41.17 16.49
CA VAL B 1089 35.47 42.30 16.95
C VAL B 1089 34.87 43.61 16.45
N VAL B 1090 34.21 43.59 15.30
CA VAL B 1090 33.65 44.80 14.68
C VAL B 1090 32.34 45.21 15.33
N ARG B 1091 32.12 46.51 15.50
CA ARG B 1091 30.92 47.00 16.17
C ARG B 1091 29.69 46.77 15.34
N ARG B 1092 28.58 46.41 15.99
CA ARG B 1092 27.36 46.10 15.29
C ARG B 1092 26.93 47.28 14.47
N ASP B 1093 27.22 48.47 14.96
CA ASP B 1093 26.84 49.68 14.25
C ASP B 1093 27.56 49.71 12.93
N GLN B 1094 28.83 49.40 12.95
CA GLN B 1094 29.63 49.37 11.74
C GLN B 1094 29.22 48.27 10.80
N ILE B 1095 28.85 47.12 11.33
CA ILE B 1095 28.51 45.96 10.51
C ILE B 1095 27.48 46.22 9.38
N PRO B 1096 27.86 45.97 8.08
CA PRO B 1096 26.90 46.30 7.02
C PRO B 1096 25.76 45.30 6.97
N VAL B 1097 24.75 45.56 6.15
CA VAL B 1097 23.64 44.63 6.00
C VAL B 1097 23.40 44.39 4.52
N PHE B 1098 23.42 43.12 4.12
CA PHE B 1098 23.07 42.76 2.76
C PHE B 1098 22.19 41.51 2.75
#